data_3ZED
#
_entry.id   3ZED
#
_cell.length_a   118.270
_cell.length_b   341.870
_cell.length_c   59.700
_cell.angle_alpha   90.00
_cell.angle_beta   90.00
_cell.angle_gamma   90.00
#
_symmetry.space_group_name_H-M   'P 21 21 2'
#
loop_
_entity.id
_entity.type
_entity.pdbx_description
1 polymer 'RNA-DIRECTED RNA POLYMERASE'
2 polymer 'CAPSID PROTEIN VP3'
3 non-polymer GLYCEROL
4 non-polymer 'POTASSIUM ION'
5 water water
#
loop_
_entity_poly.entity_id
_entity_poly.type
_entity_poly.pdbx_seq_one_letter_code
_entity_poly.pdbx_strand_id
1 'polypeptide(L)'
;MSDIFNSPQNKASILTALMKSTTGDVEDVLIPKRFRPAKDPLDSPQAAAQFLKDNKYRILRPRAIPTMVELETDAALPRL
RQMVEDGKLKDTVSVPEGTTAFYPKYYPFHKPDHDEVGTFGAPDITLLKQLTFFLLENDFPTGPETLRQVREAIATLQYG
SGSYSGQLNRLLAMKGVATGRNPNKTPKTVGYTNEQLAKLLEQTLPINTPKHEDPDLRWAPSWLINYTGDLSTDKSYLPH
VTIKSSAGLPYIGKTKGDTTAEALVLADSFIRDLGRAATSADPEAGVKKTITDFWYLSCGLLFPKGERYTQVDWDKKTRN
IWSAPYPTHLLLSMVSTPVMNESKLNITNTQTPSLYGFSPFHGGMDRIMTIIRDSLDNDEDLVMIYADNIYILQDNTWYS
IDLEKGEANCTPQHMQAMMYYLLTRGWTNEDGSPRYNPTWATFAMNVAPSMVVDSSCLLMNLQLKTYGQGSGNAFTFLNN
HLMSTIVVAEWVKAGKPNPMTKEFMDLEEKTGINFKIERELKNLRETIVEAVETAPQDGYLADGSDLPPIRPGKAVELDL
LGWSAIYSRQMEMFVPVLENERLIASAAYPKGLENKALARKPGAEIAYQIVRYEAIRLVGGWNNPLLETAAKHMSLDKRK
RLEVKGIDVTGFLDDWNNMSEFGGDLEGITLSEPLTNQTLVDINTPLDSFDPKARPQTPRSPKKTLDEVTTAITSGTYKD
PKSAVWRLLDQRTKLRVSTLRDQALALKPASSSVDNWAEATEELAQQQQLLMKANNLLKSSLTETREALETIQSDKIIAG
KSNPEKNPGTAANPVVGYGEFSEKIPLTPTQKKNAKRREKQRRNQVEHHHHHH
;
A,B,C
2 'polypeptide(L)'
;GPTASGMDAELQGLLQATMARAKEVKDAEVFKLLKLMSWTRKNDLTDHMYEWSKEDPDAIKFGRLVSTPPKHQEKPKGPD
QHTAQEAKATRISLDAVKAGADFASPEWIAENNYRGPSPGQFKYYMITGRVPNPGEEYEDYVRKPITRPTDMDKIRRLAN
SVYGLPHQEPAPDDFYQAVVEVFAENGGRGPDQDQMQDLRDLARQMKRRPRPAETRRQTKTPPRAATSSGSRFTPSGDDG
EV
;
D,E,F
#
loop_
_chem_comp.id
_chem_comp.type
_chem_comp.name
_chem_comp.formula
GOL non-polymer GLYCEROL 'C3 H8 O3'
K non-polymer 'POTASSIUM ION' 'K 1'
#
# COMPACT_ATOMS: atom_id res chain seq x y z
N GLU A 27 -4.43 -62.74 -34.07
CA GLU A 27 -5.44 -63.31 -34.96
C GLU A 27 -6.37 -62.24 -35.51
N ASP A 28 -7.03 -62.59 -36.61
CA ASP A 28 -7.97 -61.74 -37.32
C ASP A 28 -9.26 -61.61 -36.53
N VAL A 29 -9.49 -62.52 -35.56
CA VAL A 29 -10.70 -62.52 -34.75
C VAL A 29 -10.42 -61.93 -33.36
N LEU A 30 -9.27 -62.28 -32.74
CA LEU A 30 -8.90 -61.73 -31.43
C LEU A 30 -8.78 -60.21 -31.52
N ILE A 31 -8.08 -59.72 -32.54
CA ILE A 31 -7.85 -58.29 -32.72
C ILE A 31 -9.05 -57.65 -33.41
N PRO A 32 -9.74 -56.70 -32.73
CA PRO A 32 -10.87 -56.00 -33.39
C PRO A 32 -10.36 -55.16 -34.55
N LYS A 33 -11.23 -54.88 -35.54
CA LYS A 33 -10.84 -54.06 -36.69
C LYS A 33 -10.64 -52.60 -36.26
N ARG A 34 -9.64 -51.91 -36.86
CA ARG A 34 -9.38 -50.48 -36.61
C ARG A 34 -10.62 -49.70 -36.96
N PHE A 35 -10.91 -48.67 -36.18
CA PHE A 35 -12.05 -47.83 -36.46
C PHE A 35 -11.64 -46.84 -37.52
N ARG A 36 -12.46 -46.76 -38.59
CA ARG A 36 -12.29 -45.80 -39.68
C ARG A 36 -13.45 -44.83 -39.58
N PRO A 37 -13.22 -43.59 -39.09
CA PRO A 37 -14.33 -42.62 -39.01
C PRO A 37 -14.98 -42.41 -40.39
N ALA A 38 -16.29 -42.21 -40.43
CA ALA A 38 -17.05 -41.99 -41.66
C ALA A 38 -16.69 -40.62 -42.23
N LYS A 39 -17.00 -40.40 -43.52
CA LYS A 39 -16.79 -39.10 -44.14
C LYS A 39 -17.63 -38.09 -43.38
N ASP A 40 -17.08 -36.89 -43.11
CA ASP A 40 -17.78 -35.87 -42.35
C ASP A 40 -18.49 -34.89 -43.30
N PRO A 41 -19.85 -34.93 -43.38
CA PRO A 41 -20.55 -34.00 -44.31
C PRO A 41 -20.55 -32.54 -43.84
N LEU A 42 -20.13 -32.27 -42.58
CA LEU A 42 -20.14 -30.90 -42.09
C LEU A 42 -18.71 -30.32 -42.01
N ASP A 43 -17.77 -30.87 -42.80
CA ASP A 43 -16.37 -30.46 -42.78
C ASP A 43 -16.07 -29.23 -43.71
N SER A 44 -17.07 -28.40 -44.03
CA SER A 44 -16.91 -27.19 -44.83
C SER A 44 -17.67 -26.04 -44.17
N PRO A 45 -17.21 -24.76 -44.29
CA PRO A 45 -17.93 -23.64 -43.65
C PRO A 45 -19.40 -23.53 -44.04
N GLN A 46 -19.73 -23.83 -45.31
CA GLN A 46 -21.09 -23.75 -45.85
C GLN A 46 -22.02 -24.78 -45.17
N ALA A 47 -21.60 -26.06 -45.14
CA ALA A 47 -22.36 -27.16 -44.52
C ALA A 47 -22.46 -26.93 -42.99
N ALA A 48 -21.36 -26.47 -42.36
CA ALA A 48 -21.35 -26.18 -40.92
C ALA A 48 -22.29 -25.02 -40.57
N ALA A 49 -22.25 -23.91 -41.34
CA ALA A 49 -23.12 -22.75 -41.10
C ALA A 49 -24.61 -23.11 -41.29
N GLN A 50 -24.93 -23.85 -42.36
CA GLN A 50 -26.29 -24.31 -42.68
C GLN A 50 -26.85 -25.17 -41.53
N PHE A 51 -26.02 -26.10 -41.01
CA PHE A 51 -26.37 -27.02 -39.94
C PHE A 51 -26.74 -26.23 -38.68
N LEU A 52 -25.87 -25.27 -38.30
CA LEU A 52 -26.09 -24.42 -37.12
C LEU A 52 -27.33 -23.54 -37.30
N LYS A 53 -27.55 -23.04 -38.53
CA LYS A 53 -28.73 -22.24 -38.87
C LYS A 53 -30.00 -23.12 -38.72
N ASP A 54 -30.00 -24.33 -39.29
CA ASP A 54 -31.12 -25.29 -39.21
C ASP A 54 -31.43 -25.66 -37.76
N ASN A 55 -30.43 -25.55 -36.87
CA ASN A 55 -30.61 -25.89 -35.45
C ASN A 55 -30.71 -24.65 -34.56
N LYS A 56 -30.85 -23.45 -35.18
CA LYS A 56 -31.08 -22.16 -34.51
C LYS A 56 -29.92 -21.78 -33.58
N TYR A 57 -28.69 -22.12 -33.98
CA TYR A 57 -27.51 -21.78 -33.20
C TYR A 57 -27.00 -20.42 -33.67
N ARG A 58 -26.73 -19.52 -32.72
CA ARG A 58 -26.29 -18.17 -33.07
C ARG A 58 -24.87 -18.11 -33.69
N ILE A 59 -24.81 -17.57 -34.91
CA ILE A 59 -23.62 -17.27 -35.71
C ILE A 59 -23.45 -15.74 -35.67
N LEU A 60 -22.30 -15.26 -35.22
CA LEU A 60 -22.08 -13.80 -35.13
C LEU A 60 -21.72 -13.23 -36.49
N ARG A 61 -21.95 -11.92 -36.67
CA ARG A 61 -21.49 -11.20 -37.86
C ARG A 61 -19.95 -11.16 -37.68
N PRO A 62 -19.13 -11.69 -38.62
CA PRO A 62 -17.70 -11.83 -38.33
C PRO A 62 -16.98 -10.51 -38.18
N ARG A 63 -16.15 -10.44 -37.15
CA ARG A 63 -15.30 -9.30 -36.86
C ARG A 63 -13.89 -9.54 -37.46
N ALA A 64 -13.20 -8.47 -37.78
CA ALA A 64 -11.89 -8.55 -38.40
C ALA A 64 -10.80 -8.04 -37.45
N ILE A 65 -9.59 -8.65 -37.49
CA ILE A 65 -8.45 -8.27 -36.66
C ILE A 65 -7.52 -7.31 -37.44
N PRO A 66 -7.03 -6.17 -36.88
CA PRO A 66 -6.09 -5.33 -37.65
C PRO A 66 -4.87 -6.14 -38.09
N THR A 67 -4.38 -5.89 -39.32
CA THR A 67 -3.23 -6.63 -39.83
C THR A 67 -1.97 -6.32 -38.99
N MET A 68 -1.02 -7.25 -39.03
CA MET A 68 0.22 -7.18 -38.25
C MET A 68 1.20 -6.15 -38.78
N VAL A 69 1.76 -5.38 -37.85
CA VAL A 69 2.75 -4.33 -38.05
C VAL A 69 3.99 -4.72 -37.23
N GLU A 70 5.16 -4.65 -37.85
CA GLU A 70 6.41 -5.01 -37.18
C GLU A 70 6.94 -3.83 -36.41
N LEU A 71 7.13 -4.03 -35.11
CA LEU A 71 7.69 -3.02 -34.21
C LEU A 71 8.94 -3.53 -33.54
N GLU A 72 9.80 -2.60 -33.10
CA GLU A 72 11.02 -2.94 -32.37
C GLU A 72 10.63 -3.29 -30.93
N THR A 73 10.97 -4.50 -30.46
CA THR A 73 10.64 -4.98 -29.10
C THR A 73 11.16 -3.99 -28.04
N ASP A 74 12.36 -3.40 -28.27
CA ASP A 74 12.96 -2.38 -27.39
C ASP A 74 12.05 -1.16 -27.26
N ALA A 75 11.34 -0.78 -28.33
CA ALA A 75 10.41 0.35 -28.30
C ALA A 75 9.10 -0.03 -27.60
N ALA A 76 8.57 -1.21 -27.91
CA ALA A 76 7.30 -1.71 -27.33
C ALA A 76 7.46 -2.15 -25.86
N LEU A 77 8.61 -2.75 -25.48
CA LEU A 77 8.88 -3.20 -24.10
C LEU A 77 10.26 -2.62 -23.65
N PRO A 78 10.32 -1.29 -23.37
CA PRO A 78 11.62 -0.65 -23.04
C PRO A 78 12.31 -1.22 -21.81
N ARG A 79 11.52 -1.66 -20.84
CA ARG A 79 12.01 -2.22 -19.58
C ARG A 79 12.65 -3.59 -19.76
N LEU A 80 12.33 -4.30 -20.86
CA LEU A 80 12.82 -5.64 -21.14
C LEU A 80 13.95 -5.66 -22.19
N ARG A 81 14.64 -4.51 -22.39
CA ARG A 81 15.76 -4.36 -23.33
C ARG A 81 16.83 -5.47 -23.20
N GLN A 82 17.15 -5.87 -21.95
CA GLN A 82 18.14 -6.90 -21.61
C GLN A 82 17.69 -8.30 -22.02
N MET A 83 16.37 -8.59 -22.01
CA MET A 83 15.85 -9.90 -22.46
C MET A 83 16.00 -10.09 -23.98
N VAL A 84 15.90 -8.99 -24.75
CA VAL A 84 16.05 -8.95 -26.21
C VAL A 84 17.51 -9.27 -26.59
N GLU A 85 18.47 -8.50 -26.04
CA GLU A 85 19.89 -8.70 -26.35
C GLU A 85 20.44 -10.07 -25.86
N ASP A 86 19.77 -10.72 -24.90
CA ASP A 86 20.18 -12.03 -24.38
C ASP A 86 19.48 -13.18 -25.12
N GLY A 87 18.59 -12.82 -26.05
CA GLY A 87 17.88 -13.78 -26.88
C GLY A 87 16.64 -14.43 -26.28
N LYS A 88 16.12 -13.89 -25.15
CA LYS A 88 14.90 -14.44 -24.54
C LYS A 88 13.68 -13.97 -25.33
N LEU A 89 13.72 -12.74 -25.85
CA LEU A 89 12.65 -12.18 -26.67
C LEU A 89 13.21 -11.80 -28.02
N LYS A 90 12.42 -11.96 -29.08
CA LYS A 90 12.79 -11.56 -30.45
C LYS A 90 13.05 -10.03 -30.48
N ASP A 91 13.88 -9.56 -31.42
CA ASP A 91 14.20 -8.12 -31.56
C ASP A 91 13.01 -7.33 -32.16
N THR A 92 12.07 -8.04 -32.81
CA THR A 92 10.87 -7.46 -33.40
C THR A 92 9.63 -8.10 -32.83
N VAL A 93 8.54 -7.33 -32.78
CA VAL A 93 7.24 -7.78 -32.29
C VAL A 93 6.15 -7.41 -33.34
N SER A 94 5.32 -8.39 -33.73
CA SER A 94 4.26 -8.20 -34.71
C SER A 94 2.95 -7.91 -33.97
N VAL A 95 2.40 -6.71 -34.18
CA VAL A 95 1.22 -6.26 -33.45
C VAL A 95 0.09 -5.83 -34.40
N PRO A 96 -1.20 -6.09 -34.03
CA PRO A 96 -2.32 -5.68 -34.91
C PRO A 96 -2.55 -4.18 -34.83
N GLU A 97 -1.82 -3.40 -35.64
CA GLU A 97 -1.85 -1.95 -35.68
C GLU A 97 -2.14 -1.43 -37.09
N GLY A 98 -2.27 -2.35 -38.04
CA GLY A 98 -2.57 -2.06 -39.44
C GLY A 98 -3.84 -1.29 -39.70
N THR A 99 -3.90 -0.59 -40.87
CA THR A 99 -5.03 0.23 -41.34
C THR A 99 -6.11 -0.67 -41.97
N THR A 100 -5.72 -1.90 -42.31
CA THR A 100 -6.58 -2.94 -42.87
C THR A 100 -6.78 -3.99 -41.80
N ALA A 101 -7.75 -4.89 -42.00
CA ALA A 101 -8.07 -5.96 -41.05
C ALA A 101 -8.46 -7.24 -41.78
N PHE A 102 -8.08 -8.39 -41.23
CA PHE A 102 -8.32 -9.74 -41.77
C PHE A 102 -9.31 -10.54 -40.92
N TYR A 103 -10.06 -11.46 -41.56
CA TYR A 103 -10.97 -12.37 -40.87
C TYR A 103 -10.19 -13.63 -40.47
N PRO A 104 -10.08 -13.93 -39.17
CA PRO A 104 -9.30 -15.12 -38.76
C PRO A 104 -10.00 -16.43 -39.17
N LYS A 105 -9.19 -17.47 -39.40
CA LYS A 105 -9.64 -18.80 -39.85
C LYS A 105 -8.89 -19.88 -39.06
N TYR A 106 -9.62 -20.82 -38.48
CA TYR A 106 -9.02 -21.87 -37.68
C TYR A 106 -9.57 -23.21 -38.11
N TYR A 107 -8.72 -24.04 -38.71
CA TYR A 107 -9.10 -25.35 -39.24
C TYR A 107 -8.34 -26.44 -38.50
N PRO A 108 -8.90 -26.94 -37.38
CA PRO A 108 -8.19 -27.96 -36.59
C PRO A 108 -8.18 -29.33 -37.27
N PHE A 109 -7.18 -30.14 -36.92
CA PHE A 109 -7.10 -31.51 -37.42
C PHE A 109 -7.95 -32.40 -36.55
N HIS A 110 -8.57 -33.39 -37.17
CA HIS A 110 -9.40 -34.38 -36.51
C HIS A 110 -8.80 -35.71 -36.88
N LYS A 111 -8.19 -36.39 -35.90
CA LYS A 111 -7.53 -37.67 -36.15
C LYS A 111 -7.93 -38.73 -35.11
N PRO A 112 -8.10 -40.01 -35.53
CA PRO A 112 -8.07 -40.49 -36.93
C PRO A 112 -9.25 -39.93 -37.72
N ASP A 113 -9.18 -40.00 -39.05
CA ASP A 113 -10.27 -39.57 -39.92
C ASP A 113 -10.46 -40.63 -41.02
N HIS A 114 -11.40 -40.38 -41.95
CA HIS A 114 -11.71 -41.34 -43.01
C HIS A 114 -10.47 -41.67 -43.89
N ASP A 115 -9.60 -40.68 -44.12
CA ASP A 115 -8.44 -40.84 -44.99
C ASP A 115 -7.12 -41.08 -44.24
N GLU A 116 -7.12 -41.05 -42.91
CA GLU A 116 -5.89 -41.26 -42.15
C GLU A 116 -6.18 -42.04 -40.85
N VAL A 117 -5.93 -43.36 -40.90
CA VAL A 117 -6.05 -44.32 -39.80
C VAL A 117 -4.64 -44.87 -39.56
N GLY A 118 -3.87 -44.17 -38.73
CA GLY A 118 -2.48 -44.48 -38.43
C GLY A 118 -2.15 -44.79 -36.99
N THR A 119 -0.91 -44.45 -36.59
CA THR A 119 -0.35 -44.71 -35.26
C THR A 119 -1.02 -43.85 -34.19
N PHE A 120 -1.50 -42.64 -34.56
CA PHE A 120 -2.20 -41.77 -33.62
C PHE A 120 -3.60 -42.39 -33.37
N GLY A 121 -3.87 -42.68 -32.09
CA GLY A 121 -5.12 -43.27 -31.66
C GLY A 121 -5.18 -44.77 -31.84
N ALA A 122 -4.01 -45.37 -32.10
CA ALA A 122 -3.93 -46.81 -32.30
C ALA A 122 -4.14 -47.54 -30.96
N PRO A 123 -5.04 -48.55 -30.92
CA PRO A 123 -5.23 -49.29 -29.67
C PRO A 123 -3.98 -50.12 -29.32
N ASP A 124 -3.74 -50.40 -28.02
CA ASP A 124 -2.59 -51.21 -27.64
C ASP A 124 -2.88 -52.73 -27.87
N ILE A 125 -2.72 -53.14 -29.13
CA ILE A 125 -2.91 -54.51 -29.64
C ILE A 125 -1.80 -55.44 -29.13
N THR A 126 -0.59 -54.89 -28.86
CA THR A 126 0.52 -55.68 -28.31
C THR A 126 0.13 -56.13 -26.89
N LEU A 127 -0.45 -55.20 -26.07
CA LEU A 127 -0.92 -55.51 -24.71
C LEU A 127 -2.06 -56.52 -24.76
N LEU A 128 -3.01 -56.34 -25.68
CA LEU A 128 -4.12 -57.29 -25.86
C LEU A 128 -3.61 -58.74 -26.09
N LYS A 129 -2.57 -58.89 -26.98
CA LYS A 129 -1.94 -60.19 -27.28
C LYS A 129 -1.28 -60.76 -26.00
N GLN A 130 -0.53 -59.92 -25.25
CA GLN A 130 0.14 -60.30 -24.01
C GLN A 130 -0.86 -60.72 -22.92
N LEU A 131 -1.97 -59.98 -22.77
CA LEU A 131 -3.01 -60.33 -21.81
C LEU A 131 -3.57 -61.71 -22.10
N THR A 132 -3.74 -62.04 -23.41
CA THR A 132 -4.24 -63.33 -23.91
C THR A 132 -3.21 -64.43 -23.56
N PHE A 133 -1.91 -64.18 -23.85
CA PHE A 133 -0.82 -65.12 -23.60
C PHE A 133 -0.70 -65.43 -22.11
N PHE A 134 -0.71 -64.42 -21.23
CA PHE A 134 -0.63 -64.69 -19.79
C PHE A 134 -1.92 -65.29 -19.22
N LEU A 135 -3.08 -65.10 -19.89
CA LEU A 135 -4.35 -65.69 -19.44
C LEU A 135 -4.33 -67.20 -19.60
N LEU A 136 -3.78 -67.69 -20.72
CA LEU A 136 -3.70 -69.12 -20.99
C LEU A 136 -2.82 -69.81 -19.93
N GLU A 137 -1.72 -69.14 -19.52
CA GLU A 137 -0.70 -69.60 -18.57
C GLU A 137 -1.03 -69.36 -17.08
N ASN A 138 -2.18 -68.76 -16.75
CA ASN A 138 -2.48 -68.46 -15.34
C ASN A 138 -3.95 -68.57 -15.02
N ASP A 139 -4.26 -69.12 -13.84
CA ASP A 139 -5.62 -69.27 -13.34
C ASP A 139 -6.00 -68.10 -12.45
N PHE A 140 -6.06 -66.89 -13.03
CA PHE A 140 -6.50 -65.72 -12.29
C PHE A 140 -8.01 -65.64 -12.40
N PRO A 141 -8.77 -65.66 -11.28
CA PRO A 141 -10.24 -65.57 -11.39
C PRO A 141 -10.74 -64.33 -12.13
N THR A 142 -10.07 -63.17 -11.94
CA THR A 142 -10.47 -61.91 -12.59
C THR A 142 -9.86 -61.76 -13.99
N GLY A 143 -8.94 -62.64 -14.35
CA GLY A 143 -8.26 -62.64 -15.64
C GLY A 143 -9.18 -62.57 -16.86
N PRO A 144 -10.16 -63.50 -17.00
CA PRO A 144 -11.05 -63.45 -18.19
C PRO A 144 -11.84 -62.14 -18.32
N GLU A 145 -12.34 -61.61 -17.19
CA GLU A 145 -13.07 -60.34 -17.18
C GLU A 145 -12.16 -59.16 -17.57
N THR A 146 -10.86 -59.20 -17.19
CA THR A 146 -9.90 -58.14 -17.54
C THR A 146 -9.65 -58.17 -19.05
N LEU A 147 -9.40 -59.38 -19.61
CA LEU A 147 -9.17 -59.53 -21.06
C LEU A 147 -10.39 -59.05 -21.86
N ARG A 148 -11.59 -59.48 -21.49
CA ARG A 148 -12.82 -59.09 -22.19
C ARG A 148 -13.05 -57.57 -22.12
N GLN A 149 -12.82 -56.96 -20.93
CA GLN A 149 -12.96 -55.50 -20.74
C GLN A 149 -12.00 -54.73 -21.65
N VAL A 150 -10.72 -55.15 -21.75
CA VAL A 150 -9.74 -54.49 -22.61
C VAL A 150 -10.12 -54.67 -24.10
N ARG A 151 -10.52 -55.90 -24.51
CA ARG A 151 -10.90 -56.16 -25.90
C ARG A 151 -12.16 -55.35 -26.30
N GLU A 152 -13.16 -55.29 -25.42
CA GLU A 152 -14.39 -54.51 -25.63
C GLU A 152 -14.07 -53.00 -25.74
N ALA A 153 -13.13 -52.48 -24.91
CA ALA A 153 -12.72 -51.07 -24.97
C ALA A 153 -12.04 -50.77 -26.33
N ILE A 154 -11.18 -51.69 -26.82
CA ILE A 154 -10.50 -51.56 -28.11
C ILE A 154 -11.57 -51.56 -29.24
N ALA A 155 -12.58 -52.44 -29.12
CA ALA A 155 -13.63 -52.59 -30.13
C ALA A 155 -14.68 -51.45 -30.12
N THR A 156 -14.93 -50.79 -28.98
CA THR A 156 -16.00 -49.80 -28.91
C THR A 156 -15.54 -48.35 -28.68
N LEU A 157 -14.31 -48.15 -28.19
CA LEU A 157 -13.75 -46.82 -27.95
C LEU A 157 -12.75 -46.41 -29.03
N GLN A 158 -12.38 -45.12 -29.04
CA GLN A 158 -11.40 -44.57 -29.96
C GLN A 158 -10.78 -43.35 -29.35
N TYR A 159 -9.45 -43.38 -29.17
CA TYR A 159 -8.75 -42.18 -28.72
C TYR A 159 -8.51 -41.31 -29.95
N GLY A 160 -8.76 -40.04 -29.81
CA GLY A 160 -8.61 -39.09 -30.91
C GLY A 160 -9.30 -37.77 -30.66
N SER A 161 -9.25 -36.91 -31.67
CA SER A 161 -9.77 -35.55 -31.60
C SER A 161 -11.10 -35.39 -32.33
N GLY A 162 -11.88 -36.48 -32.39
CA GLY A 162 -13.23 -36.47 -32.95
C GLY A 162 -13.38 -35.96 -34.38
N SER A 163 -14.42 -35.16 -34.61
CA SER A 163 -14.73 -34.64 -35.94
C SER A 163 -15.40 -33.26 -35.86
N TYR A 164 -15.61 -32.60 -37.02
CA TYR A 164 -16.32 -31.31 -37.09
C TYR A 164 -17.77 -31.51 -36.64
N SER A 165 -18.45 -32.59 -37.13
CA SER A 165 -19.82 -32.95 -36.75
C SER A 165 -19.93 -33.13 -35.22
N GLY A 166 -18.92 -33.80 -34.64
CA GLY A 166 -18.84 -34.03 -33.20
C GLY A 166 -18.76 -32.71 -32.46
N GLN A 167 -17.88 -31.81 -32.92
CA GLN A 167 -17.72 -30.47 -32.33
C GLN A 167 -19.00 -29.64 -32.45
N LEU A 168 -19.64 -29.67 -33.64
CA LEU A 168 -20.86 -28.91 -33.91
C LEU A 168 -22.06 -29.43 -33.09
N ASN A 169 -22.22 -30.77 -32.99
CA ASN A 169 -23.28 -31.38 -32.19
C ASN A 169 -23.09 -31.09 -30.73
N ARG A 170 -21.82 -31.02 -30.28
CA ARG A 170 -21.46 -30.68 -28.90
C ARG A 170 -21.92 -29.25 -28.59
N LEU A 171 -21.73 -28.31 -29.53
CA LEU A 171 -22.17 -26.91 -29.35
C LEU A 171 -23.69 -26.84 -29.12
N LEU A 172 -24.48 -27.65 -29.86
CA LEU A 172 -25.94 -27.75 -29.70
C LEU A 172 -26.32 -28.23 -28.31
N ALA A 173 -25.60 -29.25 -27.81
CA ALA A 173 -25.82 -29.82 -26.47
C ALA A 173 -25.53 -28.77 -25.38
N MET A 174 -24.45 -27.97 -25.54
CA MET A 174 -24.07 -26.87 -24.63
C MET A 174 -25.16 -25.79 -24.61
N LYS A 175 -25.65 -25.37 -25.78
CA LYS A 175 -26.75 -24.40 -25.89
C LYS A 175 -28.03 -24.97 -25.22
N GLY A 176 -28.27 -26.28 -25.38
CA GLY A 176 -29.41 -26.97 -24.77
C GLY A 176 -29.38 -26.91 -23.24
N VAL A 177 -28.17 -27.07 -22.64
CA VAL A 177 -27.98 -26.98 -21.17
C VAL A 177 -28.18 -25.49 -20.72
N ALA A 178 -27.66 -24.56 -21.49
CA ALA A 178 -27.73 -23.13 -21.17
C ALA A 178 -29.13 -22.52 -21.33
N THR A 179 -29.88 -22.93 -22.37
CA THR A 179 -31.15 -22.27 -22.70
C THR A 179 -32.37 -23.18 -22.88
N GLY A 180 -32.17 -24.51 -22.83
CA GLY A 180 -33.21 -25.50 -23.10
C GLY A 180 -34.20 -25.78 -22.00
N ARG A 181 -34.25 -27.04 -21.54
CA ARG A 181 -35.18 -27.51 -20.51
C ARG A 181 -35.02 -26.75 -19.17
N ASN A 182 -33.78 -26.36 -18.83
CA ASN A 182 -33.47 -25.69 -17.58
C ASN A 182 -32.54 -24.49 -17.85
N PRO A 183 -33.11 -23.35 -18.32
CA PRO A 183 -32.28 -22.18 -18.62
C PRO A 183 -31.44 -21.68 -17.45
N ASN A 184 -30.23 -21.20 -17.75
CA ASN A 184 -29.29 -20.67 -16.77
C ASN A 184 -29.91 -19.56 -15.97
N LYS A 185 -29.51 -19.45 -14.71
CA LYS A 185 -29.95 -18.36 -13.86
C LYS A 185 -28.72 -17.68 -13.27
N THR A 186 -28.74 -16.36 -13.19
CA THR A 186 -27.66 -15.64 -12.51
C THR A 186 -27.79 -15.89 -11.00
N PRO A 187 -26.73 -15.78 -10.20
CA PRO A 187 -26.89 -15.84 -8.73
C PRO A 187 -27.98 -14.89 -8.18
N LYS A 188 -28.15 -13.68 -8.77
CA LYS A 188 -29.18 -12.74 -8.35
C LYS A 188 -30.59 -13.33 -8.53
N THR A 189 -30.87 -13.98 -9.68
CA THR A 189 -32.16 -14.64 -9.99
C THR A 189 -32.43 -15.75 -8.97
N VAL A 190 -31.38 -16.50 -8.57
CA VAL A 190 -31.55 -17.58 -7.59
C VAL A 190 -31.90 -16.97 -6.23
N GLY A 191 -31.31 -15.82 -5.92
CA GLY A 191 -31.58 -15.09 -4.68
C GLY A 191 -30.35 -14.79 -3.85
N TYR A 192 -29.14 -14.79 -4.45
CA TYR A 192 -27.91 -14.51 -3.72
C TYR A 192 -27.27 -13.20 -4.17
N THR A 193 -26.77 -12.41 -3.21
CA THR A 193 -25.96 -11.22 -3.46
C THR A 193 -24.49 -11.72 -3.60
N ASN A 194 -23.57 -10.82 -4.01
CA ASN A 194 -22.15 -11.19 -4.12
C ASN A 194 -21.57 -11.58 -2.75
N GLU A 195 -21.96 -10.83 -1.71
CA GLU A 195 -21.50 -11.05 -0.34
C GLU A 195 -22.03 -12.38 0.22
N GLN A 196 -23.31 -12.74 -0.06
CA GLN A 196 -23.88 -14.01 0.40
C GLN A 196 -23.12 -15.19 -0.24
N LEU A 197 -22.78 -15.09 -1.53
CA LEU A 197 -22.01 -16.12 -2.21
C LEU A 197 -20.60 -16.25 -1.63
N ALA A 198 -19.96 -15.09 -1.32
CA ALA A 198 -18.64 -15.01 -0.70
C ALA A 198 -18.61 -15.74 0.65
N LYS A 199 -19.68 -15.60 1.45
CA LYS A 199 -19.82 -16.27 2.74
C LYS A 199 -19.89 -17.79 2.57
N LEU A 200 -20.52 -18.27 1.45
CA LEU A 200 -20.59 -19.71 1.16
C LEU A 200 -19.20 -20.19 0.72
N LEU A 201 -18.54 -19.43 -0.16
CA LEU A 201 -17.22 -19.75 -0.68
C LEU A 201 -16.16 -19.71 0.41
N GLU A 202 -16.37 -18.94 1.50
CA GLU A 202 -15.44 -18.93 2.61
C GLU A 202 -15.35 -20.34 3.22
N GLN A 203 -16.44 -21.12 3.11
CA GLN A 203 -16.57 -22.49 3.60
C GLN A 203 -16.22 -23.53 2.54
N THR A 204 -16.76 -23.39 1.30
CA THR A 204 -16.55 -24.39 0.25
C THR A 204 -15.24 -24.21 -0.56
N LEU A 205 -14.65 -22.99 -0.55
CA LEU A 205 -13.40 -22.71 -1.26
C LEU A 205 -12.55 -21.75 -0.42
N PRO A 206 -12.13 -22.20 0.81
CA PRO A 206 -11.34 -21.30 1.67
C PRO A 206 -10.05 -20.89 0.96
N ILE A 207 -9.74 -19.61 0.99
CA ILE A 207 -8.55 -19.10 0.34
C ILE A 207 -7.73 -18.27 1.31
N ASN A 208 -6.44 -18.17 1.01
CA ASN A 208 -5.53 -17.27 1.70
C ASN A 208 -5.25 -16.11 0.77
N THR A 209 -4.60 -15.07 1.28
CA THR A 209 -4.22 -13.96 0.41
C THR A 209 -2.99 -14.38 -0.39
N PRO A 210 -2.65 -13.77 -1.55
CA PRO A 210 -1.35 -14.06 -2.17
C PRO A 210 -0.21 -13.71 -1.20
N LYS A 211 1.00 -14.28 -1.40
CA LYS A 211 2.18 -13.98 -0.57
C LYS A 211 2.39 -12.47 -0.50
N HIS A 212 2.93 -11.96 0.64
CA HIS A 212 3.20 -10.54 0.86
C HIS A 212 4.18 -10.00 -0.21
N GLU A 213 5.16 -10.80 -0.62
CA GLU A 213 6.19 -10.42 -1.60
C GLU A 213 5.61 -10.28 -3.03
N ASP A 214 4.48 -10.95 -3.32
CA ASP A 214 3.84 -10.91 -4.63
C ASP A 214 3.24 -9.52 -4.90
N PRO A 215 3.41 -9.01 -6.15
CA PRO A 215 2.85 -7.69 -6.47
C PRO A 215 1.33 -7.71 -6.49
N ASP A 216 0.77 -6.58 -6.09
CA ASP A 216 -0.65 -6.28 -6.10
C ASP A 216 -1.10 -6.16 -7.53
N LEU A 217 -2.41 -6.17 -7.72
CA LEU A 217 -2.99 -5.97 -9.04
C LEU A 217 -2.99 -4.46 -9.38
N ARG A 218 -1.81 -3.94 -9.79
CA ARG A 218 -1.65 -2.51 -10.07
C ARG A 218 -0.91 -2.23 -11.38
N TRP A 219 -0.20 -3.23 -11.90
CA TRP A 219 0.66 -2.98 -13.05
C TRP A 219 0.37 -3.80 -14.29
N ALA A 220 0.93 -3.33 -15.41
CA ALA A 220 0.93 -3.98 -16.71
C ALA A 220 1.70 -5.29 -16.57
N PRO A 221 1.28 -6.38 -17.24
CA PRO A 221 2.01 -7.67 -17.05
C PRO A 221 3.53 -7.65 -17.24
N SER A 222 4.07 -6.92 -18.23
CA SER A 222 5.51 -6.93 -18.50
C SER A 222 6.34 -6.25 -17.38
N TRP A 223 5.68 -5.55 -16.44
CA TRP A 223 6.33 -4.93 -15.29
C TRP A 223 6.52 -5.95 -14.15
N LEU A 224 5.99 -7.16 -14.33
CA LEU A 224 6.12 -8.23 -13.34
C LEU A 224 7.37 -9.10 -13.61
N ILE A 225 8.13 -8.77 -14.66
CA ILE A 225 9.38 -9.44 -15.00
C ILE A 225 10.57 -8.59 -14.49
N ASN A 226 11.41 -9.22 -13.66
CA ASN A 226 12.63 -8.59 -13.15
C ASN A 226 13.80 -9.36 -13.79
N TYR A 227 14.35 -8.87 -14.93
CA TYR A 227 15.42 -9.61 -15.63
C TYR A 227 16.69 -8.79 -15.89
N THR A 228 17.85 -9.31 -15.43
CA THR A 228 19.18 -8.66 -15.59
C THR A 228 20.23 -9.64 -16.11
N GLY A 229 20.05 -10.93 -15.81
CA GLY A 229 21.00 -11.98 -16.16
C GLY A 229 21.48 -12.72 -14.92
N ASP A 230 21.45 -12.02 -13.77
CA ASP A 230 21.81 -12.54 -12.46
C ASP A 230 20.72 -13.49 -11.94
N LEU A 231 20.99 -14.83 -12.01
CA LEU A 231 20.07 -15.90 -11.60
C LEU A 231 19.71 -15.86 -10.12
N SER A 232 20.51 -15.18 -9.31
CA SER A 232 20.26 -15.05 -7.87
C SER A 232 19.13 -14.05 -7.60
N THR A 233 18.88 -13.08 -8.52
CA THR A 233 17.82 -12.06 -8.35
C THR A 233 16.71 -12.13 -9.43
N ASP A 234 17.05 -12.59 -10.66
CA ASP A 234 16.13 -12.72 -11.81
C ASP A 234 14.87 -13.47 -11.43
N LYS A 235 13.69 -12.88 -11.71
CA LYS A 235 12.41 -13.49 -11.36
C LYS A 235 11.25 -12.88 -12.17
N SER A 236 10.30 -13.74 -12.55
CA SER A 236 9.05 -13.33 -13.17
C SER A 236 7.95 -13.59 -12.17
N TYR A 237 7.13 -12.58 -11.90
CA TYR A 237 6.00 -12.72 -10.99
C TYR A 237 4.75 -13.12 -11.77
N LEU A 238 4.89 -13.32 -13.10
CA LEU A 238 3.82 -13.70 -14.00
C LEU A 238 3.50 -15.19 -13.84
N PRO A 239 2.24 -15.62 -14.06
CA PRO A 239 1.95 -17.06 -13.93
C PRO A 239 2.71 -17.88 -14.96
N HIS A 240 3.06 -19.13 -14.60
CA HIS A 240 3.71 -20.05 -15.52
C HIS A 240 2.69 -20.40 -16.63
N VAL A 241 3.17 -20.48 -17.89
CA VAL A 241 2.35 -20.84 -19.04
C VAL A 241 2.98 -22.06 -19.70
N THR A 242 2.16 -22.86 -20.42
CA THR A 242 2.63 -24.02 -21.20
C THR A 242 3.08 -23.46 -22.53
N ILE A 243 4.40 -23.42 -22.72
CA ILE A 243 5.09 -22.88 -23.89
C ILE A 243 4.57 -23.49 -25.22
N LYS A 244 4.32 -24.80 -25.24
CA LYS A 244 3.86 -25.52 -26.42
C LYS A 244 2.36 -25.35 -26.69
N SER A 245 1.59 -24.76 -25.74
CA SER A 245 0.15 -24.56 -25.95
C SER A 245 -0.10 -23.42 -26.94
N SER A 246 -1.30 -23.39 -27.49
CA SER A 246 -1.78 -22.45 -28.50
C SER A 246 -1.74 -21.01 -28.01
N ALA A 247 -1.26 -20.09 -28.88
CA ALA A 247 -1.27 -18.64 -28.59
C ALA A 247 -2.71 -18.10 -28.64
N GLY A 248 -3.57 -18.74 -29.42
CA GLY A 248 -4.94 -18.30 -29.68
C GLY A 248 -4.90 -17.07 -30.57
N LEU A 249 -6.04 -16.37 -30.68
CA LEU A 249 -6.09 -15.15 -31.47
C LEU A 249 -5.19 -14.08 -30.83
N PRO A 250 -4.54 -13.15 -31.61
CA PRO A 250 -4.62 -12.97 -33.07
C PRO A 250 -3.53 -13.74 -33.83
N TYR A 251 -2.95 -14.82 -33.21
CA TYR A 251 -1.84 -15.60 -33.79
C TYR A 251 -2.17 -17.08 -34.03
N ILE A 252 -3.01 -17.36 -35.04
CA ILE A 252 -3.33 -18.75 -35.35
C ILE A 252 -2.08 -19.41 -35.93
N GLY A 253 -1.83 -20.63 -35.47
CA GLY A 253 -0.69 -21.44 -35.91
C GLY A 253 0.56 -21.21 -35.12
N LYS A 254 0.47 -20.41 -34.05
CA LYS A 254 1.63 -20.09 -33.19
C LYS A 254 1.41 -20.61 -31.78
N THR A 255 2.48 -20.94 -31.10
CA THR A 255 2.45 -21.39 -29.70
C THR A 255 2.64 -20.16 -28.79
N LYS A 256 2.55 -20.35 -27.45
CA LYS A 256 2.81 -19.29 -26.49
C LYS A 256 4.29 -18.91 -26.54
N GLY A 257 5.17 -19.92 -26.62
CA GLY A 257 6.62 -19.71 -26.71
C GLY A 257 7.01 -18.84 -27.89
N ASP A 258 6.29 -19.00 -29.02
CA ASP A 258 6.47 -18.22 -30.26
C ASP A 258 6.07 -16.74 -30.11
N THR A 259 5.10 -16.46 -29.21
CA THR A 259 4.46 -15.15 -29.08
C THR A 259 4.57 -14.48 -27.68
N THR A 260 5.63 -14.82 -26.89
CA THR A 260 5.86 -14.23 -25.57
C THR A 260 5.85 -12.69 -25.62
N ALA A 261 6.63 -12.07 -26.52
CA ALA A 261 6.66 -10.61 -26.64
C ALA A 261 5.31 -10.04 -27.05
N GLU A 262 4.64 -10.69 -28.01
CA GLU A 262 3.33 -10.28 -28.53
C GLU A 262 2.28 -10.28 -27.43
N ALA A 263 2.25 -11.35 -26.62
CA ALA A 263 1.30 -11.47 -25.53
C ALA A 263 1.46 -10.34 -24.51
N LEU A 264 2.73 -10.02 -24.15
CA LEU A 264 3.04 -8.96 -23.19
C LEU A 264 2.62 -7.60 -23.73
N VAL A 265 2.94 -7.33 -24.99
CA VAL A 265 2.55 -6.06 -25.65
C VAL A 265 1.02 -5.90 -25.65
N LEU A 266 0.29 -6.95 -26.09
CA LEU A 266 -1.17 -6.92 -26.17
C LEU A 266 -1.82 -6.83 -24.79
N ALA A 267 -1.34 -7.66 -23.81
CA ALA A 267 -1.88 -7.65 -22.45
C ALA A 267 -1.60 -6.29 -21.77
N ASP A 268 -0.36 -5.72 -21.90
CA ASP A 268 -0.07 -4.35 -21.38
C ASP A 268 -0.99 -3.29 -22.01
N SER A 269 -1.14 -3.28 -23.35
CA SER A 269 -1.95 -2.26 -24.06
C SER A 269 -3.41 -2.35 -23.69
N PHE A 270 -3.95 -3.58 -23.54
CA PHE A 270 -5.35 -3.73 -23.19
C PHE A 270 -5.65 -3.19 -21.78
N ILE A 271 -4.86 -3.60 -20.76
CA ILE A 271 -5.07 -3.17 -19.37
C ILE A 271 -4.79 -1.62 -19.22
N ARG A 272 -3.78 -1.08 -19.92
CA ARG A 272 -3.43 0.35 -19.88
CA ARG A 272 -3.43 0.35 -19.87
C ARG A 272 -4.52 1.20 -20.55
N ASP A 273 -5.01 0.78 -21.74
CA ASP A 273 -6.06 1.50 -22.49
C ASP A 273 -7.37 1.44 -21.73
N LEU A 274 -7.66 0.31 -21.12
CA LEU A 274 -8.88 0.17 -20.31
C LEU A 274 -8.83 1.13 -19.09
N GLY A 275 -7.69 1.15 -18.39
CA GLY A 275 -7.51 2.05 -17.25
C GLY A 275 -7.69 3.52 -17.59
N ARG A 276 -7.11 3.95 -18.73
CA ARG A 276 -7.16 5.30 -19.29
C ARG A 276 -8.57 5.63 -19.76
N ALA A 277 -9.26 4.66 -20.39
CA ALA A 277 -10.63 4.88 -20.86
C ALA A 277 -11.58 5.03 -19.67
N ALA A 278 -11.35 4.22 -18.59
CA ALA A 278 -12.19 4.22 -17.38
C ALA A 278 -12.17 5.56 -16.65
N THR A 279 -11.06 6.30 -16.71
CA THR A 279 -10.93 7.60 -16.04
C THR A 279 -10.92 8.78 -17.06
N SER A 280 -11.50 8.57 -18.26
CA SER A 280 -11.52 9.63 -19.26
C SER A 280 -12.75 10.51 -19.09
N ALA A 281 -12.89 11.57 -19.93
CA ALA A 281 -14.04 12.49 -19.89
C ALA A 281 -15.34 11.77 -20.23
N ASP A 282 -15.26 10.69 -21.07
CA ASP A 282 -16.39 9.87 -21.49
C ASP A 282 -16.04 8.38 -21.30
N PRO A 283 -16.17 7.85 -20.06
CA PRO A 283 -15.80 6.45 -19.80
C PRO A 283 -16.61 5.45 -20.63
N GLU A 284 -17.89 5.74 -20.94
CA GLU A 284 -18.70 4.82 -21.73
C GLU A 284 -18.16 4.66 -23.18
N ALA A 285 -17.94 5.78 -23.93
CA ALA A 285 -17.44 5.75 -25.29
C ALA A 285 -16.01 5.16 -25.33
N GLY A 286 -15.18 5.56 -24.35
CA GLY A 286 -13.80 5.14 -24.19
C GLY A 286 -13.62 3.66 -23.92
N VAL A 287 -14.32 3.15 -22.89
CA VAL A 287 -14.25 1.73 -22.48
C VAL A 287 -14.82 0.85 -23.61
N LYS A 288 -15.94 1.24 -24.23
CA LYS A 288 -16.55 0.46 -25.31
C LYS A 288 -15.61 0.40 -26.54
N LYS A 289 -14.92 1.52 -26.86
CA LYS A 289 -13.98 1.59 -27.97
C LYS A 289 -12.82 0.59 -27.75
N THR A 290 -12.20 0.60 -26.56
CA THR A 290 -11.12 -0.32 -26.20
C THR A 290 -11.57 -1.80 -26.33
N ILE A 291 -12.77 -2.12 -25.78
CA ILE A 291 -13.28 -3.48 -25.77
C ILE A 291 -13.52 -3.95 -27.22
N THR A 292 -14.11 -3.07 -28.08
CA THR A 292 -14.35 -3.37 -29.50
C THR A 292 -13.01 -3.58 -30.21
N ASP A 293 -12.03 -2.66 -29.98
CA ASP A 293 -10.70 -2.69 -30.61
C ASP A 293 -9.96 -3.98 -30.32
N PHE A 294 -10.15 -4.55 -29.11
CA PHE A 294 -9.54 -5.81 -28.67
C PHE A 294 -10.58 -6.94 -28.59
N TRP A 295 -11.63 -6.91 -29.46
CA TRP A 295 -12.72 -7.91 -29.47
C TRP A 295 -12.19 -9.35 -29.47
N TYR A 296 -11.09 -9.59 -30.21
CA TYR A 296 -10.49 -10.92 -30.43
C TYR A 296 -9.94 -11.52 -29.14
N LEU A 297 -9.74 -10.69 -28.10
CA LEU A 297 -9.32 -11.18 -26.78
C LEU A 297 -10.47 -11.92 -26.06
N SER A 298 -11.68 -11.91 -26.65
CA SER A 298 -12.86 -12.60 -26.10
C SER A 298 -13.31 -13.78 -26.98
N CYS A 299 -12.51 -14.13 -28.00
CA CYS A 299 -12.89 -15.18 -28.95
C CYS A 299 -11.91 -16.32 -28.88
N GLY A 300 -12.40 -17.47 -28.44
CA GLY A 300 -11.56 -18.64 -28.27
C GLY A 300 -11.52 -19.54 -29.48
N LEU A 301 -10.36 -20.16 -29.77
CA LEU A 301 -10.26 -21.15 -30.85
C LEU A 301 -10.99 -22.39 -30.39
N LEU A 302 -11.95 -22.91 -31.17
CA LEU A 302 -12.65 -24.12 -30.75
C LEU A 302 -11.81 -25.37 -31.06
N PHE A 303 -10.99 -25.75 -30.11
CA PHE A 303 -10.06 -26.86 -30.20
C PHE A 303 -10.76 -28.20 -29.90
N PRO A 304 -10.67 -29.23 -30.78
CA PRO A 304 -11.31 -30.53 -30.47
C PRO A 304 -10.47 -31.28 -29.40
N LYS A 305 -11.08 -31.63 -28.28
CA LYS A 305 -10.36 -32.30 -27.19
C LYS A 305 -10.07 -33.77 -27.53
N GLY A 306 -8.81 -34.18 -27.34
CA GLY A 306 -8.38 -35.56 -27.52
C GLY A 306 -8.91 -36.39 -26.36
N GLU A 307 -9.75 -37.38 -26.66
CA GLU A 307 -10.35 -38.21 -25.64
C GLU A 307 -10.65 -39.61 -26.15
N ARG A 308 -10.99 -40.52 -25.23
CA ARG A 308 -11.41 -41.85 -25.58
C ARG A 308 -12.94 -41.80 -25.79
N TYR A 309 -13.34 -41.46 -27.02
CA TYR A 309 -14.73 -41.36 -27.44
C TYR A 309 -15.30 -42.74 -27.80
N THR A 310 -16.63 -42.85 -27.77
CA THR A 310 -17.35 -44.05 -28.21
C THR A 310 -17.36 -44.00 -29.74
N GLN A 311 -16.90 -45.09 -30.40
CA GLN A 311 -16.85 -45.17 -31.86
C GLN A 311 -18.21 -44.85 -32.53
N VAL A 312 -19.32 -45.43 -32.00
CA VAL A 312 -20.69 -45.24 -32.49
C VAL A 312 -21.17 -43.76 -32.32
N ASP A 313 -20.56 -43.00 -31.38
CA ASP A 313 -20.92 -41.60 -31.14
C ASP A 313 -19.85 -40.60 -31.62
N TRP A 314 -18.87 -41.04 -32.42
CA TRP A 314 -17.77 -40.23 -32.94
C TRP A 314 -18.21 -38.88 -33.55
N ASP A 315 -19.27 -38.89 -34.37
CA ASP A 315 -19.77 -37.68 -35.05
C ASP A 315 -20.92 -37.01 -34.27
N LYS A 316 -21.23 -37.49 -33.07
CA LYS A 316 -22.30 -36.95 -32.23
C LYS A 316 -21.75 -36.10 -31.09
N LYS A 317 -20.49 -36.36 -30.68
CA LYS A 317 -19.92 -35.68 -29.54
C LYS A 317 -18.39 -35.64 -29.58
N THR A 318 -17.85 -34.43 -29.76
CA THR A 318 -16.43 -34.13 -29.61
C THR A 318 -16.40 -33.00 -28.57
N ARG A 319 -15.75 -33.23 -27.43
CA ARG A 319 -15.67 -32.16 -26.43
C ARG A 319 -14.75 -31.06 -26.96
N ASN A 320 -15.08 -29.80 -26.66
CA ASN A 320 -14.33 -28.64 -27.14
C ASN A 320 -13.50 -28.00 -26.06
N ILE A 321 -12.29 -27.58 -26.40
CA ILE A 321 -11.44 -26.74 -25.55
C ILE A 321 -11.59 -25.30 -26.11
N TRP A 322 -12.11 -24.37 -25.32
CA TRP A 322 -12.22 -22.98 -25.70
C TRP A 322 -10.84 -22.38 -25.44
N SER A 323 -10.05 -22.26 -26.47
CA SER A 323 -8.65 -21.88 -26.31
C SER A 323 -8.51 -20.35 -26.30
N ALA A 324 -8.44 -19.79 -25.08
CA ALA A 324 -8.35 -18.35 -24.83
C ALA A 324 -7.13 -17.71 -25.42
N PRO A 325 -7.27 -16.49 -25.94
CA PRO A 325 -6.07 -15.73 -26.38
C PRO A 325 -5.04 -15.63 -25.24
N TYR A 326 -3.75 -15.81 -25.54
CA TYR A 326 -2.63 -15.74 -24.59
C TYR A 326 -2.70 -14.40 -23.76
N PRO A 327 -2.94 -13.18 -24.31
CA PRO A 327 -3.03 -12.00 -23.41
C PRO A 327 -4.17 -12.11 -22.40
N THR A 328 -5.34 -12.63 -22.81
CA THR A 328 -6.51 -12.81 -21.92
C THR A 328 -6.17 -13.84 -20.80
N HIS A 329 -5.59 -14.98 -21.17
CA HIS A 329 -5.20 -16.02 -20.24
C HIS A 329 -4.24 -15.45 -19.20
N LEU A 330 -3.27 -14.62 -19.63
CA LEU A 330 -2.29 -14.01 -18.75
C LEU A 330 -2.95 -13.03 -17.74
N LEU A 331 -3.82 -12.13 -18.23
CA LEU A 331 -4.50 -11.17 -17.35
C LEU A 331 -5.43 -11.85 -16.34
N LEU A 332 -6.16 -12.89 -16.76
CA LEU A 332 -7.04 -13.66 -15.87
C LEU A 332 -6.23 -14.42 -14.79
N SER A 333 -5.15 -15.09 -15.22
CA SER A 333 -4.26 -15.89 -14.38
C SER A 333 -3.51 -15.03 -13.37
N MET A 334 -3.31 -13.74 -13.66
CA MET A 334 -2.71 -12.81 -12.70
C MET A 334 -3.63 -12.57 -11.49
N VAL A 335 -4.95 -12.75 -11.65
CA VAL A 335 -5.92 -12.55 -10.56
C VAL A 335 -6.05 -13.85 -9.73
N SER A 336 -6.21 -15.00 -10.41
CA SER A 336 -6.46 -16.27 -9.75
C SER A 336 -5.23 -17.00 -9.18
N THR A 337 -4.18 -17.20 -9.97
CA THR A 337 -3.04 -18.05 -9.59
C THR A 337 -2.28 -17.55 -8.35
N PRO A 338 -2.00 -16.23 -8.09
CA PRO A 338 -1.30 -15.89 -6.83
C PRO A 338 -2.13 -16.22 -5.59
N VAL A 339 -3.48 -16.24 -5.73
CA VAL A 339 -4.39 -16.62 -4.63
C VAL A 339 -4.41 -18.13 -4.45
N MET A 340 -4.66 -18.86 -5.55
CA MET A 340 -4.80 -20.33 -5.52
C MET A 340 -3.49 -21.05 -5.19
N ASN A 341 -2.31 -20.45 -5.49
CA ASN A 341 -0.99 -21.02 -5.10
C ASN A 341 -0.86 -21.16 -3.60
N GLU A 342 -1.51 -20.25 -2.85
CA GLU A 342 -1.47 -20.17 -1.39
C GLU A 342 -2.67 -20.79 -0.73
N SER A 343 -3.54 -21.42 -1.53
CA SER A 343 -4.82 -21.92 -1.01
C SER A 343 -5.11 -23.38 -1.34
N LYS A 344 -4.15 -24.28 -1.14
CA LYS A 344 -4.38 -25.71 -1.36
C LYS A 344 -5.03 -26.27 -0.08
N LEU A 345 -6.25 -25.75 0.24
CA LEU A 345 -7.01 -26.11 1.43
C LEU A 345 -8.15 -27.01 1.03
N ASN A 346 -8.15 -28.19 1.62
CA ASN A 346 -9.16 -29.18 1.30
C ASN A 346 -9.51 -29.96 2.54
N ILE A 347 -10.48 -30.85 2.43
CA ILE A 347 -11.04 -31.66 3.52
C ILE A 347 -9.97 -32.52 4.25
N THR A 348 -8.82 -32.84 3.59
CA THR A 348 -7.78 -33.66 4.26
C THR A 348 -6.87 -32.82 5.16
N ASN A 349 -6.84 -31.49 4.99
CA ASN A 349 -5.97 -30.64 5.82
C ASN A 349 -6.72 -29.46 6.47
N THR A 350 -8.02 -29.30 6.19
CA THR A 350 -8.82 -28.17 6.68
C THR A 350 -10.26 -28.63 6.86
N GLN A 351 -11.01 -28.00 7.79
CA GLN A 351 -12.42 -28.34 7.95
C GLN A 351 -13.27 -27.60 6.91
N THR A 352 -13.25 -28.14 5.69
CA THR A 352 -13.96 -27.60 4.53
C THR A 352 -14.48 -28.74 3.65
N PRO A 353 -15.62 -28.59 2.94
CA PRO A 353 -16.02 -29.63 1.98
C PRO A 353 -15.14 -29.65 0.71
N SER A 354 -14.31 -28.62 0.50
CA SER A 354 -13.47 -28.50 -0.71
C SER A 354 -12.50 -29.66 -0.89
N LEU A 355 -12.25 -30.05 -2.15
CA LEU A 355 -11.26 -31.06 -2.52
C LEU A 355 -10.11 -30.42 -3.31
N TYR A 356 -10.05 -29.06 -3.38
CA TYR A 356 -9.01 -28.37 -4.14
C TYR A 356 -7.60 -28.77 -3.68
N GLY A 357 -6.79 -29.19 -4.64
CA GLY A 357 -5.41 -29.58 -4.40
C GLY A 357 -5.27 -30.96 -3.80
N PHE A 358 -6.37 -31.74 -3.72
CA PHE A 358 -6.33 -33.09 -3.17
C PHE A 358 -5.49 -34.03 -4.03
N SER A 359 -4.73 -34.88 -3.36
CA SER A 359 -3.98 -35.97 -3.95
C SER A 359 -4.32 -37.22 -3.15
N PRO A 360 -4.68 -38.35 -3.79
CA PRO A 360 -4.97 -39.56 -2.99
C PRO A 360 -3.69 -40.25 -2.49
N PHE A 361 -2.54 -39.86 -3.05
CA PHE A 361 -1.25 -40.42 -2.71
C PHE A 361 -0.71 -39.81 -1.41
N HIS A 362 0.34 -40.43 -0.84
CA HIS A 362 0.99 -39.99 0.41
C HIS A 362 -0.05 -39.88 1.58
N GLY A 363 -0.94 -40.87 1.60
CA GLY A 363 -1.96 -41.00 2.64
C GLY A 363 -3.25 -40.22 2.46
N GLY A 364 -3.40 -39.50 1.33
CA GLY A 364 -4.61 -38.72 1.05
C GLY A 364 -5.89 -39.56 1.06
N MET A 365 -5.89 -40.69 0.32
CA MET A 365 -7.04 -41.59 0.26
C MET A 365 -7.37 -42.15 1.69
N ASP A 366 -6.36 -42.48 2.50
CA ASP A 366 -6.63 -42.94 3.86
C ASP A 366 -7.25 -41.85 4.74
N ARG A 367 -6.82 -40.58 4.57
CA ARG A 367 -7.39 -39.42 5.27
C ARG A 367 -8.88 -39.26 4.93
N ILE A 368 -9.23 -39.42 3.63
CA ILE A 368 -10.62 -39.38 3.14
C ILE A 368 -11.44 -40.50 3.80
N MET A 369 -10.90 -41.74 3.79
CA MET A 369 -11.57 -42.91 4.38
C MET A 369 -11.78 -42.75 5.88
N THR A 370 -10.82 -42.12 6.60
CA THR A 370 -10.95 -41.81 8.04
C THR A 370 -12.14 -40.82 8.22
N ILE A 371 -12.22 -39.77 7.37
CA ILE A 371 -13.30 -38.77 7.42
C ILE A 371 -14.64 -39.45 7.16
N ILE A 372 -14.71 -40.34 6.14
CA ILE A 372 -15.92 -41.09 5.78
C ILE A 372 -16.35 -42.00 6.95
N ARG A 373 -15.39 -42.80 7.52
CA ARG A 373 -15.67 -43.74 8.61
C ARG A 373 -16.17 -43.02 9.87
N ASP A 374 -15.54 -41.89 10.22
CA ASP A 374 -15.95 -41.09 11.38
C ASP A 374 -17.34 -40.49 11.17
N SER A 375 -17.68 -40.05 9.94
CA SER A 375 -19.01 -39.48 9.65
C SER A 375 -20.09 -40.55 9.79
N LEU A 376 -19.82 -41.79 9.33
CA LEU A 376 -20.74 -42.93 9.46
C LEU A 376 -20.93 -43.32 10.94
N ASP A 377 -19.85 -43.31 11.76
CA ASP A 377 -19.91 -43.65 13.19
C ASP A 377 -20.66 -42.58 14.00
N ASN A 378 -20.55 -41.30 13.59
CA ASN A 378 -21.20 -40.18 14.26
C ASN A 378 -22.57 -39.83 13.64
N ASP A 379 -23.00 -40.64 12.66
CA ASP A 379 -24.24 -40.48 11.89
C ASP A 379 -24.40 -39.04 11.36
N GLU A 380 -23.30 -38.52 10.77
CA GLU A 380 -23.21 -37.18 10.18
C GLU A 380 -23.17 -37.27 8.65
N ASP A 381 -23.87 -36.35 7.98
CA ASP A 381 -23.87 -36.23 6.52
C ASP A 381 -22.58 -35.59 6.10
N LEU A 382 -22.16 -35.84 4.89
CA LEU A 382 -20.89 -35.32 4.40
C LEU A 382 -21.05 -34.83 2.98
N VAL A 383 -20.42 -33.71 2.67
CA VAL A 383 -20.42 -33.16 1.33
C VAL A 383 -18.99 -32.78 0.98
N MET A 384 -18.59 -33.08 -0.28
CA MET A 384 -17.28 -32.75 -0.83
C MET A 384 -17.48 -32.14 -2.19
N ILE A 385 -16.67 -31.12 -2.51
CA ILE A 385 -16.81 -30.37 -3.77
C ILE A 385 -15.48 -30.22 -4.46
N TYR A 386 -15.50 -30.45 -5.77
CA TYR A 386 -14.38 -30.23 -6.64
C TYR A 386 -14.88 -29.76 -7.99
N ALA A 387 -14.84 -28.43 -8.25
CA ALA A 387 -15.32 -27.85 -9.54
C ALA A 387 -16.75 -28.36 -9.83
N ASP A 388 -16.98 -29.04 -10.98
CA ASP A 388 -18.30 -29.60 -11.35
C ASP A 388 -18.63 -30.96 -10.69
N ASN A 389 -17.79 -31.45 -9.74
CA ASN A 389 -18.05 -32.71 -9.04
C ASN A 389 -18.54 -32.48 -7.60
N ILE A 390 -19.67 -33.10 -7.25
CA ILE A 390 -20.21 -33.08 -5.89
C ILE A 390 -20.23 -34.51 -5.39
N TYR A 391 -19.83 -34.71 -4.15
CA TYR A 391 -19.89 -36.00 -3.46
C TYR A 391 -20.71 -35.80 -2.21
N ILE A 392 -21.74 -36.64 -2.03
CA ILE A 392 -22.61 -36.60 -0.86
C ILE A 392 -22.64 -37.97 -0.19
N LEU A 393 -22.42 -37.97 1.12
CA LEU A 393 -22.57 -39.12 1.99
C LEU A 393 -23.80 -38.85 2.85
N GLN A 394 -24.89 -39.61 2.64
CA GLN A 394 -26.09 -39.57 3.47
C GLN A 394 -26.81 -40.91 3.35
N ASP A 395 -27.49 -41.33 4.44
CA ASP A 395 -28.29 -42.55 4.55
C ASP A 395 -27.46 -43.82 4.20
N ASN A 396 -26.26 -43.94 4.79
CA ASN A 396 -25.29 -45.05 4.57
C ASN A 396 -25.03 -45.29 3.05
N THR A 397 -25.04 -44.20 2.26
CA THR A 397 -24.85 -44.25 0.83
C THR A 397 -23.93 -43.11 0.37
N TRP A 398 -23.05 -43.42 -0.61
CA TRP A 398 -22.13 -42.48 -1.25
C TRP A 398 -22.68 -42.13 -2.63
N TYR A 399 -22.88 -40.82 -2.89
CA TYR A 399 -23.40 -40.32 -4.15
C TYR A 399 -22.38 -39.45 -4.84
N SER A 400 -22.20 -39.70 -6.14
CA SER A 400 -21.39 -38.89 -7.02
C SER A 400 -22.34 -38.14 -7.93
N ILE A 401 -22.36 -36.81 -7.78
CA ILE A 401 -23.22 -35.93 -8.57
C ILE A 401 -22.35 -35.01 -9.42
N ASP A 402 -22.60 -34.99 -10.72
CA ASP A 402 -21.84 -34.12 -11.61
C ASP A 402 -22.73 -33.14 -12.26
N LEU A 403 -22.25 -31.90 -12.42
CA LEU A 403 -23.00 -30.91 -13.19
C LEU A 403 -23.11 -31.42 -14.60
N GLU A 404 -24.23 -31.19 -15.24
CA GLU A 404 -24.42 -31.66 -16.60
C GLU A 404 -23.77 -30.64 -17.53
N LYS A 405 -22.68 -31.04 -18.23
CA LYS A 405 -21.91 -30.19 -19.14
C LYS A 405 -21.60 -28.85 -18.45
N GLY A 406 -21.10 -28.98 -17.20
CA GLY A 406 -20.80 -27.93 -16.25
C GLY A 406 -20.69 -26.51 -16.76
N GLU A 407 -19.70 -26.27 -17.62
CA GLU A 407 -19.34 -24.99 -18.21
C GLU A 407 -20.53 -24.26 -18.87
N ALA A 408 -21.48 -24.99 -19.47
CA ALA A 408 -22.64 -24.44 -20.19
C ALA A 408 -23.65 -23.77 -19.25
N ASN A 409 -23.60 -24.07 -17.95
CA ASN A 409 -24.51 -23.53 -16.91
C ASN A 409 -24.04 -22.16 -16.39
N CYS A 410 -22.81 -21.78 -16.70
CA CYS A 410 -22.19 -20.55 -16.22
C CYS A 410 -22.72 -19.30 -16.92
N THR A 411 -23.08 -18.29 -16.10
CA THR A 411 -23.45 -16.96 -16.58
C THR A 411 -22.27 -16.03 -16.35
N PRO A 412 -22.12 -14.90 -17.07
CA PRO A 412 -21.02 -13.96 -16.73
C PRO A 412 -21.08 -13.53 -15.25
N GLN A 413 -22.30 -13.48 -14.66
CA GLN A 413 -22.55 -13.10 -13.29
C GLN A 413 -21.99 -14.11 -12.29
N HIS A 414 -21.90 -15.41 -12.66
CA HIS A 414 -21.27 -16.42 -11.79
C HIS A 414 -19.77 -16.09 -11.66
N MET A 415 -19.11 -15.77 -12.81
CA MET A 415 -17.70 -15.45 -12.80
C MET A 415 -17.44 -14.12 -12.08
N GLN A 416 -18.37 -13.16 -12.23
CA GLN A 416 -18.28 -11.86 -11.55
C GLN A 416 -18.29 -12.04 -10.03
N ALA A 417 -19.15 -12.96 -9.52
CA ALA A 417 -19.24 -13.28 -8.09
C ALA A 417 -17.93 -13.94 -7.60
N MET A 418 -17.30 -14.78 -8.46
CA MET A 418 -16.02 -15.39 -8.14
C MET A 418 -14.95 -14.29 -8.04
N MET A 419 -14.96 -13.32 -8.99
CA MET A 419 -14.02 -12.17 -9.00
C MET A 419 -14.19 -11.32 -7.73
N TYR A 420 -15.44 -11.14 -7.28
CA TYR A 420 -15.75 -10.44 -6.03
C TYR A 420 -15.09 -11.17 -4.85
N TYR A 421 -15.27 -12.52 -4.76
CA TYR A 421 -14.70 -13.33 -3.70
C TYR A 421 -13.17 -13.26 -3.70
N LEU A 422 -12.52 -13.35 -4.86
CA LEU A 422 -11.05 -13.29 -4.95
C LEU A 422 -10.51 -11.92 -4.53
N LEU A 423 -11.17 -10.83 -4.97
CA LEU A 423 -10.71 -9.47 -4.66
C LEU A 423 -11.00 -9.03 -3.25
N THR A 424 -12.03 -9.59 -2.59
CA THR A 424 -12.35 -9.20 -1.21
C THR A 424 -11.62 -10.11 -0.21
N ARG A 425 -11.59 -11.45 -0.43
CA ARG A 425 -10.99 -12.38 0.53
C ARG A 425 -9.50 -12.71 0.23
N GLY A 426 -9.06 -12.47 -1.00
CA GLY A 426 -7.68 -12.73 -1.40
C GLY A 426 -6.86 -11.47 -1.54
N TRP A 427 -7.21 -10.61 -2.49
CA TRP A 427 -6.50 -9.37 -2.83
C TRP A 427 -6.78 -8.23 -1.86
N THR A 428 -6.47 -8.48 -0.61
CA THR A 428 -6.70 -7.54 0.46
C THR A 428 -5.54 -7.59 1.47
N ASN A 429 -5.21 -6.44 2.03
CA ASN A 429 -4.18 -6.33 3.08
C ASN A 429 -4.83 -6.61 4.44
N GLU A 430 -4.02 -6.84 5.48
CA GLU A 430 -4.52 -7.11 6.84
C GLU A 430 -5.35 -5.95 7.40
N ASP A 431 -5.01 -4.70 7.04
CA ASP A 431 -5.76 -3.53 7.51
C ASP A 431 -7.13 -3.36 6.75
N GLY A 432 -7.36 -4.22 5.75
CA GLY A 432 -8.57 -4.23 4.93
C GLY A 432 -8.48 -3.38 3.66
N SER A 433 -7.31 -2.78 3.38
CA SER A 433 -7.13 -1.97 2.18
C SER A 433 -6.92 -2.89 0.98
N PRO A 434 -7.42 -2.50 -0.22
CA PRO A 434 -7.32 -3.38 -1.39
C PRO A 434 -5.87 -3.58 -1.91
N ARG A 435 -5.58 -4.78 -2.43
CA ARG A 435 -4.31 -5.10 -3.10
C ARG A 435 -4.55 -5.00 -4.63
N TYR A 436 -5.18 -3.91 -5.03
CA TYR A 436 -5.52 -3.60 -6.41
C TYR A 436 -5.84 -2.16 -6.50
N ASN A 437 -5.84 -1.63 -7.72
CA ASN A 437 -6.16 -0.24 -8.00
C ASN A 437 -7.46 -0.19 -8.86
N PRO A 438 -8.05 1.00 -9.18
CA PRO A 438 -9.31 0.99 -9.96
C PRO A 438 -9.23 0.29 -11.32
N THR A 439 -8.10 0.40 -12.02
CA THR A 439 -7.97 -0.26 -13.35
C THR A 439 -8.15 -1.79 -13.25
N TRP A 440 -7.50 -2.42 -12.27
CA TRP A 440 -7.61 -3.85 -12.11
C TRP A 440 -9.00 -4.28 -11.57
N ALA A 441 -9.67 -3.42 -10.77
CA ALA A 441 -11.05 -3.64 -10.29
C ALA A 441 -12.00 -3.60 -11.49
N THR A 442 -11.72 -2.72 -12.48
CA THR A 442 -12.52 -2.58 -13.72
C THR A 442 -12.35 -3.82 -14.57
N PHE A 443 -11.12 -4.27 -14.77
CA PHE A 443 -10.88 -5.45 -15.58
C PHE A 443 -11.58 -6.65 -14.95
N ALA A 444 -11.32 -6.89 -13.67
CA ALA A 444 -11.83 -8.07 -12.96
C ALA A 444 -13.35 -8.09 -12.83
N MET A 445 -13.96 -6.96 -12.41
CA MET A 445 -15.40 -6.91 -12.16
C MET A 445 -16.25 -6.55 -13.37
N ASN A 446 -15.77 -5.68 -14.24
CA ASN A 446 -16.60 -5.12 -15.31
C ASN A 446 -16.37 -5.65 -16.71
N VAL A 447 -15.21 -6.19 -17.01
CA VAL A 447 -14.87 -6.61 -18.36
C VAL A 447 -14.57 -8.13 -18.44
N ALA A 448 -13.61 -8.66 -17.63
CA ALA A 448 -13.16 -10.09 -17.66
C ALA A 448 -14.31 -11.13 -17.72
N PRO A 449 -15.39 -11.08 -16.90
CA PRO A 449 -16.42 -12.13 -17.03
C PRO A 449 -17.05 -12.27 -18.42
N SER A 450 -17.22 -11.17 -19.17
CA SER A 450 -17.82 -11.24 -20.51
C SER A 450 -16.79 -11.51 -21.59
N MET A 451 -15.53 -11.61 -21.22
CA MET A 451 -14.52 -11.98 -22.20
C MET A 451 -14.45 -13.50 -22.37
N VAL A 452 -14.85 -14.28 -21.36
CA VAL A 452 -14.73 -15.76 -21.45
C VAL A 452 -16.06 -16.46 -21.13
N VAL A 453 -17.12 -15.71 -20.76
CA VAL A 453 -18.43 -16.29 -20.48
C VAL A 453 -19.48 -15.62 -21.39
N ASP A 454 -20.18 -16.45 -22.22
CA ASP A 454 -21.20 -16.00 -23.18
C ASP A 454 -20.59 -15.05 -24.20
N SER A 455 -19.37 -15.39 -24.62
CA SER A 455 -18.72 -14.58 -25.61
C SER A 455 -18.75 -15.33 -26.93
N SER A 456 -17.60 -15.62 -27.53
CA SER A 456 -17.62 -16.28 -28.84
C SER A 456 -16.45 -17.21 -29.05
N CYS A 457 -16.54 -18.01 -30.11
CA CYS A 457 -15.47 -18.94 -30.49
C CYS A 457 -15.28 -18.94 -32.02
N LEU A 458 -14.18 -19.53 -32.48
CA LEU A 458 -13.85 -19.61 -33.90
C LEU A 458 -13.65 -21.05 -34.33
N LEU A 459 -14.39 -21.44 -35.37
CA LEU A 459 -14.32 -22.76 -35.98
C LEU A 459 -14.40 -22.53 -37.46
N MET A 460 -13.33 -22.91 -38.20
CA MET A 460 -13.18 -22.62 -39.65
C MET A 460 -13.13 -21.07 -39.75
N ASN A 461 -13.94 -20.44 -40.59
CA ASN A 461 -13.98 -18.96 -40.62
C ASN A 461 -15.23 -18.42 -39.86
N LEU A 462 -15.95 -19.32 -39.16
CA LEU A 462 -17.19 -18.98 -38.47
C LEU A 462 -16.95 -18.52 -37.03
N GLN A 463 -17.47 -17.32 -36.71
CA GLN A 463 -17.42 -16.76 -35.36
C GLN A 463 -18.76 -17.09 -34.72
N LEU A 464 -18.75 -18.09 -33.85
CA LEU A 464 -19.93 -18.65 -33.21
C LEU A 464 -20.08 -18.17 -31.80
N LYS A 465 -21.33 -18.11 -31.34
CA LYS A 465 -21.64 -17.76 -29.96
C LYS A 465 -21.19 -18.89 -29.04
N THR A 466 -20.70 -18.54 -27.84
CA THR A 466 -20.39 -19.50 -26.80
C THR A 466 -21.53 -19.42 -25.76
N TYR A 467 -22.13 -20.56 -25.44
CA TYR A 467 -23.16 -20.62 -24.39
C TYR A 467 -22.45 -21.12 -23.12
N GLY A 468 -22.41 -20.26 -22.11
CA GLY A 468 -21.74 -20.53 -20.86
C GLY A 468 -20.28 -20.14 -20.90
N GLN A 469 -19.47 -20.68 -19.97
CA GLN A 469 -18.06 -20.35 -19.92
C GLN A 469 -17.28 -21.24 -20.85
N GLY A 470 -16.25 -20.68 -21.44
CA GLY A 470 -15.39 -21.43 -22.34
C GLY A 470 -14.56 -22.42 -21.58
N SER A 471 -14.77 -23.71 -21.84
CA SER A 471 -14.08 -24.83 -21.20
C SER A 471 -12.57 -24.78 -21.47
N GLY A 472 -11.79 -24.68 -20.40
CA GLY A 472 -10.35 -24.58 -20.50
C GLY A 472 -9.84 -23.21 -20.15
N ASN A 473 -10.72 -22.18 -20.04
CA ASN A 473 -10.27 -20.83 -19.65
C ASN A 473 -9.71 -20.92 -18.21
N ALA A 474 -8.87 -19.97 -17.81
CA ALA A 474 -8.22 -19.88 -16.50
C ALA A 474 -9.18 -20.02 -15.30
N PHE A 475 -10.44 -19.59 -15.45
CA PHE A 475 -11.44 -19.65 -14.36
C PHE A 475 -12.38 -20.85 -14.46
N THR A 476 -12.09 -21.85 -15.33
CA THR A 476 -12.98 -23.02 -15.52
C THR A 476 -13.29 -23.69 -14.15
N PHE A 477 -12.26 -24.14 -13.44
CA PHE A 477 -12.41 -24.79 -12.11
C PHE A 477 -13.19 -23.90 -11.14
N LEU A 478 -12.77 -22.62 -10.99
CA LEU A 478 -13.35 -21.67 -10.03
C LEU A 478 -14.82 -21.41 -10.27
N ASN A 479 -15.20 -21.15 -11.52
CA ASN A 479 -16.60 -20.91 -11.89
C ASN A 479 -17.46 -22.17 -11.71
N ASN A 480 -16.93 -23.35 -12.07
CA ASN A 480 -17.65 -24.62 -11.89
C ASN A 480 -17.82 -24.92 -10.39
N HIS A 481 -16.77 -24.64 -9.57
CA HIS A 481 -16.81 -24.86 -8.13
C HIS A 481 -17.87 -23.96 -7.48
N LEU A 482 -18.03 -22.71 -7.97
CA LEU A 482 -19.04 -21.78 -7.45
C LEU A 482 -20.45 -22.31 -7.76
N MET A 483 -20.68 -22.82 -8.99
CA MET A 483 -21.96 -23.39 -9.38
C MET A 483 -22.31 -24.61 -8.52
N SER A 484 -21.33 -25.50 -8.22
CA SER A 484 -21.57 -26.65 -7.34
C SER A 484 -21.89 -26.17 -5.91
N THR A 485 -21.25 -25.07 -5.45
CA THR A 485 -21.46 -24.46 -4.13
C THR A 485 -22.94 -24.01 -4.00
N ILE A 486 -23.48 -23.41 -5.10
CA ILE A 486 -24.88 -22.96 -5.17
C ILE A 486 -25.83 -24.20 -5.04
N VAL A 487 -25.53 -25.28 -5.78
CA VAL A 487 -26.34 -26.52 -5.76
C VAL A 487 -26.31 -27.12 -4.32
N VAL A 488 -25.12 -27.18 -3.71
CA VAL A 488 -24.92 -27.70 -2.34
C VAL A 488 -25.65 -26.80 -1.32
N ALA A 489 -25.50 -25.47 -1.40
CA ALA A 489 -26.18 -24.52 -0.51
C ALA A 489 -27.72 -24.71 -0.56
N GLU A 490 -28.26 -24.96 -1.77
CA GLU A 490 -29.68 -25.18 -1.96
C GLU A 490 -30.12 -26.55 -1.42
N TRP A 491 -29.24 -27.56 -1.47
CA TRP A 491 -29.48 -28.91 -0.90
C TRP A 491 -29.59 -28.76 0.61
N VAL A 492 -28.66 -28.01 1.24
CA VAL A 492 -28.68 -27.73 2.68
C VAL A 492 -29.97 -26.95 3.06
N LYS A 493 -30.31 -25.89 2.27
CA LYS A 493 -31.52 -25.09 2.52
C LYS A 493 -32.80 -25.97 2.45
N ALA A 494 -32.88 -26.90 1.46
CA ALA A 494 -34.04 -27.78 1.27
C ALA A 494 -34.12 -28.91 2.32
N GLY A 495 -33.25 -28.88 3.33
CA GLY A 495 -33.23 -29.86 4.41
C GLY A 495 -32.53 -31.15 4.04
N LYS A 496 -31.48 -31.05 3.18
CA LYS A 496 -30.64 -32.15 2.68
C LYS A 496 -31.49 -33.33 2.12
N PRO A 497 -32.38 -33.10 1.11
CA PRO A 497 -33.13 -34.23 0.53
C PRO A 497 -32.17 -35.24 -0.12
N ASN A 498 -32.51 -36.53 -0.01
CA ASN A 498 -31.69 -37.60 -0.57
C ASN A 498 -31.51 -37.36 -2.09
N PRO A 499 -30.27 -37.50 -2.63
CA PRO A 499 -30.04 -37.26 -4.06
C PRO A 499 -30.92 -38.07 -5.03
N MET A 500 -31.54 -39.19 -4.59
CA MET A 500 -32.38 -40.04 -5.47
C MET A 500 -33.85 -39.59 -5.52
N THR A 501 -34.23 -38.57 -4.74
CA THR A 501 -35.61 -38.07 -4.63
C THR A 501 -35.89 -36.90 -5.61
N LYS A 502 -37.19 -36.63 -5.88
CA LYS A 502 -37.65 -35.54 -6.75
C LYS A 502 -37.24 -34.19 -6.16
N GLU A 503 -37.33 -34.05 -4.83
CA GLU A 503 -36.95 -32.84 -4.10
C GLU A 503 -35.47 -32.46 -4.39
N PHE A 504 -34.57 -33.46 -4.54
CA PHE A 504 -33.18 -33.14 -4.90
C PHE A 504 -33.10 -32.70 -6.37
N MET A 505 -33.78 -33.42 -7.27
CA MET A 505 -33.80 -33.10 -8.69
C MET A 505 -34.43 -31.73 -8.95
N ASP A 506 -35.34 -31.28 -8.07
CA ASP A 506 -35.99 -29.97 -8.13
C ASP A 506 -34.99 -28.80 -7.96
N LEU A 507 -33.78 -29.08 -7.43
CA LEU A 507 -32.75 -28.06 -7.26
C LEU A 507 -32.20 -27.59 -8.63
N GLU A 508 -32.43 -28.38 -9.68
CA GLU A 508 -32.03 -27.99 -11.05
C GLU A 508 -32.74 -26.68 -11.44
N GLU A 509 -34.08 -26.66 -11.30
CA GLU A 509 -34.92 -25.49 -11.62
C GLU A 509 -34.65 -24.36 -10.64
N LYS A 510 -34.48 -24.68 -9.36
CA LYS A 510 -34.24 -23.65 -8.35
C LYS A 510 -32.92 -22.87 -8.64
N THR A 511 -31.89 -23.56 -9.12
CA THR A 511 -30.55 -22.96 -9.33
C THR A 511 -30.22 -22.56 -10.78
N GLY A 512 -30.96 -23.12 -11.75
CA GLY A 512 -30.70 -22.90 -13.19
C GLY A 512 -29.48 -23.72 -13.62
N ILE A 513 -29.03 -24.66 -12.74
CA ILE A 513 -27.86 -25.50 -12.97
C ILE A 513 -28.29 -26.96 -13.12
N ASN A 514 -27.99 -27.55 -14.29
CA ASN A 514 -28.29 -28.95 -14.61
C ASN A 514 -27.27 -29.86 -13.96
N PHE A 515 -27.72 -31.01 -13.46
CA PHE A 515 -26.80 -31.97 -12.86
C PHE A 515 -27.40 -33.36 -12.95
N LYS A 516 -26.58 -34.39 -12.74
CA LYS A 516 -27.10 -35.76 -12.68
C LYS A 516 -26.33 -36.61 -11.69
N ILE A 517 -27.03 -37.60 -11.13
CA ILE A 517 -26.45 -38.57 -10.20
C ILE A 517 -25.72 -39.56 -11.07
N GLU A 518 -24.39 -39.58 -10.97
CA GLU A 518 -23.52 -40.43 -11.77
C GLU A 518 -23.19 -41.78 -11.11
N ARG A 519 -23.28 -41.85 -9.77
CA ARG A 519 -22.94 -43.05 -9.02
C ARG A 519 -23.66 -43.06 -7.69
N GLU A 520 -24.11 -44.24 -7.30
CA GLU A 520 -24.76 -44.49 -6.02
C GLU A 520 -24.10 -45.74 -5.45
N LEU A 521 -23.38 -45.57 -4.34
CA LEU A 521 -22.68 -46.65 -3.66
C LEU A 521 -23.45 -46.96 -2.39
N LYS A 522 -24.35 -47.94 -2.48
CA LYS A 522 -25.23 -48.36 -1.38
C LYS A 522 -24.47 -49.21 -0.36
N ASN A 523 -25.01 -49.26 0.89
CA ASN A 523 -24.50 -50.03 2.03
C ASN A 523 -23.02 -49.73 2.22
N LEU A 524 -22.70 -48.44 2.37
CA LEU A 524 -21.35 -47.92 2.47
C LEU A 524 -20.59 -48.50 3.68
N ARG A 525 -21.19 -48.49 4.89
CA ARG A 525 -20.58 -49.04 6.12
C ARG A 525 -20.11 -50.49 5.91
N GLU A 526 -20.97 -51.32 5.28
CA GLU A 526 -20.73 -52.73 5.02
C GLU A 526 -19.66 -52.93 3.94
N THR A 527 -19.67 -52.05 2.91
CA THR A 527 -18.70 -52.07 1.81
C THR A 527 -17.26 -51.87 2.35
N ILE A 528 -17.10 -50.93 3.30
CA ILE A 528 -15.82 -50.60 3.93
C ILE A 528 -15.31 -51.79 4.78
N VAL A 529 -16.21 -52.42 5.56
CA VAL A 529 -15.89 -53.59 6.39
C VAL A 529 -15.40 -54.74 5.48
N GLU A 530 -16.09 -54.97 4.35
CA GLU A 530 -15.77 -55.99 3.37
C GLU A 530 -14.39 -55.73 2.76
N ALA A 531 -14.09 -54.45 2.41
CA ALA A 531 -12.82 -54.03 1.83
C ALA A 531 -11.66 -54.38 2.77
N VAL A 532 -11.83 -54.14 4.07
CA VAL A 532 -10.80 -54.43 5.07
C VAL A 532 -10.66 -55.97 5.26
N GLU A 533 -11.79 -56.69 5.35
CA GLU A 533 -11.81 -58.14 5.61
C GLU A 533 -11.32 -58.98 4.42
N THR A 534 -11.58 -58.53 3.17
CA THR A 534 -11.16 -59.26 1.96
C THR A 534 -9.75 -58.87 1.50
N ALA A 535 -9.06 -57.95 2.21
CA ALA A 535 -7.69 -57.52 1.86
C ALA A 535 -6.76 -58.73 1.77
N PRO A 536 -6.06 -58.92 0.63
CA PRO A 536 -5.22 -60.14 0.50
C PRO A 536 -4.04 -60.17 1.46
N GLN A 537 -3.57 -61.37 1.79
CA GLN A 537 -2.42 -61.57 2.66
C GLN A 537 -1.13 -61.69 1.83
N ASP A 538 -1.29 -61.98 0.52
CA ASP A 538 -0.20 -62.19 -0.42
C ASP A 538 -0.05 -61.02 -1.41
N GLY A 539 1.19 -60.75 -1.78
CA GLY A 539 1.52 -59.78 -2.81
C GLY A 539 1.84 -58.38 -2.35
N TYR A 540 1.76 -57.46 -3.33
CA TYR A 540 1.97 -56.03 -3.19
C TYR A 540 1.12 -55.45 -2.06
N LEU A 541 1.77 -54.67 -1.17
CA LEU A 541 1.17 -53.95 -0.03
C LEU A 541 0.41 -54.87 0.95
N ALA A 542 0.70 -56.18 0.88
CA ALA A 542 0.16 -57.25 1.72
C ALA A 542 1.32 -57.93 2.44
N ASP A 543 2.17 -58.72 1.73
CA ASP A 543 3.31 -59.41 2.34
C ASP A 543 4.70 -58.92 1.83
N GLY A 544 4.71 -57.84 1.04
CA GLY A 544 5.92 -57.21 0.55
C GLY A 544 6.56 -57.78 -0.70
N SER A 545 5.94 -58.85 -1.27
CA SER A 545 6.44 -59.49 -2.50
C SER A 545 6.05 -58.64 -3.72
N ASP A 546 6.81 -58.76 -4.80
CA ASP A 546 6.61 -57.95 -6.00
C ASP A 546 5.64 -58.63 -6.95
N LEU A 547 4.48 -59.04 -6.43
CA LEU A 547 3.48 -59.75 -7.22
C LEU A 547 2.09 -59.25 -6.95
N PRO A 548 1.19 -59.25 -7.96
CA PRO A 548 -0.21 -58.88 -7.68
C PRO A 548 -0.87 -59.96 -6.81
N PRO A 549 -1.95 -59.67 -6.06
CA PRO A 549 -2.62 -60.77 -5.32
C PRO A 549 -3.29 -61.73 -6.30
N ILE A 550 -3.45 -63.00 -5.94
CA ILE A 550 -4.13 -63.95 -6.83
C ILE A 550 -5.61 -63.54 -6.90
N ARG A 551 -6.16 -63.19 -5.72
CA ARG A 551 -7.53 -62.72 -5.53
C ARG A 551 -7.52 -61.31 -4.86
N PRO A 552 -7.66 -60.23 -5.67
CA PRO A 552 -7.75 -58.88 -5.08
C PRO A 552 -8.90 -58.69 -4.10
N GLY A 553 -8.71 -57.80 -3.13
CA GLY A 553 -9.73 -57.46 -2.15
C GLY A 553 -10.79 -56.54 -2.76
N LYS A 554 -11.92 -56.38 -2.06
CA LYS A 554 -13.02 -55.51 -2.46
C LYS A 554 -12.58 -54.05 -2.46
N ALA A 555 -12.84 -53.31 -3.55
CA ALA A 555 -12.56 -51.87 -3.60
C ALA A 555 -13.77 -51.07 -3.12
N VAL A 556 -13.52 -49.92 -2.47
CA VAL A 556 -14.56 -48.94 -2.08
C VAL A 556 -14.58 -48.01 -3.30
N GLU A 557 -15.55 -48.22 -4.20
CA GLU A 557 -15.59 -47.53 -5.51
C GLU A 557 -16.20 -46.11 -5.43
N LEU A 558 -15.49 -45.24 -4.72
CA LEU A 558 -15.91 -43.87 -4.48
C LEU A 558 -15.94 -43.05 -5.75
N ASP A 559 -15.04 -43.38 -6.71
CA ASP A 559 -14.77 -42.63 -7.94
C ASP A 559 -14.49 -41.18 -7.53
N LEU A 560 -13.70 -41.02 -6.45
CA LEU A 560 -13.33 -39.72 -5.92
C LEU A 560 -12.30 -39.13 -6.84
N LEU A 561 -12.72 -38.23 -7.74
CA LEU A 561 -11.87 -37.62 -8.78
C LEU A 561 -11.16 -38.74 -9.61
N GLY A 562 -11.88 -39.85 -9.84
CA GLY A 562 -11.39 -40.98 -10.60
C GLY A 562 -10.71 -42.07 -9.81
N TRP A 563 -10.70 -41.99 -8.47
CA TRP A 563 -10.02 -43.01 -7.64
C TRP A 563 -10.94 -43.81 -6.75
N SER A 564 -10.62 -45.10 -6.61
CA SER A 564 -11.23 -46.06 -5.68
C SER A 564 -10.25 -46.30 -4.54
N ALA A 565 -10.74 -46.87 -3.44
CA ALA A 565 -9.90 -47.16 -2.28
C ALA A 565 -9.80 -48.67 -2.05
N ILE A 566 -8.58 -49.15 -1.76
CA ILE A 566 -8.27 -50.56 -1.48
C ILE A 566 -7.53 -50.60 -0.16
N TYR A 567 -7.82 -51.59 0.68
CA TYR A 567 -7.17 -51.72 1.97
C TYR A 567 -5.85 -52.52 1.85
N SER A 568 -4.78 -51.95 2.44
CA SER A 568 -3.45 -52.54 2.47
C SER A 568 -3.16 -53.11 3.85
N ARG A 569 -2.86 -54.40 3.95
CA ARG A 569 -2.50 -55.05 5.22
C ARG A 569 -1.10 -54.63 5.67
N GLN A 570 -0.16 -54.45 4.73
CA GLN A 570 1.23 -54.07 5.04
C GLN A 570 1.29 -52.68 5.66
N MET A 571 0.54 -51.74 5.09
CA MET A 571 0.56 -50.34 5.52
C MET A 571 -0.54 -50.00 6.53
N GLU A 572 -1.55 -50.90 6.66
CA GLU A 572 -2.69 -50.78 7.57
C GLU A 572 -3.46 -49.50 7.29
N MET A 573 -3.75 -49.30 6.01
CA MET A 573 -4.48 -48.14 5.53
C MET A 573 -5.07 -48.39 4.17
N PHE A 574 -5.99 -47.52 3.78
CA PHE A 574 -6.56 -47.50 2.43
C PHE A 574 -5.59 -46.75 1.53
N VAL A 575 -5.43 -47.28 0.31
CA VAL A 575 -4.57 -46.72 -0.73
C VAL A 575 -5.41 -46.51 -2.00
N PRO A 576 -5.07 -45.56 -2.89
CA PRO A 576 -5.89 -45.39 -4.09
C PRO A 576 -5.52 -46.34 -5.22
N VAL A 577 -6.54 -46.67 -6.01
CA VAL A 577 -6.43 -47.41 -7.27
C VAL A 577 -7.33 -46.68 -8.26
N LEU A 578 -6.82 -46.47 -9.47
CA LEU A 578 -7.58 -45.81 -10.51
C LEU A 578 -8.89 -46.56 -10.74
N GLU A 579 -10.04 -45.84 -10.80
CA GLU A 579 -11.34 -46.46 -11.03
CA GLU A 579 -11.34 -46.44 -11.08
C GLU A 579 -11.21 -47.40 -12.27
N ASN A 580 -11.72 -48.63 -12.15
CA ASN A 580 -11.59 -49.70 -13.13
C ASN A 580 -11.86 -49.29 -14.60
N GLU A 581 -12.98 -48.61 -14.87
CA GLU A 581 -13.35 -48.20 -16.24
C GLU A 581 -12.27 -47.29 -16.87
N ARG A 582 -11.72 -46.36 -16.08
CA ARG A 582 -10.66 -45.46 -16.51
C ARG A 582 -9.36 -46.22 -16.77
N LEU A 583 -9.03 -47.18 -15.89
CA LEU A 583 -7.86 -48.02 -16.02
C LEU A 583 -7.89 -48.83 -17.32
N ILE A 584 -9.03 -49.46 -17.62
CA ILE A 584 -9.21 -50.27 -18.82
C ILE A 584 -9.15 -49.39 -20.08
N ALA A 585 -9.87 -48.25 -20.10
CA ALA A 585 -9.85 -47.35 -21.28
C ALA A 585 -8.43 -46.89 -21.60
N SER A 586 -7.66 -46.54 -20.56
CA SER A 586 -6.27 -46.08 -20.69
C SER A 586 -5.34 -47.21 -21.17
N ALA A 587 -5.58 -48.47 -20.71
CA ALA A 587 -4.83 -49.66 -21.16
C ALA A 587 -5.13 -49.97 -22.63
N ALA A 588 -6.42 -49.85 -23.04
CA ALA A 588 -6.87 -50.11 -24.42
C ALA A 588 -6.37 -49.04 -25.41
N TYR A 589 -6.51 -47.74 -25.02
CA TYR A 589 -6.11 -46.62 -25.86
C TYR A 589 -5.15 -45.68 -25.15
N PRO A 590 -3.85 -46.03 -25.09
CA PRO A 590 -2.90 -45.12 -24.42
C PRO A 590 -2.69 -43.83 -25.21
N LYS A 591 -2.48 -42.72 -24.49
CA LYS A 591 -2.14 -41.46 -25.14
C LYS A 591 -0.67 -41.58 -25.52
N GLY A 592 -0.29 -41.15 -26.72
CA GLY A 592 1.11 -41.17 -27.12
C GLY A 592 1.82 -39.91 -26.67
N LEU A 593 3.01 -39.66 -27.21
CA LEU A 593 3.76 -38.42 -26.94
C LEU A 593 3.11 -37.31 -27.73
N GLU A 594 2.40 -36.40 -27.07
CA GLU A 594 1.72 -35.33 -27.81
C GLU A 594 2.53 -34.02 -27.72
N ASN A 595 3.82 -34.14 -28.12
CA ASN A 595 4.83 -33.09 -28.14
C ASN A 595 5.85 -33.42 -29.21
N LYS A 596 5.80 -32.70 -30.35
CA LYS A 596 6.67 -32.90 -31.52
C LYS A 596 8.17 -32.81 -31.17
N ALA A 597 8.56 -31.80 -30.36
CA ALA A 597 9.94 -31.55 -29.93
C ALA A 597 10.55 -32.74 -29.16
N LEU A 598 9.84 -33.24 -28.12
CA LEU A 598 10.29 -34.37 -27.32
C LEU A 598 10.29 -35.67 -28.14
N ALA A 599 9.28 -35.86 -29.01
CA ALA A 599 9.15 -37.02 -29.89
C ALA A 599 10.33 -37.12 -30.86
N ARG A 600 10.87 -35.96 -31.31
CA ARG A 600 12.02 -35.84 -32.22
C ARG A 600 13.33 -36.35 -31.60
N LYS A 601 13.51 -36.13 -30.26
CA LYS A 601 14.71 -36.53 -29.50
C LYS A 601 14.95 -38.06 -29.55
N PRO A 602 16.21 -38.53 -29.68
CA PRO A 602 16.45 -39.99 -29.74
C PRO A 602 16.28 -40.66 -28.39
N ALA A 604 13.57 -41.35 -26.73
CA ALA A 604 12.34 -40.77 -26.16
C ALA A 604 11.12 -41.65 -26.47
N GLU A 605 10.94 -42.09 -27.74
CA GLU A 605 9.81 -42.92 -28.15
C GLU A 605 9.85 -44.29 -27.46
N ILE A 606 11.06 -44.84 -27.28
CA ILE A 606 11.20 -46.13 -26.62
C ILE A 606 11.12 -45.95 -25.09
N ALA A 607 11.47 -44.74 -24.59
CA ALA A 607 11.35 -44.39 -23.17
C ALA A 607 9.86 -44.24 -22.81
N TYR A 608 9.07 -43.62 -23.72
CA TYR A 608 7.64 -43.42 -23.56
C TYR A 608 6.93 -44.78 -23.41
N GLN A 609 7.37 -45.79 -24.16
CA GLN A 609 6.86 -47.16 -24.14
C GLN A 609 6.98 -47.76 -22.75
N ILE A 610 8.13 -47.55 -22.08
CA ILE A 610 8.38 -48.02 -20.72
C ILE A 610 7.48 -47.23 -19.75
N VAL A 611 7.41 -45.89 -19.90
CA VAL A 611 6.60 -44.99 -19.07
C VAL A 611 5.11 -45.43 -19.07
N ARG A 612 4.54 -45.66 -20.26
CA ARG A 612 3.15 -46.09 -20.46
C ARG A 612 2.82 -47.31 -19.59
N TYR A 613 3.63 -48.38 -19.64
CA TYR A 613 3.39 -49.61 -18.88
C TYR A 613 3.66 -49.44 -17.38
N GLU A 614 4.69 -48.65 -17.00
CA GLU A 614 5.00 -48.40 -15.59
C GLU A 614 3.89 -47.58 -14.93
N ALA A 615 3.40 -46.51 -15.62
CA ALA A 615 2.36 -45.64 -15.09
C ALA A 615 1.04 -46.37 -14.92
N ILE A 616 0.64 -47.23 -15.89
CA ILE A 616 -0.60 -48.00 -15.79
C ILE A 616 -0.53 -48.95 -14.54
N ARG A 617 0.68 -49.48 -14.23
CA ARG A 617 0.90 -50.33 -13.08
C ARG A 617 0.78 -49.52 -11.79
N LEU A 618 1.48 -48.35 -11.73
CA LEU A 618 1.52 -47.46 -10.58
C LEU A 618 0.16 -46.95 -10.12
N VAL A 619 -0.68 -46.52 -11.08
CA VAL A 619 -2.01 -45.95 -10.75
C VAL A 619 -3.03 -47.03 -10.33
N GLY A 620 -2.69 -48.31 -10.42
CA GLY A 620 -3.66 -49.34 -10.05
C GLY A 620 -3.62 -50.64 -10.83
N GLY A 621 -2.83 -50.69 -11.90
CA GLY A 621 -2.63 -51.92 -12.67
C GLY A 621 -1.98 -52.99 -11.81
N TRP A 622 -1.17 -52.56 -10.78
CA TRP A 622 -0.46 -53.46 -9.88
C TRP A 622 -1.42 -54.41 -9.16
N ASN A 623 -2.69 -53.95 -8.90
CA ASN A 623 -3.65 -54.74 -8.16
C ASN A 623 -4.56 -55.58 -9.05
N ASN A 624 -4.35 -55.54 -10.38
CA ASN A 624 -5.08 -56.35 -11.34
C ASN A 624 -4.12 -57.47 -11.78
N PRO A 625 -4.33 -58.70 -11.29
CA PRO A 625 -3.38 -59.80 -11.57
C PRO A 625 -2.96 -59.92 -13.03
N LEU A 626 -3.91 -60.00 -13.96
CA LEU A 626 -3.60 -60.16 -15.38
C LEU A 626 -2.93 -58.94 -15.98
N LEU A 627 -3.39 -57.74 -15.63
CA LEU A 627 -2.84 -56.49 -16.16
C LEU A 627 -1.41 -56.27 -15.62
N GLU A 628 -1.21 -56.53 -14.32
CA GLU A 628 0.09 -56.40 -13.71
C GLU A 628 1.07 -57.37 -14.37
N THR A 629 0.67 -58.65 -14.56
CA THR A 629 1.52 -59.69 -15.15
C THR A 629 2.01 -59.29 -16.55
N ALA A 630 1.07 -58.91 -17.43
CA ALA A 630 1.35 -58.55 -18.81
C ALA A 630 2.16 -57.22 -18.90
N ALA A 631 1.75 -56.16 -18.19
CA ALA A 631 2.42 -54.84 -18.23
C ALA A 631 3.82 -54.88 -17.61
N LYS A 632 4.05 -55.71 -16.56
CA LYS A 632 5.39 -55.93 -15.98
C LYS A 632 6.28 -56.54 -17.06
N HIS A 633 5.77 -57.62 -17.72
CA HIS A 633 6.48 -58.33 -18.78
C HIS A 633 6.96 -57.38 -19.87
N MET A 634 6.05 -56.54 -20.37
CA MET A 634 6.32 -55.62 -21.46
C MET A 634 7.24 -54.49 -21.08
N SER A 635 7.14 -53.95 -19.85
CA SER A 635 8.05 -52.88 -19.47
C SER A 635 9.47 -53.44 -19.29
N LEU A 636 9.62 -54.65 -18.66
CA LEU A 636 10.92 -55.31 -18.49
C LEU A 636 11.53 -55.67 -19.85
N ASP A 637 10.70 -56.11 -20.81
CA ASP A 637 11.12 -56.45 -22.17
C ASP A 637 11.63 -55.18 -22.91
N LYS A 638 10.87 -54.07 -22.92
CA LYS A 638 11.24 -52.81 -23.59
C LYS A 638 12.55 -52.21 -23.00
N ARG A 639 12.78 -52.46 -21.68
CA ARG A 639 13.94 -52.01 -20.94
C ARG A 639 15.19 -52.79 -21.39
N LYS A 640 15.08 -54.14 -21.49
CA LYS A 640 16.15 -55.05 -21.90
C LYS A 640 16.59 -54.80 -23.34
N ARG A 641 15.63 -54.55 -24.27
CA ARG A 641 15.88 -54.28 -25.69
C ARG A 641 16.72 -53.01 -25.87
N LEU A 642 16.49 -51.98 -25.01
CA LEU A 642 17.21 -50.71 -25.01
C LEU A 642 18.65 -50.87 -24.56
N GLU A 643 18.85 -51.72 -23.54
CA GLU A 643 20.15 -52.04 -22.96
C GLU A 643 21.04 -52.71 -24.03
N VAL A 644 20.43 -53.55 -24.89
CA VAL A 644 21.07 -54.29 -25.99
C VAL A 644 21.54 -53.28 -27.07
N LYS A 645 20.68 -52.32 -27.44
CA LYS A 645 20.95 -51.31 -28.46
C LYS A 645 21.87 -50.18 -27.96
N GLY A 646 22.09 -50.11 -26.65
CA GLY A 646 22.96 -49.10 -26.04
C GLY A 646 22.46 -47.67 -26.14
N ILE A 647 21.15 -47.45 -25.89
CA ILE A 647 20.54 -46.12 -25.89
C ILE A 647 20.18 -45.76 -24.45
N ASP A 648 20.68 -44.61 -23.95
CA ASP A 648 20.44 -44.13 -22.59
C ASP A 648 19.21 -43.22 -22.55
N VAL A 649 18.18 -43.65 -21.78
CA VAL A 649 16.90 -42.94 -21.63
C VAL A 649 16.64 -42.52 -20.18
N THR A 650 17.69 -42.60 -19.31
CA THR A 650 17.63 -42.28 -17.87
C THR A 650 16.96 -40.92 -17.62
N GLY A 651 17.34 -39.90 -18.40
CA GLY A 651 16.81 -38.55 -18.30
C GLY A 651 15.31 -38.49 -18.54
N PHE A 652 14.84 -39.23 -19.57
CA PHE A 652 13.44 -39.33 -19.93
C PHE A 652 12.65 -40.10 -18.86
N LEU A 653 13.21 -41.21 -18.32
CA LEU A 653 12.56 -42.01 -17.27
C LEU A 653 12.51 -41.24 -15.93
N ASP A 654 13.45 -40.30 -15.73
CA ASP A 654 13.49 -39.43 -14.56
C ASP A 654 12.38 -38.35 -14.67
N ASP A 655 12.27 -37.71 -15.85
CA ASP A 655 11.26 -36.68 -16.15
C ASP A 655 10.10 -37.28 -16.96
N TRP A 656 9.62 -38.44 -16.52
CA TRP A 656 8.56 -39.22 -17.15
C TRP A 656 7.18 -38.54 -17.15
N ASN A 657 6.94 -37.66 -16.17
CA ASN A 657 5.66 -37.02 -15.90
C ASN A 657 5.06 -36.30 -17.09
N ASN A 658 5.90 -35.65 -17.92
CA ASN A 658 5.50 -34.90 -19.11
C ASN A 658 5.23 -35.81 -20.32
N MET A 659 5.54 -37.12 -20.19
CA MET A 659 5.29 -38.14 -21.22
C MET A 659 4.06 -39.00 -20.86
N SER A 660 3.34 -38.68 -19.78
CA SER A 660 2.26 -39.53 -19.31
C SER A 660 1.05 -38.75 -18.87
N GLU A 661 -0.12 -39.28 -19.17
CA GLU A 661 -1.38 -38.66 -18.72
C GLU A 661 -1.52 -38.73 -17.19
N PHE A 662 -0.76 -39.63 -16.53
CA PHE A 662 -0.77 -39.84 -15.09
C PHE A 662 0.39 -39.11 -14.44
N GLY A 663 1.02 -38.22 -15.21
CA GLY A 663 2.18 -37.47 -14.76
C GLY A 663 1.92 -36.56 -13.58
N GLY A 664 0.81 -35.81 -13.67
CA GLY A 664 0.38 -34.87 -12.65
C GLY A 664 0.03 -35.50 -11.32
N ASP A 665 -0.19 -36.81 -11.32
CA ASP A 665 -0.60 -37.60 -10.16
C ASP A 665 0.59 -38.10 -9.34
N LEU A 666 1.79 -38.28 -9.95
CA LEU A 666 2.93 -38.84 -9.21
C LEU A 666 4.22 -38.03 -9.41
N GLU A 667 4.13 -36.76 -9.04
CA GLU A 667 5.26 -35.85 -9.08
C GLU A 667 6.22 -36.29 -7.98
N GLY A 668 7.50 -36.27 -8.31
CA GLY A 668 8.55 -36.63 -7.37
C GLY A 668 9.11 -38.04 -7.42
N ILE A 669 8.54 -38.94 -8.24
CA ILE A 669 9.08 -40.29 -8.37
C ILE A 669 9.76 -40.47 -9.75
N THR A 670 10.73 -41.37 -9.85
CA THR A 670 11.46 -41.64 -11.09
C THR A 670 11.19 -43.08 -11.53
N LEU A 671 11.13 -43.27 -12.86
CA LEU A 671 10.86 -44.57 -13.47
C LEU A 671 12.12 -45.20 -14.09
N SER A 672 13.33 -44.67 -13.74
CA SER A 672 14.61 -45.17 -14.26
C SER A 672 14.87 -46.61 -13.80
N GLU A 673 14.41 -46.96 -12.58
CA GLU A 673 14.51 -48.33 -12.08
C GLU A 673 13.10 -48.96 -12.13
N PRO A 674 12.96 -50.27 -12.41
CA PRO A 674 11.62 -50.88 -12.48
C PRO A 674 10.86 -50.80 -11.16
N LEU A 675 9.52 -50.78 -11.27
CA LEU A 675 8.58 -50.74 -10.15
C LEU A 675 8.72 -51.99 -9.28
N THR A 676 8.75 -51.80 -7.96
CA THR A 676 8.77 -52.88 -6.96
C THR A 676 7.73 -52.57 -5.89
N ASN A 677 7.58 -53.46 -4.89
CA ASN A 677 6.68 -53.19 -3.76
C ASN A 677 7.10 -51.90 -3.00
N GLN A 678 8.42 -51.59 -2.90
CA GLN A 678 8.89 -50.37 -2.20
C GLN A 678 8.37 -49.09 -2.88
N THR A 679 8.21 -49.10 -4.24
CA THR A 679 7.66 -47.97 -4.97
C THR A 679 6.24 -47.69 -4.51
N LEU A 680 5.46 -48.76 -4.31
CA LEU A 680 4.06 -48.68 -3.90
C LEU A 680 3.94 -48.21 -2.46
N VAL A 681 4.89 -48.63 -1.59
CA VAL A 681 4.96 -48.19 -0.19
C VAL A 681 5.27 -46.67 -0.17
N ASP A 682 6.28 -46.22 -0.95
CA ASP A 682 6.71 -44.82 -1.00
C ASP A 682 5.63 -43.86 -1.49
N ILE A 683 4.90 -44.22 -2.57
CA ILE A 683 3.86 -43.33 -3.13
C ILE A 683 2.67 -43.20 -2.15
N ASN A 684 2.55 -44.11 -1.18
CA ASN A 684 1.46 -44.10 -0.21
C ASN A 684 1.89 -43.71 1.20
N THR A 685 3.18 -43.40 1.39
CA THR A 685 3.70 -43.03 2.70
C THR A 685 3.29 -41.59 3.10
N PRO A 686 2.54 -41.44 4.21
CA PRO A 686 2.17 -40.10 4.67
C PRO A 686 3.34 -39.40 5.36
N LEU A 687 3.44 -38.08 5.23
CA LEU A 687 4.48 -37.31 5.90
C LEU A 687 4.18 -37.19 7.40
N ASP A 688 2.88 -37.07 7.73
CA ASP A 688 2.37 -36.95 9.09
C ASP A 688 1.17 -37.85 9.35
N SER A 689 0.94 -38.18 10.64
CA SER A 689 -0.22 -38.95 11.09
C SER A 689 -1.46 -38.04 11.02
N PHE A 690 -2.65 -38.62 10.86
CA PHE A 690 -3.84 -37.82 10.69
C PHE A 690 -4.81 -37.94 11.85
N ASP A 691 -5.20 -36.76 12.34
CA ASP A 691 -6.23 -36.57 13.36
C ASP A 691 -7.23 -35.60 12.75
N PRO A 692 -8.45 -36.04 12.34
CA PRO A 692 -9.42 -35.12 11.70
C PRO A 692 -9.81 -33.92 12.56
N LYS A 693 -9.86 -34.11 13.90
CA LYS A 693 -10.20 -33.05 14.87
C LYS A 693 -9.10 -31.96 14.92
N ALA A 694 -7.86 -32.33 14.52
CA ALA A 694 -6.71 -31.44 14.54
C ALA A 694 -6.59 -30.57 13.27
N ARG A 695 -7.45 -30.80 12.26
CA ARG A 695 -7.50 -29.99 11.04
C ARG A 695 -7.87 -28.54 11.37
N PRO A 696 -7.07 -27.54 10.92
CA PRO A 696 -7.45 -26.15 11.23
C PRO A 696 -8.77 -25.80 10.58
N GLN A 697 -9.52 -24.87 11.21
CA GLN A 697 -10.78 -24.38 10.67
C GLN A 697 -10.45 -23.43 9.50
N THR A 698 -11.46 -23.01 8.72
CA THR A 698 -11.25 -22.14 7.54
C THR A 698 -10.65 -20.77 7.95
N PRO A 699 -9.87 -20.09 7.05
CA PRO A 699 -9.30 -18.76 7.43
C PRO A 699 -10.38 -17.74 7.78
N ARG A 700 -11.53 -17.73 7.09
CA ARG A 700 -12.61 -16.78 7.41
C ARG A 700 -13.79 -17.53 8.01
N SER A 701 -14.53 -16.88 8.95
CA SER A 701 -15.66 -17.45 9.73
C SER A 701 -15.28 -18.89 10.18
N PRO A 702 -14.15 -19.06 10.93
CA PRO A 702 -13.70 -20.41 11.30
C PRO A 702 -14.68 -21.26 12.09
N LYS A 703 -15.41 -20.65 13.02
CA LYS A 703 -16.32 -21.39 13.90
C LYS A 703 -17.63 -21.75 13.21
N LYS A 704 -17.95 -21.10 12.09
CA LYS A 704 -19.19 -21.33 11.35
C LYS A 704 -19.08 -22.50 10.40
N THR A 705 -20.11 -23.35 10.37
CA THR A 705 -20.20 -24.46 9.42
C THR A 705 -20.95 -23.94 8.18
N LEU A 706 -20.90 -24.69 7.05
CA LEU A 706 -21.63 -24.35 5.83
C LEU A 706 -23.15 -24.23 6.12
N ASP A 707 -23.66 -25.11 7.00
CA ASP A 707 -25.06 -25.18 7.42
C ASP A 707 -25.50 -23.90 8.15
N GLU A 708 -24.67 -23.39 9.08
CA GLU A 708 -24.96 -22.16 9.82
C GLU A 708 -24.98 -20.96 8.89
N VAL A 709 -24.09 -20.95 7.88
CA VAL A 709 -24.00 -19.88 6.88
C VAL A 709 -25.27 -19.89 6.01
N THR A 710 -25.75 -21.09 5.60
CA THR A 710 -26.96 -21.26 4.77
C THR A 710 -28.19 -20.78 5.53
N THR A 711 -28.31 -21.10 6.83
CA THR A 711 -29.46 -20.70 7.62
C THR A 711 -29.48 -19.17 7.79
N ALA A 712 -28.30 -18.52 7.87
CA ALA A 712 -28.19 -17.06 7.98
C ALA A 712 -28.62 -16.40 6.66
N ILE A 713 -28.15 -16.92 5.52
CA ILE A 713 -28.49 -16.39 4.19
C ILE A 713 -30.00 -16.50 3.94
N THR A 714 -30.61 -17.65 4.30
CA THR A 714 -32.05 -17.91 4.18
C THR A 714 -32.83 -16.80 4.91
N SER A 715 -32.32 -16.38 6.07
CA SER A 715 -32.95 -15.35 6.89
C SER A 715 -32.71 -13.92 6.32
N GLY A 716 -31.86 -13.80 5.30
CA GLY A 716 -31.57 -12.53 4.65
C GLY A 716 -30.32 -11.81 5.12
N THR A 717 -29.44 -12.53 5.85
CA THR A 717 -28.17 -12.00 6.36
C THR A 717 -27.11 -11.98 5.26
N TYR A 718 -26.12 -11.09 5.41
CA TYR A 718 -24.94 -10.89 4.54
C TYR A 718 -25.31 -10.35 3.15
N LYS A 719 -26.45 -9.67 3.00
CA LYS A 719 -26.85 -9.06 1.74
C LYS A 719 -25.78 -8.07 1.27
N ASP A 720 -25.30 -7.23 2.19
CA ASP A 720 -24.26 -6.25 1.91
C ASP A 720 -23.06 -6.43 2.84
N PRO A 721 -21.80 -6.29 2.33
CA PRO A 721 -20.64 -6.41 3.24
C PRO A 721 -20.53 -5.18 4.18
N LYS A 722 -19.92 -5.34 5.35
CA LYS A 722 -19.75 -4.22 6.28
C LYS A 722 -18.59 -3.33 5.80
N SER A 723 -17.52 -3.94 5.25
CA SER A 723 -16.37 -3.20 4.71
C SER A 723 -16.80 -2.28 3.56
N ALA A 724 -16.40 -0.99 3.62
CA ALA A 724 -16.71 0.04 2.62
C ALA A 724 -15.99 -0.26 1.29
N VAL A 725 -14.75 -0.81 1.37
CA VAL A 725 -13.95 -1.23 0.21
C VAL A 725 -14.72 -2.32 -0.56
N TRP A 726 -15.25 -3.29 0.16
CA TRP A 726 -16.02 -4.42 -0.40
C TRP A 726 -17.36 -3.92 -0.94
N ARG A 727 -17.99 -2.94 -0.26
CA ARG A 727 -19.25 -2.32 -0.69
C ARG A 727 -19.07 -1.61 -2.04
N LEU A 728 -17.90 -0.94 -2.22
CA LEU A 728 -17.53 -0.30 -3.49
C LEU A 728 -17.42 -1.33 -4.62
N LEU A 729 -16.87 -2.52 -4.30
CA LEU A 729 -16.68 -3.60 -5.28
C LEU A 729 -18.03 -4.21 -5.66
N ASP A 730 -18.95 -4.32 -4.69
CA ASP A 730 -20.30 -4.82 -4.96
C ASP A 730 -21.08 -3.80 -5.79
N GLN A 731 -20.88 -2.49 -5.51
CA GLN A 731 -21.58 -1.42 -6.24
C GLN A 731 -21.12 -1.40 -7.69
N ARG A 732 -19.84 -1.71 -7.90
CA ARG A 732 -19.19 -1.79 -9.20
C ARG A 732 -19.92 -2.79 -10.16
N THR A 733 -20.55 -3.85 -9.60
CA THR A 733 -21.24 -4.89 -10.38
C THR A 733 -22.65 -4.43 -10.82
N LYS A 734 -23.15 -3.33 -10.24
CA LYS A 734 -24.48 -2.81 -10.52
C LYS A 734 -24.48 -1.51 -11.34
N LEU A 735 -23.40 -0.70 -11.21
CA LEU A 735 -23.27 0.60 -11.87
C LEU A 735 -22.83 0.48 -13.31
N ARG A 736 -23.43 1.31 -14.18
CA ARG A 736 -23.14 1.35 -15.62
C ARG A 736 -21.72 1.91 -15.89
N VAL A 737 -21.15 1.57 -17.04
CA VAL A 737 -19.78 1.91 -17.46
C VAL A 737 -19.52 3.45 -17.51
N SER A 738 -20.55 4.29 -17.72
CA SER A 738 -20.37 5.76 -17.76
C SER A 738 -19.92 6.35 -16.40
N THR A 739 -20.15 5.61 -15.29
CA THR A 739 -19.83 6.00 -13.90
C THR A 739 -18.42 5.56 -13.45
N LEU A 740 -17.62 4.96 -14.36
CA LEU A 740 -16.33 4.37 -14.00
C LEU A 740 -15.31 5.38 -13.45
N ARG A 741 -15.28 6.62 -13.96
CA ARG A 741 -14.36 7.66 -13.46
C ARG A 741 -14.67 8.02 -11.98
N ASP A 742 -15.96 8.18 -11.63
CA ASP A 742 -16.43 8.46 -10.27
C ASP A 742 -16.10 7.27 -9.35
N GLN A 743 -16.33 6.03 -9.83
CA GLN A 743 -15.97 4.79 -9.12
C GLN A 743 -14.46 4.72 -8.86
N ALA A 744 -13.64 5.18 -9.81
CA ALA A 744 -12.19 5.22 -9.65
C ALA A 744 -11.82 6.21 -8.54
N LEU A 745 -12.50 7.38 -8.52
CA LEU A 745 -12.32 8.40 -7.48
C LEU A 745 -12.75 7.86 -6.11
N ALA A 746 -13.81 7.01 -6.08
CA ALA A 746 -14.32 6.43 -4.83
C ALA A 746 -13.33 5.44 -4.20
N LEU A 747 -12.57 4.69 -5.02
CA LEU A 747 -11.58 3.68 -4.61
C LEU A 747 -10.16 4.23 -4.45
N LYS A 748 -9.84 5.34 -5.11
CA LYS A 748 -8.50 5.94 -5.09
C LYS A 748 -7.95 6.12 -3.63
N PRO A 749 -8.68 6.63 -2.59
CA PRO A 749 -8.05 6.74 -1.25
C PRO A 749 -7.60 5.40 -0.65
N ALA A 750 -8.44 4.34 -0.72
CA ALA A 750 -8.10 3.01 -0.21
C ALA A 750 -7.01 2.33 -1.06
N SER A 751 -7.02 2.49 -2.40
CA SER A 751 -6.00 1.80 -3.22
C SER A 751 -4.63 2.52 -3.10
N SER A 752 -4.63 3.81 -2.74
CA SER A 752 -3.42 4.60 -2.50
C SER A 752 -2.98 4.53 -1.04
N SER A 753 -3.86 4.00 -0.14
CA SER A 753 -3.69 3.90 1.31
C SER A 753 -3.35 5.30 1.94
N VAL A 754 -4.03 6.38 1.47
CA VAL A 754 -3.82 7.76 1.95
C VAL A 754 -4.16 7.84 3.42
N ASP A 755 -3.65 8.87 4.14
CA ASP A 755 -3.96 9.09 5.55
C ASP A 755 -5.48 9.14 5.70
N ASN A 756 -6.02 8.32 6.63
CA ASN A 756 -7.45 8.20 6.96
C ASN A 756 -8.27 7.67 5.76
N TRP A 757 -7.70 6.74 4.98
CA TRP A 757 -8.34 6.12 3.81
C TRP A 757 -9.68 5.42 4.15
N ALA A 758 -9.79 4.82 5.35
CA ALA A 758 -10.97 4.08 5.79
C ALA A 758 -12.18 5.02 5.93
N GLU A 759 -12.00 6.17 6.58
CA GLU A 759 -13.08 7.14 6.74
C GLU A 759 -13.46 7.74 5.40
N ALA A 760 -12.46 8.05 4.54
CA ALA A 760 -12.74 8.57 3.19
C ALA A 760 -13.56 7.52 2.37
N THR A 761 -13.22 6.21 2.47
CA THR A 761 -13.90 5.13 1.75
C THR A 761 -15.36 5.00 2.25
N GLU A 762 -15.53 5.12 3.57
CA GLU A 762 -16.81 5.09 4.28
C GLU A 762 -17.75 6.20 3.77
N GLU A 763 -17.20 7.40 3.57
CA GLU A 763 -17.94 8.52 3.00
C GLU A 763 -18.25 8.28 1.53
N LEU A 764 -17.28 7.78 0.75
CA LEU A 764 -17.44 7.59 -0.68
C LEU A 764 -18.39 6.40 -1.03
N ALA A 765 -18.44 5.35 -0.19
CA ALA A 765 -19.36 4.23 -0.42
C ALA A 765 -20.81 4.67 -0.12
N GLN A 766 -20.97 5.51 0.93
CA GLN A 766 -22.26 6.05 1.35
C GLN A 766 -22.78 7.01 0.26
N GLN A 767 -21.87 7.82 -0.30
CA GLN A 767 -22.15 8.77 -1.38
C GLN A 767 -22.61 8.01 -2.63
N GLN A 768 -21.90 6.93 -2.98
CA GLN A 768 -22.19 6.10 -4.14
C GLN A 768 -23.52 5.33 -3.98
N GLN A 769 -23.84 4.90 -2.76
CA GLN A 769 -25.09 4.21 -2.44
C GLN A 769 -26.29 5.12 -2.73
N LEU A 770 -26.16 6.44 -2.45
CA LEU A 770 -27.19 7.45 -2.68
C LEU A 770 -27.46 7.65 -4.17
N LEU A 771 -26.40 7.84 -4.98
CA LEU A 771 -26.56 8.07 -6.43
C LEU A 771 -27.10 6.83 -7.16
N MET A 772 -27.00 5.63 -6.56
CA MET A 772 -27.53 4.40 -7.16
C MET A 772 -29.06 4.33 -7.16
N LYS A 773 -29.76 5.25 -6.44
CA LYS A 773 -31.24 5.31 -6.42
C LYS A 773 -31.75 5.77 -7.81
N ALA A 774 -30.82 6.30 -8.65
CA ALA A 774 -31.08 6.69 -10.03
C ALA A 774 -30.95 5.43 -10.90
N ASN A 775 -32.09 4.87 -11.35
CA ASN A 775 -32.13 3.62 -12.13
C ASN A 775 -31.43 3.76 -13.48
N ASN A 776 -31.33 5.00 -14.00
CA ASN A 776 -30.64 5.32 -15.24
C ASN A 776 -29.13 5.06 -15.10
N LEU A 777 -28.60 5.00 -13.85
CA LEU A 777 -27.18 4.72 -13.58
C LEU A 777 -26.92 3.22 -13.38
N LEU A 778 -28.00 2.42 -13.34
CA LEU A 778 -27.94 0.99 -13.08
C LEU A 778 -28.07 0.17 -14.35
N LYS A 779 -26.97 -0.47 -14.75
CA LYS A 779 -26.90 -1.35 -15.92
C LYS A 779 -25.72 -2.31 -15.75
N SER A 780 -25.86 -3.52 -16.28
CA SER A 780 -24.85 -4.54 -16.25
C SER A 780 -23.71 -4.16 -17.18
N SER A 781 -22.53 -3.89 -16.58
CA SER A 781 -21.31 -3.58 -17.34
C SER A 781 -20.89 -4.81 -18.17
N LEU A 782 -21.29 -6.03 -17.73
CA LEU A 782 -21.06 -7.31 -18.41
C LEU A 782 -21.85 -7.35 -19.73
N THR A 783 -23.10 -6.83 -19.72
CA THR A 783 -23.92 -6.73 -20.94
C THR A 783 -23.32 -5.67 -21.87
N GLU A 784 -22.88 -4.54 -21.29
CA GLU A 784 -22.24 -3.44 -22.03
C GLU A 784 -20.96 -3.96 -22.70
N THR A 785 -20.14 -4.77 -21.98
CA THR A 785 -18.92 -5.39 -22.53
C THR A 785 -19.28 -6.32 -23.71
N ARG A 786 -20.29 -7.18 -23.53
CA ARG A 786 -20.73 -8.11 -24.58
C ARG A 786 -21.19 -7.36 -25.85
N GLU A 787 -21.94 -6.26 -25.69
CA GLU A 787 -22.37 -5.39 -26.81
C GLU A 787 -21.17 -4.79 -27.55
N ALA A 788 -20.19 -4.25 -26.83
CA ALA A 788 -18.97 -3.70 -27.38
C ALA A 788 -18.15 -4.77 -28.14
N LEU A 789 -18.09 -6.01 -27.59
CA LEU A 789 -17.35 -7.14 -28.19
C LEU A 789 -17.99 -7.58 -29.51
N GLU A 790 -19.33 -7.52 -29.61
CA GLU A 790 -20.05 -7.99 -30.80
C GLU A 790 -20.34 -6.88 -31.83
N THR A 791 -19.88 -5.63 -31.60
CA THR A 791 -20.01 -4.46 -32.49
C THR A 791 -19.23 -4.68 -33.81
N ILE A 792 -19.84 -4.24 -34.96
CA ILE A 792 -19.28 -4.34 -36.32
C ILE A 792 -18.93 -2.96 -36.88
N GLU B 27 -50.37 2.56 5.65
CA GLU B 27 -50.88 2.30 6.99
C GLU B 27 -49.78 2.64 8.01
N ASP B 28 -48.96 1.64 8.33
CA ASP B 28 -47.78 1.77 9.19
C ASP B 28 -46.58 1.31 8.34
N VAL B 29 -46.87 0.84 7.10
CA VAL B 29 -45.85 0.49 6.11
C VAL B 29 -45.52 1.75 5.30
N LEU B 30 -46.55 2.56 4.92
CA LEU B 30 -46.34 3.83 4.22
C LEU B 30 -45.48 4.76 5.05
N ILE B 31 -45.83 4.91 6.34
CA ILE B 31 -45.11 5.80 7.24
C ILE B 31 -43.88 5.09 7.81
N PRO B 32 -42.66 5.59 7.52
CA PRO B 32 -41.45 4.98 8.11
C PRO B 32 -41.47 5.17 9.64
N LYS B 33 -40.81 4.28 10.39
CA LYS B 33 -40.77 4.41 11.84
C LYS B 33 -39.89 5.59 12.23
N ARG B 34 -40.25 6.29 13.33
CA ARG B 34 -39.45 7.38 13.89
C ARG B 34 -38.07 6.85 14.22
N PHE B 35 -37.06 7.66 13.98
CA PHE B 35 -35.70 7.29 14.27
C PHE B 35 -35.46 7.52 15.75
N ARG B 36 -34.93 6.49 16.43
CA ARG B 36 -34.55 6.57 17.84
C ARG B 36 -33.04 6.45 17.89
N PRO B 37 -32.31 7.57 18.13
CA PRO B 37 -30.84 7.46 18.20
C PRO B 37 -30.40 6.45 19.24
N ALA B 38 -29.32 5.70 18.96
CA ALA B 38 -28.78 4.70 19.86
C ALA B 38 -28.18 5.37 21.10
N LYS B 39 -27.99 4.61 22.18
CA LYS B 39 -27.35 5.11 23.39
C LYS B 39 -25.94 5.56 22.98
N ASP B 40 -25.48 6.70 23.51
CA ASP B 40 -24.19 7.26 23.12
C ASP B 40 -23.11 6.82 24.12
N PRO B 41 -22.18 5.90 23.74
CA PRO B 41 -21.16 5.45 24.71
C PRO B 41 -20.11 6.51 25.02
N LEU B 42 -20.05 7.62 24.28
CA LEU B 42 -19.04 8.66 24.54
C LEU B 42 -19.68 9.93 25.19
N ASP B 43 -20.86 9.81 25.83
CA ASP B 43 -21.55 10.95 26.46
C ASP B 43 -21.02 11.30 27.88
N SER B 44 -19.81 10.82 28.21
CA SER B 44 -19.18 11.11 29.50
C SER B 44 -17.77 11.63 29.27
N PRO B 45 -17.25 12.54 30.12
CA PRO B 45 -15.89 13.07 29.90
C PRO B 45 -14.80 12.00 29.81
N GLN B 46 -14.92 10.91 30.62
CA GLN B 46 -13.98 9.79 30.65
C GLN B 46 -13.93 9.05 29.32
N ALA B 47 -15.11 8.61 28.80
CA ALA B 47 -15.24 7.91 27.52
C ALA B 47 -14.83 8.80 26.35
N ALA B 48 -15.20 10.11 26.40
CA ALA B 48 -14.84 11.07 25.36
C ALA B 48 -13.32 11.31 25.33
N ALA B 49 -12.70 11.50 26.50
CA ALA B 49 -11.25 11.74 26.59
C ALA B 49 -10.47 10.53 26.09
N GLN B 50 -10.86 9.31 26.51
CA GLN B 50 -10.25 8.04 26.12
C GLN B 50 -10.28 7.87 24.59
N PHE B 51 -11.45 8.10 23.95
CA PHE B 51 -11.65 8.03 22.49
C PHE B 51 -10.71 8.99 21.75
N LEU B 52 -10.60 10.26 22.23
CA LEU B 52 -9.73 11.26 21.60
C LEU B 52 -8.26 10.88 21.79
N LYS B 53 -7.92 10.33 22.96
CA LYS B 53 -6.57 9.86 23.27
C LYS B 53 -6.20 8.70 22.32
N ASP B 54 -7.11 7.69 22.18
CA ASP B 54 -6.94 6.53 21.31
C ASP B 54 -6.77 6.95 19.84
N ASN B 55 -7.30 8.13 19.48
CA ASN B 55 -7.24 8.64 18.11
C ASN B 55 -6.20 9.76 17.96
N LYS B 56 -5.36 9.96 18.99
CA LYS B 56 -4.25 10.94 19.02
C LYS B 56 -4.73 12.38 18.78
N TYR B 57 -5.88 12.72 19.34
CA TYR B 57 -6.43 14.08 19.22
C TYR B 57 -5.93 14.87 20.42
N ARG B 58 -5.38 16.08 20.18
CA ARG B 58 -4.82 16.90 21.25
C ARG B 58 -5.89 17.45 22.24
N ILE B 59 -5.71 17.08 23.54
CA ILE B 59 -6.48 17.55 24.69
C ILE B 59 -5.59 18.52 25.45
N LEU B 60 -6.03 19.75 25.67
CA LEU B 60 -5.20 20.73 26.40
C LEU B 60 -5.26 20.51 27.90
N ARG B 61 -4.22 20.98 28.63
CA ARG B 61 -4.24 21.02 30.10
C ARG B 61 -5.31 22.08 30.44
N PRO B 62 -6.38 21.76 31.20
CA PRO B 62 -7.49 22.72 31.34
C PRO B 62 -7.09 23.99 32.09
N ARG B 63 -7.57 25.12 31.55
CA ARG B 63 -7.34 26.43 32.14
C ARG B 63 -8.60 26.86 32.90
N ALA B 64 -8.42 27.63 33.96
CA ALA B 64 -9.52 28.06 34.84
C ALA B 64 -9.86 29.55 34.65
N ILE B 65 -11.09 29.93 34.97
CA ILE B 65 -11.57 31.30 34.86
C ILE B 65 -11.76 31.84 36.28
N PRO B 66 -11.34 33.09 36.62
CA PRO B 66 -11.57 33.59 37.99
C PRO B 66 -13.07 33.66 38.31
N THR B 67 -13.43 33.47 39.60
CA THR B 67 -14.83 33.47 40.05
C THR B 67 -15.48 34.84 39.81
N MET B 68 -16.77 34.84 39.37
CA MET B 68 -17.53 36.04 39.05
C MET B 68 -17.72 36.92 40.25
N VAL B 69 -17.58 38.24 40.04
CA VAL B 69 -17.75 39.30 41.04
C VAL B 69 -18.84 40.23 40.54
N GLU B 70 -19.88 40.43 41.36
CA GLU B 70 -20.98 41.32 41.03
C GLU B 70 -20.55 42.79 41.31
N LEU B 71 -20.19 43.55 40.24
CA LEU B 71 -19.77 44.95 40.28
C LEU B 71 -20.89 45.87 39.83
N GLU B 72 -20.84 47.13 40.23
CA GLU B 72 -21.80 48.16 39.83
C GLU B 72 -21.46 48.59 38.39
N THR B 73 -22.43 48.46 37.45
CA THR B 73 -22.24 48.82 36.03
C THR B 73 -21.78 50.29 35.90
N ASP B 74 -22.28 51.20 36.77
CA ASP B 74 -21.90 52.62 36.83
C ASP B 74 -20.40 52.76 37.11
N ALA B 75 -19.83 51.88 37.95
CA ALA B 75 -18.41 51.90 38.29
C ALA B 75 -17.58 51.31 37.14
N ALA B 76 -18.02 50.18 36.55
CA ALA B 76 -17.30 49.50 35.47
C ALA B 76 -17.40 50.26 34.14
N LEU B 77 -18.57 50.85 33.85
CA LEU B 77 -18.81 51.63 32.63
C LEU B 77 -19.32 53.02 33.02
N PRO B 78 -18.43 53.94 33.50
CA PRO B 78 -18.90 55.27 33.95
C PRO B 78 -19.51 56.13 32.84
N ARG B 79 -18.98 56.02 31.60
CA ARG B 79 -19.47 56.74 30.42
C ARG B 79 -20.93 56.39 30.08
N LEU B 80 -21.40 55.20 30.50
CA LEU B 80 -22.74 54.70 30.19
C LEU B 80 -23.65 54.67 31.44
N ARG B 81 -23.46 55.62 32.38
CA ARG B 81 -24.28 55.73 33.59
C ARG B 81 -25.76 56.05 33.25
N GLN B 82 -25.96 56.81 32.17
CA GLN B 82 -27.26 57.21 31.66
C GLN B 82 -28.00 56.00 31.05
N MET B 83 -27.26 55.04 30.49
CA MET B 83 -27.83 53.82 29.89
C MET B 83 -28.36 52.86 30.96
N VAL B 84 -27.78 52.94 32.19
CA VAL B 84 -28.16 52.11 33.33
C VAL B 84 -29.50 52.62 33.90
N GLU B 85 -29.57 53.94 34.24
CA GLU B 85 -30.75 54.60 34.82
C GLU B 85 -31.96 54.63 33.85
N ASP B 86 -31.74 54.50 32.53
CA ASP B 86 -32.81 54.51 31.54
C ASP B 86 -33.29 53.07 31.22
N GLY B 87 -32.65 52.09 31.85
CA GLY B 87 -32.99 50.66 31.71
C GLY B 87 -32.49 49.95 30.49
N LYS B 88 -31.43 50.48 29.84
CA LYS B 88 -30.84 49.86 28.64
C LYS B 88 -29.74 48.84 29.00
N LEU B 89 -29.26 48.85 30.27
CA LEU B 89 -28.25 47.94 30.82
C LEU B 89 -28.60 47.57 32.25
N LYS B 90 -28.18 46.38 32.72
CA LYS B 90 -28.40 45.96 34.11
C LYS B 90 -27.60 46.89 35.05
N ASP B 91 -28.06 47.07 36.30
CA ASP B 91 -27.38 47.92 37.29
C ASP B 91 -26.11 47.25 37.85
N THR B 92 -25.99 45.92 37.68
CA THR B 92 -24.84 45.13 38.11
C THR B 92 -24.24 44.37 36.93
N VAL B 93 -22.93 44.12 36.99
CA VAL B 93 -22.16 43.41 35.98
C VAL B 93 -21.31 42.31 36.68
N SER B 94 -21.39 41.06 36.19
CA SER B 94 -20.62 39.94 36.77
C SER B 94 -19.33 39.76 35.98
N VAL B 95 -18.18 39.98 36.62
CA VAL B 95 -16.88 39.93 35.93
C VAL B 95 -15.91 38.90 36.58
N PRO B 96 -15.08 38.19 35.77
CA PRO B 96 -14.14 37.21 36.36
C PRO B 96 -12.96 37.92 37.03
N GLU B 97 -13.13 38.29 38.31
CA GLU B 97 -12.15 39.03 39.10
C GLU B 97 -11.79 38.36 40.43
N GLY B 98 -12.52 37.31 40.81
CA GLY B 98 -12.37 36.60 42.07
C GLY B 98 -10.99 36.02 42.36
N THR B 99 -10.70 35.79 43.66
CA THR B 99 -9.43 35.26 44.15
C THR B 99 -9.33 33.75 43.91
N THR B 100 -10.48 33.10 43.73
CA THR B 100 -10.62 31.68 43.43
C THR B 100 -10.97 31.55 41.95
N ALA B 101 -10.87 30.35 41.39
CA ALA B 101 -11.16 30.12 39.98
C ALA B 101 -12.06 28.91 39.77
N PHE B 102 -12.55 28.73 38.54
CA PHE B 102 -13.38 27.59 38.18
C PHE B 102 -13.07 27.08 36.78
N TYR B 103 -13.21 25.75 36.59
CA TYR B 103 -13.07 25.13 35.27
C TYR B 103 -14.42 25.17 34.59
N PRO B 104 -14.52 25.81 33.41
CA PRO B 104 -15.83 25.88 32.73
C PRO B 104 -16.27 24.50 32.20
N LYS B 105 -17.59 24.30 32.16
CA LYS B 105 -18.21 23.05 31.73
C LYS B 105 -19.37 23.35 30.79
N TYR B 106 -19.38 22.71 29.61
CA TYR B 106 -20.43 22.93 28.64
C TYR B 106 -20.98 21.60 28.19
N TYR B 107 -22.24 21.34 28.55
CA TYR B 107 -22.92 20.08 28.23
C TYR B 107 -24.12 20.38 27.33
N PRO B 108 -23.90 20.39 25.99
CA PRO B 108 -25.02 20.70 25.08
C PRO B 108 -26.05 19.58 24.98
N PHE B 109 -27.27 19.95 24.61
CA PHE B 109 -28.34 18.98 24.39
C PHE B 109 -28.24 18.45 22.98
N HIS B 110 -28.54 17.19 22.83
CA HIS B 110 -28.54 16.50 21.55
C HIS B 110 -29.93 15.94 21.39
N LYS B 111 -30.71 16.50 20.44
CA LYS B 111 -32.08 16.05 20.24
C LYS B 111 -32.38 15.76 18.75
N PRO B 112 -33.14 14.70 18.44
CA PRO B 112 -33.67 13.68 19.37
C PRO B 112 -32.54 12.83 19.94
N ASP B 113 -32.81 12.12 21.03
CA ASP B 113 -31.84 11.21 21.64
C ASP B 113 -32.55 9.89 21.97
N HIS B 114 -31.83 8.94 22.57
CA HIS B 114 -32.39 7.64 22.91
C HIS B 114 -33.61 7.73 23.84
N ASP B 115 -33.61 8.69 24.78
CA ASP B 115 -34.67 8.83 25.76
C ASP B 115 -35.70 9.94 25.44
N GLU B 116 -35.51 10.68 24.35
CA GLU B 116 -36.45 11.75 23.98
C GLU B 116 -36.60 11.84 22.46
N VAL B 117 -37.68 11.21 21.94
CA VAL B 117 -38.08 11.21 20.53
C VAL B 117 -39.47 11.87 20.50
N GLY B 118 -39.46 13.20 20.37
CA GLY B 118 -40.69 14.01 20.36
C GLY B 118 -40.97 14.81 19.10
N THR B 119 -41.60 15.98 19.28
CA THR B 119 -42.01 16.90 18.20
C THR B 119 -40.80 17.55 17.53
N PHE B 120 -39.71 17.75 18.27
CA PHE B 120 -38.48 18.30 17.71
C PHE B 120 -37.82 17.24 16.82
N GLY B 121 -37.65 17.60 15.54
CA GLY B 121 -37.06 16.74 14.52
C GLY B 121 -38.05 15.75 13.95
N ALA B 122 -39.35 15.96 14.23
CA ALA B 122 -40.40 15.09 13.73
C ALA B 122 -40.57 15.25 12.21
N PRO B 123 -40.58 14.15 11.42
CA PRO B 123 -40.77 14.30 9.97
C PRO B 123 -42.20 14.75 9.66
N ASP B 124 -42.40 15.42 8.52
CA ASP B 124 -43.75 15.85 8.14
C ASP B 124 -44.53 14.68 7.49
N ILE B 125 -45.07 13.82 8.36
CA ILE B 125 -45.86 12.62 8.07
C ILE B 125 -47.24 13.01 7.48
N THR B 126 -47.77 14.19 7.89
CA THR B 126 -49.04 14.69 7.36
C THR B 126 -48.84 14.96 5.86
N LEU B 127 -47.73 15.62 5.47
CA LEU B 127 -47.40 15.90 4.07
C LEU B 127 -47.20 14.59 3.29
N LEU B 128 -46.55 13.58 3.87
CA LEU B 128 -46.34 12.28 3.21
C LEU B 128 -47.68 11.62 2.88
N LYS B 129 -48.65 11.67 3.84
CA LYS B 129 -50.00 11.13 3.64
C LYS B 129 -50.69 11.86 2.48
N GLN B 130 -50.60 13.20 2.47
CA GLN B 130 -51.20 14.05 1.44
C GLN B 130 -50.60 13.78 0.06
N LEU B 131 -49.26 13.64 -0.03
CA LEU B 131 -48.57 13.33 -1.28
C LEU B 131 -49.07 12.01 -1.85
N THR B 132 -49.24 10.97 -0.98
CA THR B 132 -49.74 9.65 -1.40
C THR B 132 -51.19 9.75 -1.93
N PHE B 133 -52.05 10.51 -1.23
CA PHE B 133 -53.44 10.68 -1.68
C PHE B 133 -53.49 11.36 -3.03
N PHE B 134 -52.69 12.41 -3.23
CA PHE B 134 -52.76 13.11 -4.50
C PHE B 134 -52.11 12.28 -5.62
N LEU B 135 -51.16 11.36 -5.30
CA LEU B 135 -50.59 10.49 -6.33
C LEU B 135 -51.66 9.47 -6.83
N LEU B 136 -52.56 9.06 -5.90
CA LEU B 136 -53.68 8.17 -6.16
C LEU B 136 -54.69 8.76 -7.13
N GLU B 137 -54.78 10.10 -7.18
CA GLU B 137 -55.78 10.86 -7.98
C GLU B 137 -55.22 11.61 -9.19
N ASN B 138 -53.90 11.78 -9.29
CA ASN B 138 -53.32 12.57 -10.38
C ASN B 138 -52.19 11.83 -11.10
N ASP B 139 -52.23 11.80 -12.44
CA ASP B 139 -51.16 11.19 -13.23
C ASP B 139 -50.14 12.29 -13.60
N PHE B 140 -49.39 12.71 -12.62
CA PHE B 140 -48.25 13.61 -12.76
C PHE B 140 -47.03 12.76 -13.13
N PRO B 141 -46.37 12.99 -14.31
CA PRO B 141 -45.20 12.14 -14.68
C PRO B 141 -44.06 12.10 -13.63
N THR B 142 -43.82 13.18 -12.88
CA THR B 142 -42.78 13.24 -11.84
C THR B 142 -43.32 12.92 -10.44
N GLY B 143 -44.66 12.76 -10.31
CA GLY B 143 -45.33 12.43 -9.06
C GLY B 143 -44.74 11.23 -8.33
N PRO B 144 -44.59 10.05 -8.98
CA PRO B 144 -44.06 8.88 -8.25
C PRO B 144 -42.65 9.09 -7.68
N GLU B 145 -41.77 9.76 -8.46
CA GLU B 145 -40.41 10.07 -8.02
C GLU B 145 -40.42 11.06 -6.85
N THR B 146 -41.37 12.01 -6.82
CA THR B 146 -41.45 12.98 -5.72
C THR B 146 -41.88 12.26 -4.44
N LEU B 147 -42.92 11.40 -4.51
CA LEU B 147 -43.37 10.64 -3.35
C LEU B 147 -42.23 9.76 -2.80
N ARG B 148 -41.57 8.98 -3.66
CA ARG B 148 -40.48 8.09 -3.24
C ARG B 148 -39.36 8.87 -2.56
N GLN B 149 -38.99 10.03 -3.13
CA GLN B 149 -37.92 10.87 -2.59
C GLN B 149 -38.24 11.40 -1.21
N VAL B 150 -39.48 11.91 -1.01
CA VAL B 150 -39.92 12.42 0.29
C VAL B 150 -39.95 11.27 1.32
N ARG B 151 -40.50 10.09 0.95
CA ARG B 151 -40.56 8.93 1.84
C ARG B 151 -39.15 8.43 2.22
N GLU B 152 -38.24 8.35 1.22
CA GLU B 152 -36.84 7.94 1.44
C GLU B 152 -36.11 8.95 2.36
N ALA B 153 -36.37 10.27 2.19
CA ALA B 153 -35.77 11.30 3.06
C ALA B 153 -36.26 11.14 4.52
N ILE B 154 -37.57 10.87 4.71
CA ILE B 154 -38.14 10.65 6.04
C ILE B 154 -37.53 9.38 6.67
N ALA B 155 -37.33 8.32 5.84
CA ALA B 155 -36.77 7.04 6.28
C ALA B 155 -35.25 7.06 6.55
N THR B 156 -34.47 7.93 5.87
CA THR B 156 -33.00 7.90 6.00
C THR B 156 -32.38 9.13 6.62
N LEU B 157 -33.11 10.26 6.69
CA LEU B 157 -32.61 11.48 7.28
C LEU B 157 -33.21 11.72 8.68
N GLN B 158 -32.63 12.67 9.41
CA GLN B 158 -33.12 13.11 10.70
C GLN B 158 -32.69 14.54 10.94
N TYR B 159 -33.65 15.44 11.16
CA TYR B 159 -33.31 16.79 11.57
C TYR B 159 -33.04 16.76 13.07
N GLY B 160 -31.98 17.41 13.48
CA GLY B 160 -31.60 17.45 14.88
C GLY B 160 -30.19 17.91 15.12
N SER B 161 -29.75 17.87 16.39
CA SER B 161 -28.45 18.35 16.84
C SER B 161 -27.45 17.19 17.10
N GLY B 162 -27.63 16.08 16.38
CA GLY B 162 -26.73 14.92 16.45
C GLY B 162 -26.45 14.33 17.82
N SER B 163 -25.18 14.01 18.08
CA SER B 163 -24.75 13.36 19.32
C SER B 163 -23.34 13.75 19.69
N TYR B 164 -22.88 13.35 20.89
CA TYR B 164 -21.50 13.58 21.35
C TYR B 164 -20.53 12.81 20.44
N SER B 165 -20.84 11.53 20.13
CA SER B 165 -20.02 10.69 19.24
C SER B 165 -19.88 11.37 17.86
N GLY B 166 -21.01 11.85 17.34
CA GLY B 166 -21.06 12.59 16.07
C GLY B 166 -20.11 13.77 16.09
N GLN B 167 -20.17 14.62 17.18
CA GLN B 167 -19.33 15.79 17.39
C GLN B 167 -17.84 15.42 17.50
N LEU B 168 -17.54 14.36 18.27
CA LEU B 168 -16.16 13.89 18.51
C LEU B 168 -15.53 13.33 17.23
N ASN B 169 -16.30 12.53 16.46
CA ASN B 169 -15.85 11.98 15.17
C ASN B 169 -15.63 13.09 14.15
N ARG B 170 -16.47 14.15 14.20
CA ARG B 170 -16.33 15.34 13.36
C ARG B 170 -14.99 16.03 13.63
N LEU B 171 -14.60 16.14 14.92
CA LEU B 171 -13.31 16.74 15.29
C LEU B 171 -12.13 15.98 14.66
N LEU B 172 -12.19 14.63 14.64
CA LEU B 172 -11.18 13.77 14.02
C LEU B 172 -11.09 14.06 12.50
N ALA B 173 -12.24 14.18 11.81
CA ALA B 173 -12.32 14.49 10.39
C ALA B 173 -11.69 15.89 10.09
N MET B 174 -11.95 16.90 10.95
CA MET B 174 -11.37 18.26 10.83
C MET B 174 -9.85 18.20 10.96
N LYS B 175 -9.34 17.47 12.00
CA LYS B 175 -7.90 17.27 12.20
C LYS B 175 -7.28 16.57 10.98
N GLY B 176 -8.00 15.60 10.42
CA GLY B 176 -7.58 14.87 9.22
C GLY B 176 -7.38 15.76 8.01
N VAL B 177 -8.30 16.72 7.80
CA VAL B 177 -8.20 17.72 6.70
C VAL B 177 -6.99 18.67 6.97
N ALA B 178 -6.84 19.12 8.22
CA ALA B 178 -5.76 20.04 8.61
C ALA B 178 -4.37 19.41 8.59
N THR B 179 -4.23 18.13 9.03
CA THR B 179 -2.90 17.53 9.23
C THR B 179 -2.67 16.16 8.57
N GLY B 180 -3.69 15.58 7.95
CA GLY B 180 -3.62 14.23 7.39
C GLY B 180 -2.99 14.07 6.04
N ARG B 181 -3.78 13.61 5.05
CA ARG B 181 -3.31 13.35 3.68
C ARG B 181 -2.74 14.60 2.99
N ASN B 182 -3.31 15.78 3.30
CA ASN B 182 -2.91 17.02 2.67
C ASN B 182 -2.81 18.13 3.75
N PRO B 183 -1.69 18.14 4.51
CA PRO B 183 -1.53 19.15 5.58
C PRO B 183 -1.65 20.58 5.09
N ASN B 184 -2.22 21.45 5.93
CA ASN B 184 -2.42 22.86 5.66
C ASN B 184 -1.12 23.55 5.33
N LYS B 185 -1.21 24.56 4.47
CA LYS B 185 -0.05 25.39 4.12
C LYS B 185 -0.39 26.85 4.30
N THR B 186 0.53 27.62 4.85
CA THR B 186 0.32 29.06 4.98
C THR B 186 0.43 29.67 3.58
N PRO B 187 -0.17 30.84 3.31
CA PRO B 187 0.05 31.50 1.99
C PRO B 187 1.55 31.65 1.62
N LYS B 188 2.43 31.93 2.62
CA LYS B 188 3.87 32.07 2.41
C LYS B 188 4.47 30.75 1.83
N THR B 189 4.09 29.57 2.42
CA THR B 189 4.56 28.24 1.98
C THR B 189 4.12 27.99 0.52
N VAL B 190 2.89 28.41 0.13
CA VAL B 190 2.34 28.27 -1.22
C VAL B 190 3.14 29.18 -2.21
N GLY B 191 3.62 30.33 -1.70
CA GLY B 191 4.43 31.24 -2.48
C GLY B 191 3.88 32.65 -2.64
N TYR B 192 2.93 33.06 -1.78
CA TYR B 192 2.34 34.40 -1.85
C TYR B 192 2.71 35.28 -0.67
N THR B 193 3.02 36.55 -0.95
CA THR B 193 3.23 37.55 0.10
C THR B 193 1.82 38.09 0.45
N ASN B 194 1.69 38.92 1.51
CA ASN B 194 0.41 39.52 1.89
C ASN B 194 -0.10 40.44 0.78
N GLU B 195 0.82 41.19 0.15
CA GLU B 195 0.48 42.13 -0.92
C GLU B 195 0.03 41.40 -2.19
N GLN B 196 0.67 40.28 -2.55
CA GLN B 196 0.26 39.48 -3.72
C GLN B 196 -1.16 38.93 -3.53
N LEU B 197 -1.48 38.47 -2.30
CA LEU B 197 -2.83 37.99 -1.98
C LEU B 197 -3.85 39.12 -2.05
N ALA B 198 -3.47 40.33 -1.54
CA ALA B 198 -4.31 41.53 -1.57
C ALA B 198 -4.68 41.91 -3.01
N LYS B 199 -3.73 41.77 -3.95
CA LYS B 199 -3.94 42.06 -5.37
C LYS B 199 -4.96 41.06 -5.98
N LEU B 200 -4.96 39.80 -5.50
CA LEU B 200 -5.91 38.80 -5.96
C LEU B 200 -7.29 39.12 -5.39
N LEU B 201 -7.34 39.46 -4.08
CA LEU B 201 -8.58 39.80 -3.37
C LEU B 201 -9.17 41.08 -3.91
N GLU B 202 -8.38 41.98 -4.51
CA GLU B 202 -8.94 43.20 -5.12
C GLU B 202 -9.92 42.82 -6.24
N GLN B 203 -9.65 41.65 -6.87
CA GLN B 203 -10.45 41.10 -7.96
C GLN B 203 -11.55 40.13 -7.47
N THR B 204 -11.21 39.14 -6.60
CA THR B 204 -12.13 38.09 -6.12
C THR B 204 -13.01 38.56 -4.96
N LEU B 205 -12.55 39.57 -4.21
CA LEU B 205 -13.34 40.15 -3.12
C LEU B 205 -13.19 41.67 -3.12
N PRO B 206 -13.75 42.39 -4.13
CA PRO B 206 -13.63 43.86 -4.15
C PRO B 206 -14.34 44.48 -2.94
N ILE B 207 -13.65 45.41 -2.26
CA ILE B 207 -14.22 46.07 -1.09
C ILE B 207 -14.14 47.58 -1.23
N ASN B 208 -15.03 48.27 -0.52
CA ASN B 208 -14.99 49.73 -0.39
C ASN B 208 -14.50 50.04 1.00
N THR B 209 -14.23 51.34 1.28
CA THR B 209 -13.82 51.71 2.62
C THR B 209 -15.06 51.79 3.48
N PRO B 210 -14.98 51.69 4.84
CA PRO B 210 -16.18 51.98 5.65
C PRO B 210 -16.65 53.43 5.40
N LYS B 211 -17.92 53.74 5.67
CA LYS B 211 -18.46 55.10 5.53
C LYS B 211 -17.56 56.10 6.27
N HIS B 212 -17.44 57.34 5.76
CA HIS B 212 -16.61 58.40 6.36
C HIS B 212 -17.06 58.72 7.80
N GLU B 213 -18.38 58.66 8.06
CA GLU B 213 -18.96 58.95 9.38
C GLU B 213 -18.64 57.86 10.42
N ASP B 214 -18.32 56.64 9.98
CA ASP B 214 -17.97 55.54 10.88
C ASP B 214 -16.61 55.75 11.57
N PRO B 215 -16.54 55.45 12.89
CA PRO B 215 -15.28 55.63 13.61
C PRO B 215 -14.19 54.68 13.16
N ASP B 216 -12.96 55.16 13.23
CA ASP B 216 -11.74 54.43 12.95
C ASP B 216 -11.51 53.39 14.03
N LEU B 217 -10.64 52.42 13.76
CA LEU B 217 -10.27 51.41 14.74
C LEU B 217 -9.28 52.02 15.75
N ARG B 218 -9.78 52.78 16.72
CA ARG B 218 -8.91 53.46 17.68
C ARG B 218 -9.40 53.39 19.12
N TRP B 219 -10.63 52.93 19.33
CA TRP B 219 -11.21 52.99 20.66
C TRP B 219 -11.70 51.67 21.24
N ALA B 220 -12.00 51.71 22.54
CA ALA B 220 -12.61 50.61 23.28
C ALA B 220 -14.06 50.46 22.76
N PRO B 221 -14.61 49.24 22.62
CA PRO B 221 -15.96 49.09 22.07
C PRO B 221 -17.06 49.95 22.71
N SER B 222 -17.10 50.08 24.06
CA SER B 222 -18.14 50.85 24.77
C SER B 222 -18.17 52.33 24.36
N TRP B 223 -17.03 52.87 23.88
CA TRP B 223 -16.91 54.27 23.45
C TRP B 223 -17.63 54.52 22.09
N LEU B 224 -18.09 53.45 21.43
CA LEU B 224 -18.82 53.54 20.16
C LEU B 224 -20.33 53.75 20.42
N ILE B 225 -20.73 53.76 21.72
CA ILE B 225 -22.09 54.01 22.15
C ILE B 225 -22.21 55.48 22.49
N ASN B 226 -23.10 56.15 21.80
CA ASN B 226 -23.38 57.54 22.02
C ASN B 226 -24.81 57.62 22.57
N TYR B 227 -24.95 57.61 23.93
CA TYR B 227 -26.26 57.67 24.58
C TYR B 227 -26.38 58.83 25.55
N THR B 228 -27.50 59.58 25.44
CA THR B 228 -27.88 60.71 26.33
C THR B 228 -29.39 60.69 26.60
N GLY B 229 -30.16 60.22 25.62
CA GLY B 229 -31.61 60.16 25.67
C GLY B 229 -32.21 60.70 24.38
N ASP B 230 -31.58 61.74 23.81
CA ASP B 230 -32.03 62.43 22.60
C ASP B 230 -31.96 61.52 21.38
N LEU B 231 -33.16 61.09 20.87
CA LEU B 231 -33.35 60.25 19.68
C LEU B 231 -32.75 60.82 18.40
N SER B 232 -32.61 62.16 18.34
CA SER B 232 -32.07 62.86 17.17
C SER B 232 -30.53 62.69 17.08
N THR B 233 -29.85 62.41 18.22
CA THR B 233 -28.39 62.25 18.25
C THR B 233 -27.90 60.83 18.65
N ASP B 234 -28.63 60.16 19.58
CA ASP B 234 -28.26 58.84 20.10
C ASP B 234 -28.02 57.81 18.99
N LYS B 235 -26.87 57.10 19.09
CA LYS B 235 -26.44 56.10 18.12
C LYS B 235 -25.35 55.17 18.65
N SER B 236 -25.41 53.91 18.23
CA SER B 236 -24.40 52.90 18.50
C SER B 236 -23.74 52.58 17.19
N TYR B 237 -22.40 52.68 17.12
CA TYR B 237 -21.60 52.38 15.94
C TYR B 237 -21.05 50.93 15.98
N LEU B 238 -21.42 50.18 17.04
CA LEU B 238 -21.03 48.78 17.21
C LEU B 238 -21.77 47.91 16.21
N PRO B 239 -21.24 46.72 15.83
CA PRO B 239 -22.01 45.86 14.90
C PRO B 239 -23.26 45.27 15.55
N HIS B 240 -24.26 44.93 14.73
CA HIS B 240 -25.47 44.25 15.18
C HIS B 240 -25.10 42.85 15.68
N VAL B 241 -25.71 42.41 16.79
CA VAL B 241 -25.50 41.07 17.33
C VAL B 241 -26.87 40.35 17.42
N THR B 242 -26.85 39.00 17.42
CA THR B 242 -28.05 38.20 17.61
C THR B 242 -28.20 38.03 19.11
N ILE B 243 -29.16 38.76 19.70
CA ILE B 243 -29.46 38.82 21.13
C ILE B 243 -29.69 37.42 21.73
N LYS B 244 -30.43 36.55 21.02
CA LYS B 244 -30.75 35.20 21.48
C LYS B 244 -29.57 34.20 21.34
N SER B 245 -28.48 34.58 20.64
CA SER B 245 -27.34 33.68 20.45
C SER B 245 -26.53 33.57 21.75
N SER B 246 -25.73 32.53 21.85
CA SER B 246 -24.90 32.20 23.01
C SER B 246 -23.85 33.30 23.30
N ALA B 247 -23.69 33.62 24.59
CA ALA B 247 -22.67 34.57 25.05
C ALA B 247 -21.28 33.95 24.93
N GLY B 248 -21.20 32.64 25.03
CA GLY B 248 -19.94 31.89 25.04
C GLY B 248 -19.22 32.10 26.35
N LEU B 249 -17.94 31.68 26.42
CA LEU B 249 -17.13 31.86 27.62
C LEU B 249 -16.93 33.35 27.93
N PRO B 250 -16.91 33.77 29.21
CA PRO B 250 -17.01 32.95 30.43
C PRO B 250 -18.45 32.90 31.00
N TYR B 251 -19.48 33.00 30.12
CA TYR B 251 -20.87 33.00 30.57
C TYR B 251 -21.68 31.86 29.97
N ILE B 252 -21.43 30.62 30.42
CA ILE B 252 -22.18 29.44 29.96
C ILE B 252 -23.63 29.52 30.48
N GLY B 253 -24.57 29.26 29.59
CA GLY B 253 -26.00 29.27 29.88
C GLY B 253 -26.65 30.63 29.71
N LYS B 254 -25.88 31.61 29.22
CA LYS B 254 -26.38 32.97 29.02
C LYS B 254 -26.37 33.34 27.54
N THR B 255 -27.29 34.23 27.15
CA THR B 255 -27.37 34.75 25.78
C THR B 255 -26.55 36.03 25.70
N LYS B 256 -26.43 36.62 24.50
CA LYS B 256 -25.73 37.88 24.26
C LYS B 256 -26.51 39.05 24.87
N GLY B 257 -27.86 38.96 24.82
CA GLY B 257 -28.76 39.94 25.43
C GLY B 257 -28.60 39.99 26.95
N ASP B 258 -28.34 38.82 27.56
CA ASP B 258 -28.13 38.66 29.00
C ASP B 258 -26.81 39.26 29.48
N THR B 259 -25.79 39.32 28.58
CA THR B 259 -24.42 39.70 28.92
C THR B 259 -23.84 40.94 28.18
N THR B 260 -24.73 41.86 27.68
CA THR B 260 -24.29 43.07 26.95
C THR B 260 -23.23 43.86 27.73
N ALA B 261 -23.52 44.23 29.00
CA ALA B 261 -22.60 45.01 29.85
C ALA B 261 -21.28 44.27 30.07
N GLU B 262 -21.37 42.96 30.40
CA GLU B 262 -20.26 42.04 30.63
C GLU B 262 -19.31 42.03 29.43
N ALA B 263 -19.88 41.89 28.22
CA ALA B 263 -19.15 41.86 26.94
C ALA B 263 -18.37 43.15 26.73
N LEU B 264 -19.01 44.32 26.93
CA LEU B 264 -18.38 45.64 26.80
C LEU B 264 -17.24 45.78 27.78
N VAL B 265 -17.44 45.41 29.05
CA VAL B 265 -16.42 45.48 30.10
C VAL B 265 -15.22 44.61 29.68
N LEU B 266 -15.47 43.33 29.28
CA LEU B 266 -14.41 42.41 28.91
C LEU B 266 -13.69 42.82 27.61
N ALA B 267 -14.44 43.20 26.55
CA ALA B 267 -13.87 43.65 25.27
C ALA B 267 -13.06 44.93 25.47
N ASP B 268 -13.57 45.89 26.28
CA ASP B 268 -12.86 47.13 26.62
C ASP B 268 -11.52 46.85 27.29
N SER B 269 -11.57 46.02 28.35
CA SER B 269 -10.40 45.69 29.17
C SER B 269 -9.34 44.94 28.36
N PHE B 270 -9.77 44.03 27.46
CA PHE B 270 -8.83 43.26 26.65
C PHE B 270 -8.06 44.16 25.68
N ILE B 271 -8.75 44.99 24.88
CA ILE B 271 -8.14 45.87 23.88
C ILE B 271 -7.26 46.96 24.58
N ARG B 272 -7.70 47.48 25.75
CA ARG B 272 -6.97 48.50 26.52
C ARG B 272 -5.70 47.92 27.13
N ASP B 273 -5.81 46.71 27.75
CA ASP B 273 -4.67 46.02 28.37
C ASP B 273 -3.66 45.59 27.34
N LEU B 274 -4.13 45.19 26.15
CA LEU B 274 -3.26 44.80 25.04
C LEU B 274 -2.47 46.02 24.53
N GLY B 275 -3.17 47.13 24.29
CA GLY B 275 -2.57 48.37 23.81
C GLY B 275 -1.52 48.93 24.73
N ARG B 276 -1.79 48.87 26.06
CA ARG B 276 -0.87 49.35 27.08
C ARG B 276 0.35 48.45 27.18
N ALA B 277 0.14 47.12 27.23
CA ALA B 277 1.19 46.10 27.33
C ALA B 277 2.17 46.17 26.16
N ALA B 278 1.66 46.43 24.93
CA ALA B 278 2.47 46.54 23.70
C ALA B 278 3.40 47.77 23.72
N THR B 279 3.06 48.81 24.49
CA THR B 279 3.88 50.03 24.57
C THR B 279 4.52 50.16 25.98
N SER B 280 4.67 49.03 26.70
CA SER B 280 5.27 48.96 28.03
C SER B 280 6.79 48.70 27.92
N ALA B 281 7.49 48.68 29.08
CA ALA B 281 8.95 48.46 29.14
C ALA B 281 9.33 47.05 28.67
N ASP B 282 8.40 46.08 28.81
CA ASP B 282 8.58 44.69 28.37
C ASP B 282 7.31 44.25 27.60
N PRO B 283 7.17 44.63 26.29
CA PRO B 283 5.96 44.22 25.54
C PRO B 283 5.76 42.71 25.46
N GLU B 284 6.85 41.91 25.41
CA GLU B 284 6.72 40.46 25.34
C GLU B 284 6.02 39.88 26.59
N ALA B 285 6.53 40.19 27.80
CA ALA B 285 5.94 39.70 29.05
C ALA B 285 4.54 40.27 29.26
N GLY B 286 4.35 41.54 28.92
CA GLY B 286 3.11 42.28 29.06
C GLY B 286 2.00 41.74 28.17
N VAL B 287 2.27 41.59 26.86
CA VAL B 287 1.30 41.11 25.87
C VAL B 287 0.94 39.65 26.19
N LYS B 288 1.95 38.82 26.52
CA LYS B 288 1.76 37.41 26.87
C LYS B 288 0.90 37.24 28.14
N LYS B 289 1.08 38.13 29.15
CA LYS B 289 0.31 38.13 30.41
C LYS B 289 -1.16 38.43 30.12
N THR B 290 -1.45 39.49 29.33
CA THR B 290 -2.82 39.88 28.93
C THR B 290 -3.52 38.71 28.20
N ILE B 291 -2.84 38.11 27.21
CA ILE B 291 -3.36 37.01 26.41
C ILE B 291 -3.68 35.77 27.31
N THR B 292 -2.81 35.45 28.29
CA THR B 292 -3.04 34.33 29.20
C THR B 292 -4.17 34.68 30.21
N ASP B 293 -4.24 35.95 30.68
CA ASP B 293 -5.29 36.41 31.61
C ASP B 293 -6.68 36.29 30.98
N PHE B 294 -6.77 36.52 29.66
CA PHE B 294 -8.00 36.46 28.87
C PHE B 294 -8.00 35.23 27.92
N TRP B 295 -7.32 34.10 28.31
CA TRP B 295 -7.21 32.87 27.52
C TRP B 295 -8.57 32.41 26.98
N TYR B 296 -9.65 32.56 27.81
CA TYR B 296 -11.00 32.08 27.53
C TYR B 296 -11.64 32.81 26.34
N LEU B 297 -11.07 33.96 25.94
CA LEU B 297 -11.54 34.70 24.77
C LEU B 297 -11.11 34.01 23.47
N SER B 298 -10.30 32.93 23.57
CA SER B 298 -9.87 32.15 22.41
C SER B 298 -10.45 30.71 22.42
N CYS B 299 -11.40 30.43 23.34
CA CYS B 299 -11.97 29.10 23.50
C CYS B 299 -13.46 29.14 23.19
N GLY B 300 -13.84 28.46 22.10
CA GLY B 300 -15.22 28.43 21.66
C GLY B 300 -16.01 27.26 22.23
N LEU B 301 -17.30 27.49 22.55
CA LEU B 301 -18.17 26.39 22.99
C LEU B 301 -18.45 25.51 21.78
N LEU B 302 -18.22 24.19 21.89
CA LEU B 302 -18.46 23.32 20.73
C LEU B 302 -19.95 22.97 20.64
N PHE B 303 -20.70 23.83 19.96
CA PHE B 303 -22.13 23.73 19.77
C PHE B 303 -22.49 22.72 18.67
N PRO B 304 -23.39 21.73 18.93
CA PRO B 304 -23.78 20.80 17.85
C PRO B 304 -24.76 21.48 16.89
N LYS B 305 -24.42 21.54 15.60
CA LYS B 305 -25.26 22.23 14.62
C LYS B 305 -26.53 21.41 14.27
N GLY B 306 -27.69 22.07 14.29
CA GLY B 306 -28.96 21.48 13.90
C GLY B 306 -29.01 21.34 12.39
N GLU B 307 -29.11 20.11 11.89
CA GLU B 307 -29.11 19.83 10.45
C GLU B 307 -29.88 18.57 10.13
N ARG B 308 -30.09 18.33 8.83
CA ARG B 308 -30.75 17.13 8.36
C ARG B 308 -29.63 16.14 8.07
N TYR B 309 -29.28 15.38 9.14
CA TYR B 309 -28.24 14.36 9.13
C TYR B 309 -28.76 13.04 8.61
N THR B 310 -27.85 12.20 8.12
CA THR B 310 -28.16 10.83 7.69
C THR B 310 -28.27 10.00 8.97
N GLN B 311 -29.40 9.28 9.15
CA GLN B 311 -29.64 8.43 10.34
C GLN B 311 -28.51 7.42 10.54
N VAL B 312 -28.07 6.74 9.46
CA VAL B 312 -27.00 5.74 9.50
C VAL B 312 -25.66 6.36 10.01
N ASP B 313 -25.44 7.67 9.81
CA ASP B 313 -24.22 8.35 10.27
C ASP B 313 -24.46 9.33 11.41
N TRP B 314 -25.60 9.18 12.14
CA TRP B 314 -25.95 10.04 13.28
C TRP B 314 -24.81 10.17 14.30
N ASP B 315 -24.15 9.05 14.64
CA ASP B 315 -23.06 9.05 15.61
C ASP B 315 -21.67 9.15 14.94
N LYS B 316 -21.62 9.38 13.63
CA LYS B 316 -20.36 9.48 12.88
C LYS B 316 -20.06 10.91 12.48
N LYS B 317 -21.10 11.76 12.38
CA LYS B 317 -20.91 13.14 11.93
C LYS B 317 -22.01 14.09 12.44
N THR B 318 -21.60 15.01 13.32
CA THR B 318 -22.39 16.13 13.81
C THR B 318 -21.54 17.34 13.52
N ARG B 319 -22.01 18.25 12.67
CA ARG B 319 -21.23 19.45 12.39
C ARG B 319 -21.20 20.34 13.64
N ASN B 320 -20.07 21.02 13.83
CA ASN B 320 -19.87 21.86 15.01
C ASN B 320 -19.87 23.34 14.72
N ILE B 321 -20.51 24.12 15.60
CA ILE B 321 -20.46 25.57 15.57
C ILE B 321 -19.46 25.96 16.68
N TRP B 322 -18.36 26.61 16.30
CA TRP B 322 -17.36 27.10 17.25
C TRP B 322 -17.93 28.42 17.76
N SER B 323 -18.57 28.37 18.94
CA SER B 323 -19.27 29.53 19.43
C SER B 323 -18.32 30.46 20.19
N ALA B 324 -17.85 31.49 19.47
CA ALA B 324 -16.91 32.51 19.94
C ALA B 324 -17.44 33.29 21.11
N PRO B 325 -16.57 33.52 22.13
CA PRO B 325 -16.97 34.40 23.24
C PRO B 325 -17.44 35.75 22.71
N TYR B 326 -18.54 36.28 23.29
CA TYR B 326 -19.13 37.56 22.92
C TYR B 326 -18.06 38.69 22.78
N PRO B 327 -17.11 38.92 23.72
CA PRO B 327 -16.14 40.02 23.54
C PRO B 327 -15.25 39.85 22.30
N THR B 328 -14.79 38.61 22.00
CA THR B 328 -13.94 38.29 20.84
C THR B 328 -14.72 38.59 19.53
N HIS B 329 -15.99 38.12 19.45
CA HIS B 329 -16.88 38.33 18.30
C HIS B 329 -17.07 39.84 18.03
N LEU B 330 -17.27 40.64 19.10
CA LEU B 330 -17.49 42.08 19.04
C LEU B 330 -16.25 42.81 18.47
N LEU B 331 -15.04 42.48 18.96
CA LEU B 331 -13.77 43.07 18.51
C LEU B 331 -13.45 42.72 17.04
N LEU B 332 -13.68 41.46 16.64
CA LEU B 332 -13.46 41.02 15.26
C LEU B 332 -14.43 41.71 14.29
N SER B 333 -15.72 41.78 14.68
CA SER B 333 -16.82 42.35 13.89
C SER B 333 -16.63 43.82 13.68
N MET B 334 -15.95 44.52 14.62
CA MET B 334 -15.62 45.95 14.48
C MET B 334 -14.64 46.18 13.29
N VAL B 335 -13.85 45.18 12.91
CA VAL B 335 -12.89 45.28 11.79
C VAL B 335 -13.59 44.93 10.46
N SER B 336 -14.35 43.83 10.42
CA SER B 336 -14.96 43.34 9.19
C SER B 336 -16.27 44.02 8.76
N THR B 337 -17.27 44.14 9.66
CA THR B 337 -18.61 44.59 9.31
C THR B 337 -18.66 46.04 8.76
N PRO B 338 -17.91 47.07 9.25
CA PRO B 338 -18.01 48.41 8.61
C PRO B 338 -17.51 48.40 7.16
N VAL B 339 -16.58 47.47 6.82
CA VAL B 339 -16.06 47.30 5.45
C VAL B 339 -17.08 46.54 4.59
N MET B 340 -17.55 45.38 5.08
CA MET B 340 -18.46 44.49 4.32
C MET B 340 -19.85 45.11 4.11
N ASN B 341 -20.31 46.01 5.00
CA ASN B 341 -21.60 46.73 4.86
C ASN B 341 -21.61 47.57 3.58
N GLU B 342 -20.43 48.07 3.19
CA GLU B 342 -20.22 48.95 2.05
C GLU B 342 -19.73 48.20 0.83
N SER B 343 -19.63 46.86 0.91
CA SER B 343 -19.00 46.07 -0.14
C SER B 343 -19.87 44.91 -0.67
N LYS B 344 -21.15 45.19 -0.95
CA LYS B 344 -22.05 44.18 -1.52
C LYS B 344 -21.77 44.14 -3.04
N LEU B 345 -20.54 43.72 -3.41
CA LEU B 345 -20.12 43.71 -4.80
C LEU B 345 -19.98 42.28 -5.29
N ASN B 346 -20.68 41.94 -6.38
CA ASN B 346 -20.66 40.59 -6.92
C ASN B 346 -20.78 40.63 -8.44
N ILE B 347 -20.69 39.46 -9.08
CA ILE B 347 -20.71 39.29 -10.54
C ILE B 347 -21.99 39.89 -11.21
N THR B 348 -23.11 40.03 -10.47
CA THR B 348 -24.34 40.53 -11.08
C THR B 348 -24.36 42.07 -11.12
N ASN B 349 -23.49 42.77 -10.34
CA ASN B 349 -23.48 44.24 -10.32
C ASN B 349 -22.05 44.82 -10.52
N THR B 350 -21.03 43.96 -10.62
CA THR B 350 -19.63 44.39 -10.74
C THR B 350 -18.87 43.36 -11.57
N GLN B 351 -17.80 43.79 -12.25
CA GLN B 351 -16.96 42.87 -13.03
C GLN B 351 -15.97 42.19 -12.09
N THR B 352 -16.47 41.19 -11.34
CA THR B 352 -15.73 40.40 -10.35
C THR B 352 -16.22 38.95 -10.35
N PRO B 353 -15.36 37.93 -10.06
CA PRO B 353 -15.90 36.55 -9.91
C PRO B 353 -16.68 36.36 -8.59
N SER B 354 -16.61 37.32 -7.66
CA SER B 354 -17.27 37.21 -6.35
C SER B 354 -18.79 37.06 -6.44
N LEU B 355 -19.37 36.29 -5.49
CA LEU B 355 -20.81 36.10 -5.36
C LEU B 355 -21.31 36.73 -4.04
N TYR B 356 -20.44 37.49 -3.31
CA TYR B 356 -20.83 38.09 -2.03
C TYR B 356 -22.09 38.97 -2.16
N GLY B 357 -23.08 38.68 -1.29
CA GLY B 357 -24.34 39.40 -1.25
C GLY B 357 -25.30 39.03 -2.38
N PHE B 358 -25.00 37.93 -3.14
CA PHE B 358 -25.86 37.51 -4.24
C PHE B 358 -27.20 37.00 -3.76
N SER B 359 -28.26 37.37 -4.49
CA SER B 359 -29.60 36.86 -4.32
C SER B 359 -30.10 36.37 -5.69
N PRO B 360 -30.66 35.15 -5.80
CA PRO B 360 -31.14 34.71 -7.13
C PRO B 360 -32.49 35.35 -7.48
N PHE B 361 -33.15 35.93 -6.49
CA PHE B 361 -34.45 36.57 -6.65
C PHE B 361 -34.30 37.96 -7.28
N HIS B 362 -35.42 38.54 -7.72
CA HIS B 362 -35.48 39.87 -8.33
C HIS B 362 -34.52 39.97 -9.55
N GLY B 363 -34.51 38.89 -10.34
CA GLY B 363 -33.73 38.77 -11.56
C GLY B 363 -32.28 38.36 -11.42
N GLY B 364 -31.83 38.07 -10.19
CA GLY B 364 -30.44 37.65 -9.90
C GLY B 364 -29.99 36.42 -10.70
N MET B 365 -30.82 35.35 -10.69
CA MET B 365 -30.55 34.13 -11.44
C MET B 365 -30.52 34.42 -12.98
N ASP B 366 -31.44 35.24 -13.49
CA ASP B 366 -31.41 35.57 -14.91
C ASP B 366 -30.12 36.33 -15.28
N ARG B 367 -29.62 37.23 -14.38
CA ARG B 367 -28.35 37.95 -14.59
C ARG B 367 -27.18 36.97 -14.71
N ILE B 368 -27.16 35.94 -13.83
CA ILE B 368 -26.16 34.86 -13.84
C ILE B 368 -26.26 34.08 -15.16
N MET B 369 -27.48 33.69 -15.57
CA MET B 369 -27.70 32.94 -16.83
C MET B 369 -27.27 33.75 -18.06
N THR B 370 -27.46 35.09 -18.03
CA THR B 370 -27.00 35.99 -19.11
C THR B 370 -25.45 35.94 -19.17
N ILE B 371 -24.79 36.03 -18.00
CA ILE B 371 -23.32 35.99 -17.90
C ILE B 371 -22.83 34.63 -18.42
N ILE B 372 -23.48 33.51 -18.02
CA ILE B 372 -23.13 32.15 -18.46
C ILE B 372 -23.31 32.00 -19.99
N ARG B 373 -24.47 32.43 -20.53
CA ARG B 373 -24.79 32.33 -21.96
C ARG B 373 -23.82 33.14 -22.82
N ASP B 374 -23.46 34.36 -22.38
CA ASP B 374 -22.50 35.20 -23.10
C ASP B 374 -21.12 34.54 -23.12
N SER B 375 -20.72 33.90 -22.01
CA SER B 375 -19.45 33.19 -21.92
C SER B 375 -19.40 32.05 -22.93
N LEU B 376 -20.47 31.22 -22.97
CA LEU B 376 -20.57 30.09 -23.89
C LEU B 376 -20.55 30.53 -25.36
N ASP B 377 -21.24 31.67 -25.70
CA ASP B 377 -21.29 32.20 -27.06
C ASP B 377 -19.92 32.74 -27.49
N ASN B 378 -19.16 33.33 -26.54
CA ASN B 378 -17.86 33.92 -26.82
C ASN B 378 -16.70 32.93 -26.53
N ASP B 379 -17.04 31.68 -26.19
CA ASP B 379 -16.11 30.58 -25.85
C ASP B 379 -15.07 31.06 -24.78
N GLU B 380 -15.60 31.72 -23.72
CA GLU B 380 -14.83 32.25 -22.59
C GLU B 380 -15.07 31.41 -21.34
N ASP B 381 -14.00 31.16 -20.56
CA ASP B 381 -14.07 30.44 -19.30
C ASP B 381 -14.64 31.37 -18.26
N LEU B 382 -15.21 30.82 -17.21
CA LEU B 382 -15.83 31.63 -16.16
C LEU B 382 -15.56 31.03 -14.79
N VAL B 383 -15.30 31.89 -13.81
CA VAL B 383 -15.09 31.47 -12.44
C VAL B 383 -15.94 32.37 -11.52
N MET B 384 -16.55 31.75 -10.50
CA MET B 384 -17.35 32.44 -9.48
C MET B 384 -16.95 31.91 -8.13
N ILE B 385 -16.89 32.81 -7.13
CA ILE B 385 -16.43 32.44 -5.78
C ILE B 385 -17.37 32.94 -4.71
N TYR B 386 -17.67 32.08 -3.75
CA TYR B 386 -18.46 32.41 -2.58
C TYR B 386 -17.93 31.61 -1.40
N ALA B 387 -17.07 32.24 -0.54
CA ALA B 387 -16.49 31.56 0.64
C ALA B 387 -15.84 30.22 0.19
N ASP B 388 -16.26 29.06 0.73
CA ASP B 388 -15.71 27.73 0.37
C ASP B 388 -16.34 27.14 -0.92
N ASN B 389 -17.14 27.92 -1.69
CA ASN B 389 -17.73 27.45 -2.95
C ASN B 389 -17.05 28.07 -4.17
N ILE B 390 -16.61 27.22 -5.10
CA ILE B 390 -16.03 27.66 -6.38
C ILE B 390 -16.92 27.12 -7.49
N TYR B 391 -17.19 27.96 -8.50
CA TYR B 391 -17.94 27.55 -9.68
C TYR B 391 -17.08 27.84 -10.87
N ILE B 392 -16.84 26.82 -11.72
CA ILE B 392 -16.05 26.95 -12.93
C ILE B 392 -16.85 26.51 -14.15
N LEU B 393 -16.85 27.37 -15.17
CA LEU B 393 -17.43 27.11 -16.47
C LEU B 393 -16.26 26.98 -17.45
N GLN B 394 -16.00 25.77 -17.95
CA GLN B 394 -14.99 25.50 -18.97
C GLN B 394 -15.34 24.23 -19.72
N ASP B 395 -14.96 24.16 -21.01
CA ASP B 395 -15.17 23.03 -21.92
C ASP B 395 -16.66 22.61 -21.97
N ASN B 396 -17.56 23.61 -22.17
CA ASN B 396 -19.02 23.44 -22.25
C ASN B 396 -19.55 22.62 -21.03
N THR B 397 -18.93 22.83 -19.85
CA THR B 397 -19.29 22.11 -18.63
C THR B 397 -19.29 23.08 -17.43
N TRP B 398 -20.25 22.89 -16.52
CA TRP B 398 -20.39 23.64 -15.27
C TRP B 398 -19.89 22.75 -14.12
N TYR B 399 -18.92 23.26 -13.36
CA TYR B 399 -18.35 22.55 -12.22
C TYR B 399 -18.60 23.29 -10.93
N SER B 400 -19.08 22.55 -9.95
CA SER B 400 -19.25 23.05 -8.60
C SER B 400 -18.17 22.39 -7.77
N ILE B 401 -17.23 23.21 -7.26
CA ILE B 401 -16.11 22.74 -6.45
C ILE B 401 -16.23 23.31 -5.06
N ASP B 402 -16.21 22.45 -4.04
CA ASP B 402 -16.27 22.90 -2.65
C ASP B 402 -15.03 22.54 -1.93
N LEU B 403 -14.56 23.43 -1.07
CA LEU B 403 -13.43 23.09 -0.21
C LEU B 403 -13.89 21.97 0.69
N GLU B 404 -13.00 21.02 0.96
CA GLU B 404 -13.39 19.89 1.78
C GLU B 404 -13.31 20.34 3.23
N LYS B 405 -14.48 20.41 3.91
CA LYS B 405 -14.61 20.82 5.31
C LYS B 405 -13.83 22.10 5.49
N GLY B 406 -14.12 23.06 4.59
CA GLY B 406 -13.44 24.36 4.42
C GLY B 406 -12.57 24.90 5.54
N GLU B 407 -13.22 25.27 6.66
CA GLU B 407 -12.67 25.86 7.89
C GLU B 407 -11.41 25.15 8.41
N ALA B 408 -11.33 23.81 8.27
CA ALA B 408 -10.20 22.98 8.74
C ALA B 408 -8.91 23.26 7.97
N ASN B 409 -9.00 23.82 6.75
CA ASN B 409 -7.85 24.16 5.89
C ASN B 409 -7.20 25.51 6.26
N CYS B 410 -7.88 26.29 7.10
CA CYS B 410 -7.44 27.62 7.48
C CYS B 410 -6.28 27.61 8.47
N THR B 411 -5.24 28.38 8.17
CA THR B 411 -4.11 28.60 9.06
C THR B 411 -4.30 30.00 9.68
N PRO B 412 -3.71 30.32 10.87
CA PRO B 412 -3.82 31.68 11.39
C PRO B 412 -3.31 32.71 10.37
N GLN B 413 -2.34 32.31 9.52
CA GLN B 413 -1.71 33.12 8.47
C GLN B 413 -2.69 33.47 7.35
N HIS B 414 -3.69 32.61 7.06
CA HIS B 414 -4.74 32.93 6.08
C HIS B 414 -5.57 34.10 6.61
N MET B 415 -5.97 34.06 7.90
CA MET B 415 -6.76 35.12 8.51
C MET B 415 -5.93 36.41 8.61
N GLN B 416 -4.62 36.28 8.90
CA GLN B 416 -3.72 37.41 8.99
C GLN B 416 -3.64 38.14 7.63
N ALA B 417 -3.59 37.39 6.51
CA ALA B 417 -3.58 37.95 5.14
C ALA B 417 -4.92 38.67 4.84
N MET B 418 -6.04 38.13 5.36
CA MET B 418 -7.35 38.78 5.20
C MET B 418 -7.35 40.10 6.01
N MET B 419 -6.79 40.09 7.23
CA MET B 419 -6.65 41.29 8.09
C MET B 419 -5.80 42.35 7.39
N TYR B 420 -4.73 41.91 6.70
CA TYR B 420 -3.86 42.80 5.92
C TYR B 420 -4.71 43.50 4.83
N TYR B 421 -5.50 42.71 4.07
CA TYR B 421 -6.35 43.21 2.99
C TYR B 421 -7.40 44.22 3.51
N LEU B 422 -8.06 43.91 4.63
CA LEU B 422 -9.07 44.81 5.22
C LEU B 422 -8.45 46.11 5.72
N LEU B 423 -7.28 46.05 6.37
CA LEU B 423 -6.64 47.25 6.94
C LEU B 423 -5.96 48.12 5.89
N THR B 424 -5.52 47.55 4.76
CA THR B 424 -4.87 48.33 3.70
C THR B 424 -5.90 48.87 2.69
N ARG B 425 -6.87 48.04 2.27
CA ARG B 425 -7.85 48.44 1.25
C ARG B 425 -9.16 49.00 1.84
N GLY B 426 -9.48 48.65 3.07
CA GLY B 426 -10.71 49.11 3.71
C GLY B 426 -10.47 50.28 4.65
N TRP B 427 -9.78 50.00 5.76
CA TRP B 427 -9.43 50.94 6.84
C TRP B 427 -8.32 51.90 6.43
N THR B 428 -8.56 52.64 5.33
CA THR B 428 -7.58 53.60 4.81
C THR B 428 -8.29 54.89 4.38
N ASN B 429 -7.70 56.05 4.69
CA ASN B 429 -8.23 57.35 4.26
C ASN B 429 -7.82 57.59 2.80
N GLU B 430 -8.45 58.58 2.13
CA GLU B 430 -8.15 58.91 0.73
C GLU B 430 -6.69 59.35 0.55
N ASP B 431 -6.10 60.01 1.56
CA ASP B 431 -4.70 60.45 1.46
C ASP B 431 -3.71 59.27 1.70
N GLY B 432 -4.24 58.09 2.03
CA GLY B 432 -3.47 56.87 2.28
C GLY B 432 -3.07 56.65 3.73
N SER B 433 -3.51 57.55 4.64
CA SER B 433 -3.21 57.42 6.08
C SER B 433 -4.14 56.35 6.70
N PRO B 434 -3.68 55.65 7.77
CA PRO B 434 -4.49 54.57 8.33
C PRO B 434 -5.69 55.03 9.17
N ARG B 435 -6.82 54.28 9.07
CA ARG B 435 -8.05 54.49 9.84
C ARG B 435 -8.02 53.53 11.05
N TYR B 436 -6.84 53.50 11.71
CA TYR B 436 -6.53 52.68 12.86
C TYR B 436 -5.27 53.20 13.55
N ASN B 437 -5.10 52.83 14.82
CA ASN B 437 -3.93 53.19 15.62
C ASN B 437 -3.06 51.92 15.87
N PRO B 438 -1.87 52.04 16.52
CA PRO B 438 -1.05 50.83 16.75
C PRO B 438 -1.74 49.73 17.56
N THR B 439 -2.57 50.10 18.56
CA THR B 439 -3.28 49.09 19.38
C THR B 439 -4.19 48.20 18.52
N TRP B 440 -4.96 48.81 17.60
CA TRP B 440 -5.86 48.03 16.76
C TRP B 440 -5.10 47.27 15.66
N ALA B 441 -3.94 47.78 15.21
CA ALA B 441 -3.07 47.07 14.25
C ALA B 441 -2.49 45.82 14.94
N THR B 442 -2.19 45.91 16.26
CA THR B 442 -1.68 44.80 17.07
C THR B 442 -2.76 43.74 17.24
N PHE B 443 -3.99 44.15 17.61
CA PHE B 443 -5.08 43.21 17.77
C PHE B 443 -5.33 42.49 16.46
N ALA B 444 -5.53 43.25 15.37
CA ALA B 444 -5.89 42.68 14.07
C ALA B 444 -4.80 41.81 13.46
N MET B 445 -3.53 42.28 13.46
CA MET B 445 -2.44 41.56 12.81
C MET B 445 -1.73 40.56 13.66
N ASN B 446 -1.50 40.88 14.92
CA ASN B 446 -0.63 40.07 15.75
C ASN B 446 -1.32 39.14 16.72
N VAL B 447 -2.59 39.39 17.09
CA VAL B 447 -3.23 38.53 18.10
C VAL B 447 -4.51 37.86 17.58
N ALA B 448 -5.47 38.62 17.03
CA ALA B 448 -6.78 38.13 16.60
C ALA B 448 -6.73 36.82 15.77
N PRO B 449 -5.87 36.63 14.73
CA PRO B 449 -5.91 35.37 14.00
C PRO B 449 -5.72 34.11 14.87
N SER B 450 -4.92 34.19 15.98
CA SER B 450 -4.69 33.02 16.85
C SER B 450 -5.74 32.87 17.94
N MET B 451 -6.69 33.79 18.00
CA MET B 451 -7.76 33.67 18.95
C MET B 451 -8.89 32.78 18.39
N VAL B 452 -9.02 32.71 17.06
CA VAL B 452 -10.13 31.96 16.44
C VAL B 452 -9.62 30.91 15.42
N VAL B 453 -8.29 30.86 15.14
CA VAL B 453 -7.72 29.88 14.20
C VAL B 453 -6.62 29.09 14.92
N ASP B 454 -6.75 27.73 14.89
CA ASP B 454 -5.85 26.74 15.51
C ASP B 454 -5.72 26.99 17.00
N SER B 455 -6.83 27.34 17.67
CA SER B 455 -6.86 27.64 19.09
C SER B 455 -7.56 26.49 19.84
N SER B 456 -8.66 26.72 20.59
CA SER B 456 -9.28 25.61 21.34
C SER B 456 -10.79 25.74 21.46
N CYS B 457 -11.42 24.65 21.96
CA CYS B 457 -12.87 24.60 22.15
C CYS B 457 -13.21 23.85 23.46
N LEU B 458 -14.47 23.96 23.92
CA LEU B 458 -14.94 23.33 25.14
C LEU B 458 -16.12 22.42 24.87
N LEU B 459 -16.01 21.17 25.35
CA LEU B 459 -17.04 20.14 25.25
C LEU B 459 -16.98 19.36 26.53
N MET B 460 -18.10 19.34 27.29
CA MET B 460 -18.20 18.75 28.64
C MET B 460 -17.23 19.56 29.51
N ASN B 461 -16.30 18.91 30.23
CA ASN B 461 -15.28 19.57 31.04
C ASN B 461 -13.91 19.51 30.28
N LEU B 462 -13.94 19.20 28.96
CA LEU B 462 -12.72 19.03 28.15
C LEU B 462 -12.39 20.23 27.27
N GLN B 463 -11.15 20.74 27.42
CA GLN B 463 -10.63 21.84 26.61
C GLN B 463 -9.80 21.19 25.52
N LEU B 464 -10.39 21.14 24.32
CA LEU B 464 -9.82 20.47 23.15
C LEU B 464 -9.18 21.43 22.18
N LYS B 465 -8.18 20.95 21.44
CA LYS B 465 -7.55 21.72 20.37
C LYS B 465 -8.54 21.90 19.22
N THR B 466 -8.51 23.07 18.57
CA THR B 466 -9.26 23.34 17.35
C THR B 466 -8.25 23.23 16.20
N TYR B 467 -8.60 22.50 15.15
CA TYR B 467 -7.77 22.41 13.93
C TYR B 467 -8.47 23.28 12.84
N GLY B 468 -7.77 24.33 12.41
CA GLY B 468 -8.30 25.29 11.44
C GLY B 468 -9.07 26.41 12.12
N GLN B 469 -9.91 27.14 11.36
CA GLN B 469 -10.70 28.23 11.93
C GLN B 469 -11.99 27.70 12.51
N GLY B 470 -12.43 28.33 13.59
CA GLY B 470 -13.66 27.93 14.24
C GLY B 470 -14.85 28.34 13.41
N SER B 471 -15.62 27.36 12.92
CA SER B 471 -16.82 27.56 12.09
C SER B 471 -17.88 28.36 12.83
N GLY B 472 -18.23 29.50 12.27
CA GLY B 472 -19.20 30.40 12.87
C GLY B 472 -18.57 31.68 13.38
N ASN B 473 -17.21 31.73 13.49
CA ASN B 473 -16.56 32.97 13.92
C ASN B 473 -16.83 34.06 12.87
N ALA B 474 -16.70 35.34 13.27
CA ALA B 474 -16.98 36.53 12.44
C ALA B 474 -16.24 36.51 11.08
N PHE B 475 -15.07 35.88 11.00
CA PHE B 475 -14.27 35.84 9.77
C PHE B 475 -14.44 34.53 8.98
N THR B 476 -15.45 33.68 9.32
CA THR B 476 -15.63 32.38 8.63
C THR B 476 -15.70 32.56 7.08
N PHE B 477 -16.65 33.37 6.60
CA PHE B 477 -16.84 33.64 5.16
C PHE B 477 -15.55 34.18 4.51
N LEU B 478 -14.97 35.24 5.13
CA LEU B 478 -13.79 35.94 4.61
C LEU B 478 -12.58 35.03 4.47
N ASN B 479 -12.28 34.24 5.50
CA ASN B 479 -11.14 33.32 5.49
C ASN B 479 -11.37 32.19 4.46
N ASN B 480 -12.59 31.66 4.36
CA ASN B 480 -12.91 30.62 3.37
C ASN B 480 -12.81 31.18 1.96
N HIS B 481 -13.29 32.44 1.74
CA HIS B 481 -13.23 33.11 0.44
C HIS B 481 -11.77 33.32 -0.01
N LEU B 482 -10.87 33.63 0.94
CA LEU B 482 -9.44 33.79 0.64
C LEU B 482 -8.82 32.44 0.20
N MET B 483 -9.17 31.36 0.89
CA MET B 483 -8.67 30.02 0.54
C MET B 483 -9.13 29.61 -0.87
N SER B 484 -10.40 29.89 -1.22
CA SER B 484 -10.90 29.61 -2.57
C SER B 484 -10.19 30.46 -3.61
N THR B 485 -9.86 31.71 -3.26
CA THR B 485 -9.10 32.66 -4.11
C THR B 485 -7.72 32.06 -4.47
N ILE B 486 -7.05 31.43 -3.48
CA ILE B 486 -5.75 30.80 -3.64
C ILE B 486 -5.88 29.61 -4.63
N VAL B 487 -6.92 28.76 -4.44
CA VAL B 487 -7.17 27.60 -5.29
C VAL B 487 -7.43 28.09 -6.75
N VAL B 488 -8.25 29.14 -6.92
CA VAL B 488 -8.59 29.71 -8.23
C VAL B 488 -7.36 30.36 -8.88
N ALA B 489 -6.56 31.14 -8.13
CA ALA B 489 -5.32 31.75 -8.63
C ALA B 489 -4.34 30.68 -9.16
N GLU B 490 -4.25 29.52 -8.45
CA GLU B 490 -3.39 28.41 -8.83
C GLU B 490 -3.95 27.68 -10.06
N TRP B 491 -5.28 27.64 -10.23
CA TRP B 491 -5.93 27.06 -11.40
C TRP B 491 -5.59 27.91 -12.62
N VAL B 492 -5.67 29.24 -12.50
CA VAL B 492 -5.33 30.20 -13.56
C VAL B 492 -3.82 30.06 -13.90
N LYS B 493 -2.94 30.02 -12.87
CA LYS B 493 -1.49 29.87 -13.05
C LYS B 493 -1.14 28.56 -13.78
N ALA B 494 -1.80 27.43 -13.44
CA ALA B 494 -1.56 26.12 -14.06
C ALA B 494 -2.16 26.01 -15.49
N GLY B 495 -2.67 27.12 -16.04
CA GLY B 495 -3.22 27.18 -17.38
C GLY B 495 -4.64 26.66 -17.48
N LYS B 496 -5.44 26.88 -16.41
CA LYS B 496 -6.84 26.49 -16.24
C LYS B 496 -7.06 24.98 -16.58
N PRO B 497 -6.38 24.02 -15.90
CA PRO B 497 -6.65 22.59 -16.18
C PRO B 497 -8.09 22.23 -15.82
N ASN B 498 -8.70 21.35 -16.61
CA ASN B 498 -10.07 20.92 -16.40
C ASN B 498 -10.23 20.34 -14.98
N PRO B 499 -11.28 20.74 -14.23
CA PRO B 499 -11.46 20.22 -12.86
C PRO B 499 -11.46 18.69 -12.70
N MET B 500 -11.72 17.91 -13.78
CA MET B 500 -11.77 16.43 -13.69
C MET B 500 -10.41 15.76 -13.91
N THR B 501 -9.37 16.54 -14.19
CA THR B 501 -8.03 16.02 -14.49
C THR B 501 -7.16 15.96 -13.22
N LYS B 502 -6.09 15.15 -13.26
CA LYS B 502 -5.10 15.00 -12.19
C LYS B 502 -4.43 16.35 -11.93
N GLU B 503 -4.15 17.12 -13.00
CA GLU B 503 -3.53 18.45 -12.97
C GLU B 503 -4.30 19.41 -12.09
N PHE B 504 -5.66 19.33 -12.08
CA PHE B 504 -6.47 20.17 -11.21
C PHE B 504 -6.43 19.64 -9.78
N MET B 505 -6.56 18.30 -9.60
CA MET B 505 -6.54 17.68 -8.29
C MET B 505 -5.20 17.87 -7.60
N ASP B 506 -4.12 18.07 -8.38
CA ASP B 506 -2.77 18.34 -7.89
C ASP B 506 -2.69 19.69 -7.17
N LEU B 507 -3.67 20.59 -7.38
CA LEU B 507 -3.71 21.89 -6.72
C LEU B 507 -3.97 21.70 -5.21
N GLU B 508 -4.48 20.52 -4.79
CA GLU B 508 -4.69 20.24 -3.36
C GLU B 508 -3.35 20.31 -2.62
N GLU B 509 -2.33 19.57 -3.12
CA GLU B 509 -1.00 19.53 -2.56
C GLU B 509 -0.28 20.87 -2.74
N LYS B 510 -0.44 21.51 -3.91
CA LYS B 510 0.22 22.79 -4.19
C LYS B 510 -0.26 23.88 -3.18
N THR B 511 -1.56 23.89 -2.81
CA THR B 511 -2.15 24.93 -1.95
C THR B 511 -2.31 24.53 -0.45
N GLY B 512 -2.26 23.23 -0.14
CA GLY B 512 -2.48 22.73 1.21
C GLY B 512 -3.97 22.77 1.56
N ILE B 513 -4.83 23.03 0.53
CA ILE B 513 -6.27 23.17 0.67
C ILE B 513 -6.96 22.00 -0.02
N ASN B 514 -7.72 21.21 0.76
CA ASN B 514 -8.50 20.07 0.27
C ASN B 514 -9.76 20.58 -0.40
N PHE B 515 -10.15 19.94 -1.49
CA PHE B 515 -11.40 20.33 -2.17
C PHE B 515 -11.90 19.14 -2.94
N LYS B 516 -13.17 19.20 -3.34
CA LYS B 516 -13.73 18.15 -4.18
C LYS B 516 -14.73 18.71 -5.15
N ILE B 517 -14.80 18.06 -6.30
CA ILE B 517 -15.75 18.38 -7.36
C ILE B 517 -17.06 17.78 -6.90
N GLU B 518 -18.02 18.64 -6.58
CA GLU B 518 -19.32 18.26 -6.04
C GLU B 518 -20.37 18.05 -7.12
N ARG B 519 -20.18 18.69 -8.28
CA ARG B 519 -21.13 18.61 -9.38
C ARG B 519 -20.45 18.88 -10.70
N GLU B 520 -20.84 18.14 -11.70
CA GLU B 520 -20.39 18.27 -13.06
C GLU B 520 -21.64 18.28 -13.94
N LEU B 521 -21.88 19.39 -14.60
CA LEU B 521 -23.04 19.57 -15.47
C LEU B 521 -22.51 19.62 -16.89
N LYS B 522 -22.49 18.46 -17.55
CA LYS B 522 -21.98 18.27 -18.92
C LYS B 522 -22.96 18.81 -19.96
N ASN B 523 -22.43 19.13 -21.17
CA ASN B 523 -23.17 19.63 -22.33
C ASN B 523 -24.05 20.79 -21.90
N LEU B 524 -23.40 21.81 -21.32
CA LEU B 524 -24.05 22.99 -20.74
C LEU B 524 -24.85 23.78 -21.78
N ARG B 525 -24.27 24.10 -22.95
CA ARG B 525 -24.95 24.81 -24.04
C ARG B 525 -26.29 24.17 -24.39
N GLU B 526 -26.26 22.85 -24.61
CA GLU B 526 -27.38 21.98 -24.98
C GLU B 526 -28.42 21.96 -23.88
N THR B 527 -28.01 21.78 -22.59
CA THR B 527 -28.87 21.78 -21.39
C THR B 527 -29.66 23.09 -21.27
N ILE B 528 -29.01 24.27 -21.53
CA ILE B 528 -29.68 25.60 -21.47
C ILE B 528 -30.72 25.68 -22.60
N VAL B 529 -30.38 25.20 -23.82
CA VAL B 529 -31.29 25.18 -24.97
C VAL B 529 -32.52 24.27 -24.62
N GLU B 530 -32.26 23.11 -24.02
CA GLU B 530 -33.28 22.16 -23.58
C GLU B 530 -34.20 22.79 -22.52
N ALA B 531 -33.62 23.51 -21.54
CA ALA B 531 -34.36 24.21 -20.47
C ALA B 531 -35.34 25.22 -21.05
N VAL B 532 -34.92 25.96 -22.08
CA VAL B 532 -35.76 26.95 -22.73
C VAL B 532 -36.85 26.25 -23.57
N GLU B 533 -36.48 25.21 -24.34
CA GLU B 533 -37.40 24.52 -25.24
C GLU B 533 -38.43 23.64 -24.52
N THR B 534 -38.08 23.06 -23.36
CA THR B 534 -39.00 22.22 -22.58
C THR B 534 -39.85 23.02 -21.58
N ALA B 535 -39.60 24.36 -21.44
CA ALA B 535 -40.36 25.25 -20.56
C ALA B 535 -41.87 25.01 -20.79
N PRO B 536 -42.65 24.75 -19.73
CA PRO B 536 -44.07 24.46 -19.96
C PRO B 536 -44.86 25.65 -20.43
N GLN B 537 -45.96 25.38 -21.14
CA GLN B 537 -46.88 26.41 -21.60
C GLN B 537 -48.00 26.60 -20.56
N ASP B 538 -48.19 25.62 -19.71
CA ASP B 538 -49.25 25.67 -18.71
C ASP B 538 -48.75 25.96 -17.30
N GLY B 539 -49.55 26.72 -16.56
CA GLY B 539 -49.29 26.97 -15.16
C GLY B 539 -48.45 28.19 -14.83
N TYR B 540 -47.95 28.18 -13.60
CA TYR B 540 -47.17 29.22 -12.96
C TYR B 540 -46.00 29.68 -13.83
N LEU B 541 -45.93 30.99 -14.04
CA LEU B 541 -44.86 31.67 -14.79
C LEU B 541 -44.77 31.18 -16.23
N ALA B 542 -45.87 30.58 -16.74
CA ALA B 542 -45.98 29.99 -18.09
C ALA B 542 -47.12 30.67 -18.75
N ASP B 543 -48.36 30.21 -18.53
CA ASP B 543 -49.48 30.97 -19.05
C ASP B 543 -50.04 31.84 -17.93
N GLY B 544 -49.50 31.73 -16.72
CA GLY B 544 -49.95 32.57 -15.61
C GLY B 544 -51.11 32.08 -14.75
N SER B 545 -51.54 30.82 -14.94
CA SER B 545 -52.60 30.25 -14.11
C SER B 545 -51.94 29.83 -12.77
N ASP B 546 -52.73 29.74 -11.67
CA ASP B 546 -52.26 29.41 -10.33
C ASP B 546 -52.10 27.90 -10.13
N LEU B 547 -51.42 27.23 -11.07
CA LEU B 547 -51.28 25.79 -11.05
C LEU B 547 -49.88 25.38 -11.42
N PRO B 548 -49.37 24.27 -10.83
CA PRO B 548 -48.04 23.80 -11.24
C PRO B 548 -48.10 23.25 -12.66
N PRO B 549 -47.01 23.17 -13.44
CA PRO B 549 -47.12 22.53 -14.76
C PRO B 549 -47.38 21.03 -14.59
N ILE B 550 -48.05 20.39 -15.54
CA ILE B 550 -48.29 18.94 -15.48
C ILE B 550 -46.93 18.26 -15.67
N ARG B 551 -46.15 18.77 -16.62
CA ARG B 551 -44.80 18.28 -16.92
C ARG B 551 -43.79 19.47 -16.83
N PRO B 552 -43.09 19.60 -15.68
CA PRO B 552 -42.06 20.66 -15.55
C PRO B 552 -40.97 20.59 -16.62
N GLY B 553 -40.42 21.76 -16.96
CA GLY B 553 -39.33 21.85 -17.91
C GLY B 553 -38.02 21.43 -17.28
N LYS B 554 -37.01 21.18 -18.12
CA LYS B 554 -35.66 20.83 -17.70
C LYS B 554 -35.04 21.97 -16.86
N ALA B 555 -34.50 21.65 -15.67
CA ALA B 555 -33.79 22.64 -14.86
C ALA B 555 -32.32 22.66 -15.23
N VAL B 556 -31.69 23.85 -15.15
CA VAL B 556 -30.24 24.01 -15.28
C VAL B 556 -29.77 23.87 -13.84
N GLU B 557 -29.29 22.67 -13.47
CA GLU B 557 -28.96 22.33 -12.08
C GLU B 557 -27.57 22.83 -11.66
N LEU B 558 -27.43 24.16 -11.63
CA LEU B 558 -26.18 24.83 -11.29
C LEU B 558 -25.76 24.58 -9.86
N ASP B 559 -26.75 24.40 -8.96
CA ASP B 559 -26.57 24.33 -7.51
C ASP B 559 -25.79 25.57 -7.07
N LEU B 560 -26.14 26.73 -7.66
CA LEU B 560 -25.50 28.00 -7.38
C LEU B 560 -25.99 28.45 -6.03
N LEU B 561 -25.17 28.21 -4.98
CA LEU B 561 -25.52 28.53 -3.58
C LEU B 561 -26.88 27.86 -3.22
N GLY B 562 -27.10 26.65 -3.75
CA GLY B 562 -28.30 25.85 -3.51
C GLY B 562 -29.45 26.07 -4.47
N TRP B 563 -29.25 26.84 -5.54
CA TRP B 563 -30.32 27.13 -6.49
C TRP B 563 -30.07 26.59 -7.89
N SER B 564 -31.14 26.10 -8.52
CA SER B 564 -31.21 25.68 -9.93
C SER B 564 -31.95 26.76 -10.70
N ALA B 565 -31.84 26.75 -12.02
CA ALA B 565 -32.50 27.73 -12.89
C ALA B 565 -33.54 27.03 -13.76
N ILE B 566 -34.72 27.63 -13.84
CA ILE B 566 -35.83 27.12 -14.64
C ILE B 566 -36.22 28.29 -15.55
N TYR B 567 -36.56 28.01 -16.82
CA TYR B 567 -36.95 29.08 -17.75
C TYR B 567 -38.46 29.34 -17.64
N SER B 568 -38.84 30.61 -17.52
CA SER B 568 -40.23 31.10 -17.44
C SER B 568 -40.65 31.72 -18.78
N ARG B 569 -41.73 31.18 -19.39
CA ARG B 569 -42.26 31.73 -20.66
C ARG B 569 -42.96 33.08 -20.43
N GLN B 570 -43.65 33.23 -19.28
CA GLN B 570 -44.38 34.46 -18.96
C GLN B 570 -43.44 35.64 -18.78
N MET B 571 -42.34 35.43 -18.07
CA MET B 571 -41.38 36.48 -17.73
C MET B 571 -40.23 36.57 -18.72
N GLU B 572 -40.05 35.52 -19.55
CA GLU B 572 -39.01 35.40 -20.59
C GLU B 572 -37.63 35.52 -19.97
N MET B 573 -37.45 34.76 -18.90
CA MET B 573 -36.20 34.73 -18.16
C MET B 573 -36.10 33.48 -17.34
N PHE B 574 -34.88 33.23 -16.87
CA PHE B 574 -34.61 32.15 -15.93
C PHE B 574 -34.93 32.65 -14.53
N VAL B 575 -35.55 31.77 -13.74
CA VAL B 575 -35.93 32.07 -12.36
C VAL B 575 -35.32 30.98 -11.45
N PRO B 576 -35.03 31.24 -10.17
CA PRO B 576 -34.47 30.18 -9.33
C PRO B 576 -35.53 29.23 -8.77
N VAL B 577 -35.12 27.99 -8.58
CA VAL B 577 -35.85 26.96 -7.86
C VAL B 577 -34.82 26.29 -6.95
N LEU B 578 -35.21 26.06 -5.70
CA LEU B 578 -34.32 25.41 -4.75
C LEU B 578 -33.87 24.08 -5.30
N GLU B 579 -32.56 23.75 -5.23
CA GLU B 579 -32.03 22.49 -5.70
CA GLU B 579 -32.02 22.47 -5.67
C GLU B 579 -32.89 21.35 -5.12
N ASN B 580 -33.32 20.40 -5.97
CA ASN B 580 -34.24 19.31 -5.62
C ASN B 580 -33.94 18.58 -4.28
N GLU B 581 -32.70 18.15 -4.05
CA GLU B 581 -32.32 17.41 -2.83
C GLU B 581 -32.59 18.25 -1.57
N ARG B 582 -32.28 19.54 -1.60
CA ARG B 582 -32.54 20.49 -0.50
C ARG B 582 -34.05 20.68 -0.29
N LEU B 583 -34.80 20.81 -1.39
CA LEU B 583 -36.26 20.97 -1.36
C LEU B 583 -36.92 19.77 -0.68
N ILE B 584 -36.55 18.55 -1.11
CA ILE B 584 -37.08 17.30 -0.56
C ILE B 584 -36.71 17.15 0.92
N ALA B 585 -35.44 17.38 1.29
CA ALA B 585 -34.99 17.26 2.70
C ALA B 585 -35.80 18.19 3.61
N SER B 586 -36.01 19.43 3.16
CA SER B 586 -36.75 20.46 3.88
C SER B 586 -38.27 20.11 3.98
N ALA B 587 -38.86 19.49 2.93
CA ALA B 587 -40.24 19.01 2.94
C ALA B 587 -40.39 17.84 3.90
N ALA B 588 -39.42 16.92 3.92
CA ALA B 588 -39.44 15.73 4.79
C ALA B 588 -39.23 16.10 6.28
N TYR B 589 -38.23 16.97 6.55
CA TYR B 589 -37.89 17.40 7.90
C TYR B 589 -37.91 18.92 8.04
N PRO B 590 -39.11 19.54 8.20
CA PRO B 590 -39.14 21.01 8.36
C PRO B 590 -38.53 21.44 9.69
N LYS B 591 -37.85 22.61 9.69
CA LYS B 591 -37.36 23.20 10.93
C LYS B 591 -38.58 23.85 11.57
N GLY B 592 -38.73 23.70 12.88
CA GLY B 592 -39.83 24.34 13.59
C GLY B 592 -39.45 25.75 14.00
N LEU B 593 -40.26 26.35 14.90
CA LEU B 593 -39.93 27.66 15.47
C LEU B 593 -38.79 27.47 16.48
N GLU B 594 -37.57 27.91 16.14
CA GLU B 594 -36.42 27.76 17.04
C GLU B 594 -36.09 29.13 17.68
N ASN B 595 -37.12 29.69 18.35
CA ASN B 595 -37.13 30.95 19.07
C ASN B 595 -38.21 30.85 20.14
N LYS B 596 -37.78 30.69 21.40
CA LYS B 596 -38.65 30.53 22.58
C LYS B 596 -39.65 31.67 22.73
N ALA B 597 -39.18 32.93 22.57
CA ALA B 597 -39.98 34.15 22.70
C ALA B 597 -41.15 34.20 21.72
N LEU B 598 -40.89 33.98 20.42
CA LEU B 598 -41.92 33.98 19.38
C LEU B 598 -42.87 32.80 19.55
N ALA B 599 -42.33 31.62 19.91
CA ALA B 599 -43.11 30.39 20.13
C ALA B 599 -44.14 30.58 21.27
N ARG B 600 -43.77 31.38 22.29
CA ARG B 600 -44.61 31.70 23.46
C ARG B 600 -45.85 32.54 23.10
N LYS B 601 -45.72 33.44 22.09
CA LYS B 601 -46.79 34.34 21.62
C LYS B 601 -48.02 33.55 21.08
N PRO B 602 -49.26 33.99 21.37
CA PRO B 602 -50.43 33.24 20.87
C PRO B 602 -50.64 33.40 19.37
N GLY B 603 -51.06 32.31 18.73
CA GLY B 603 -51.32 32.22 17.30
C GLY B 603 -50.08 32.03 16.43
N ALA B 604 -48.88 32.13 17.04
CA ALA B 604 -47.59 32.01 16.37
C ALA B 604 -47.34 30.61 15.82
N GLU B 605 -47.69 29.57 16.59
CA GLU B 605 -47.48 28.18 16.21
C GLU B 605 -48.36 27.76 15.05
N ILE B 606 -49.61 28.28 15.01
CA ILE B 606 -50.53 27.95 13.91
C ILE B 606 -50.17 28.81 12.67
N ALA B 607 -49.56 29.99 12.89
CA ALA B 607 -49.09 30.87 11.81
C ALA B 607 -47.87 30.22 11.14
N TYR B 608 -46.95 29.62 11.97
CA TYR B 608 -45.75 28.93 11.50
C TYR B 608 -46.15 27.77 10.57
N GLN B 609 -47.23 27.06 10.89
CA GLN B 609 -47.78 25.95 10.11
C GLN B 609 -48.12 26.38 8.69
N ILE B 610 -48.76 27.56 8.54
CA ILE B 610 -49.10 28.12 7.23
C ILE B 610 -47.79 28.54 6.52
N VAL B 611 -46.88 29.24 7.24
CA VAL B 611 -45.58 29.71 6.73
C VAL B 611 -44.77 28.52 6.11
N ARG B 612 -44.66 27.41 6.84
CA ARG B 612 -43.94 26.20 6.42
C ARG B 612 -44.37 25.71 5.02
N TYR B 613 -45.68 25.57 4.79
CA TYR B 613 -46.22 25.12 3.51
C TYR B 613 -46.15 26.20 2.42
N GLU B 614 -46.27 27.49 2.77
CA GLU B 614 -46.15 28.56 1.79
C GLU B 614 -44.69 28.74 1.33
N ALA B 615 -43.72 28.69 2.29
CA ALA B 615 -42.29 28.87 2.00
C ALA B 615 -41.76 27.74 1.14
N ILE B 616 -42.14 26.47 1.42
CA ILE B 616 -41.70 25.33 0.60
C ILE B 616 -42.22 25.50 -0.87
N ARG B 617 -43.42 26.07 -1.04
CA ARG B 617 -43.98 26.35 -2.37
C ARG B 617 -43.19 27.48 -3.05
N LEU B 618 -42.94 28.60 -2.33
CA LEU B 618 -42.24 29.78 -2.82
C LEU B 618 -40.83 29.50 -3.35
N VAL B 619 -40.05 28.74 -2.61
CA VAL B 619 -38.65 28.49 -2.95
C VAL B 619 -38.51 27.52 -4.12
N GLY B 620 -39.56 26.83 -4.53
CA GLY B 620 -39.46 25.95 -5.68
C GLY B 620 -40.44 24.81 -5.79
N GLY B 621 -41.22 24.60 -4.72
CA GLY B 621 -42.22 23.52 -4.68
C GLY B 621 -43.35 23.82 -5.64
N TRP B 622 -43.57 25.13 -5.94
CA TRP B 622 -44.58 25.55 -6.90
C TRP B 622 -44.39 24.85 -8.23
N ASN B 623 -43.14 24.50 -8.59
CA ASN B 623 -42.81 23.89 -9.87
C ASN B 623 -42.80 22.35 -9.80
N ASN B 624 -43.16 21.76 -8.64
CA ASN B 624 -43.25 20.30 -8.49
C ASN B 624 -44.75 20.00 -8.37
N PRO B 625 -45.42 19.40 -9.40
CA PRO B 625 -46.88 19.31 -9.35
C PRO B 625 -47.43 18.51 -8.18
N LEU B 626 -46.82 17.37 -7.83
CA LEU B 626 -47.32 16.63 -6.68
C LEU B 626 -47.11 17.41 -5.38
N LEU B 627 -45.91 17.95 -5.19
CA LEU B 627 -45.56 18.70 -3.99
C LEU B 627 -46.45 19.94 -3.84
N GLU B 628 -46.65 20.70 -4.95
CA GLU B 628 -47.46 21.90 -4.97
C GLU B 628 -48.94 21.57 -4.70
N THR B 629 -49.49 20.48 -5.26
CA THR B 629 -50.89 20.10 -5.02
C THR B 629 -51.10 19.78 -3.53
N ALA B 630 -50.19 18.95 -2.93
CA ALA B 630 -50.23 18.57 -1.52
C ALA B 630 -49.98 19.78 -0.58
N ALA B 631 -48.90 20.59 -0.83
CA ALA B 631 -48.59 21.76 0.01
C ALA B 631 -49.69 22.84 -0.06
N LYS B 632 -50.26 23.12 -1.26
CA LYS B 632 -51.35 24.10 -1.43
C LYS B 632 -52.54 23.67 -0.56
N HIS B 633 -52.88 22.38 -0.63
CA HIS B 633 -53.97 21.79 0.15
C HIS B 633 -53.71 21.98 1.65
N MET B 634 -52.49 21.67 2.10
CA MET B 634 -52.07 21.81 3.49
C MET B 634 -52.14 23.27 3.94
N SER B 635 -51.69 24.20 3.08
CA SER B 635 -51.67 25.63 3.35
C SER B 635 -53.11 26.20 3.48
N LEU B 636 -54.02 25.79 2.59
CA LEU B 636 -55.41 26.28 2.62
C LEU B 636 -56.19 25.64 3.78
N ASP B 637 -55.93 24.35 4.08
CA ASP B 637 -56.57 23.63 5.19
C ASP B 637 -56.14 24.25 6.53
N LYS B 638 -54.86 24.62 6.68
CA LYS B 638 -54.31 25.27 7.89
C LYS B 638 -54.92 26.67 8.05
N ARG B 639 -55.13 27.39 6.93
CA ARG B 639 -55.72 28.73 6.90
C ARG B 639 -57.21 28.66 7.28
N LYS B 640 -57.90 27.58 6.88
CA LYS B 640 -59.31 27.33 7.17
C LYS B 640 -59.50 27.00 8.67
N ARG B 641 -58.54 26.26 9.27
CA ARG B 641 -58.53 25.88 10.69
C ARG B 641 -58.37 27.13 11.56
N LEU B 642 -57.61 28.13 11.06
CA LEU B 642 -57.33 29.42 11.68
C LEU B 642 -58.59 30.31 11.75
N GLU B 643 -59.46 30.24 10.73
CA GLU B 643 -60.72 30.96 10.59
C GLU B 643 -61.76 30.39 11.60
N VAL B 644 -61.74 29.06 11.79
CA VAL B 644 -62.61 28.30 12.70
C VAL B 644 -62.31 28.69 14.17
N LYS B 645 -61.02 28.77 14.53
CA LYS B 645 -60.58 29.12 15.89
C LYS B 645 -60.67 30.63 16.19
N GLY B 646 -60.81 31.45 15.13
CA GLY B 646 -60.93 32.91 15.23
C GLY B 646 -59.73 33.63 15.78
N ILE B 647 -58.52 33.25 15.33
CA ILE B 647 -57.29 33.90 15.81
C ILE B 647 -56.68 34.70 14.65
N ASP B 648 -56.31 35.97 14.90
CA ASP B 648 -55.68 36.84 13.90
C ASP B 648 -54.14 36.71 13.95
N VAL B 649 -53.55 36.20 12.84
CA VAL B 649 -52.12 35.94 12.71
C VAL B 649 -51.49 36.81 11.58
N THR B 650 -52.24 37.82 11.07
CA THR B 650 -51.85 38.71 9.98
C THR B 650 -50.43 39.28 10.21
N GLY B 651 -50.14 39.73 11.43
CA GLY B 651 -48.83 40.28 11.80
C GLY B 651 -47.70 39.28 11.62
N PHE B 652 -47.93 38.01 12.04
CA PHE B 652 -46.99 36.92 11.90
C PHE B 652 -46.79 36.54 10.44
N LEU B 653 -47.90 36.48 9.65
CA LEU B 653 -47.84 36.14 8.23
C LEU B 653 -47.17 37.26 7.41
N ASP B 654 -47.25 38.53 7.86
CA ASP B 654 -46.58 39.66 7.20
C ASP B 654 -45.09 39.59 7.52
N ASP B 655 -44.76 39.32 8.80
CA ASP B 655 -43.36 39.19 9.23
C ASP B 655 -42.97 37.70 9.36
N TRP B 656 -43.26 36.91 8.31
CA TRP B 656 -43.03 35.45 8.23
C TRP B 656 -41.55 35.04 8.18
N ASN B 657 -40.67 35.95 7.76
CA ASN B 657 -39.23 35.73 7.53
C ASN B 657 -38.51 35.13 8.73
N ASN B 658 -38.77 35.66 9.93
CA ASN B 658 -38.15 35.18 11.19
C ASN B 658 -38.62 33.76 11.59
N MET B 659 -39.77 33.30 11.08
CA MET B 659 -40.34 31.97 11.32
C MET B 659 -39.87 30.89 10.32
N SER B 660 -39.15 31.29 9.26
CA SER B 660 -38.79 30.34 8.23
C SER B 660 -37.30 30.27 7.97
N GLU B 661 -36.80 29.08 7.60
CA GLU B 661 -35.39 28.89 7.22
C GLU B 661 -35.12 29.57 5.85
N PHE B 662 -36.19 29.85 5.08
CA PHE B 662 -36.13 30.49 3.76
C PHE B 662 -36.44 31.99 3.84
N GLY B 663 -36.60 32.51 5.05
CA GLY B 663 -36.93 33.92 5.33
C GLY B 663 -35.91 34.94 4.86
N GLY B 664 -34.63 34.58 4.98
CA GLY B 664 -33.49 35.41 4.61
C GLY B 664 -33.38 35.79 3.15
N ASP B 665 -34.38 35.49 2.32
CA ASP B 665 -34.33 35.86 0.92
C ASP B 665 -35.42 36.91 0.57
N LEU B 666 -36.69 36.52 0.74
CA LEU B 666 -37.91 37.23 0.36
C LEU B 666 -38.35 38.24 1.45
N GLU B 667 -37.45 39.19 1.75
CA GLU B 667 -37.56 40.18 2.82
C GLU B 667 -38.80 41.09 2.78
N GLY B 668 -39.25 41.46 1.58
CA GLY B 668 -40.39 42.35 1.39
C GLY B 668 -41.68 41.73 0.90
N ILE B 669 -41.87 40.41 1.12
CA ILE B 669 -43.12 39.75 0.71
C ILE B 669 -43.91 39.35 1.96
N THR B 670 -45.25 39.29 1.83
CA THR B 670 -46.15 38.92 2.91
C THR B 670 -46.89 37.63 2.54
N LEU B 671 -47.14 36.78 3.55
CA LEU B 671 -47.84 35.51 3.37
C LEU B 671 -49.26 35.56 3.96
N SER B 672 -49.78 36.79 4.24
CA SER B 672 -51.14 36.99 4.80
C SER B 672 -52.21 36.53 3.81
N GLU B 673 -51.94 36.71 2.50
CA GLU B 673 -52.83 36.22 1.44
C GLU B 673 -52.21 34.97 0.82
N PRO B 674 -53.00 33.94 0.42
CA PRO B 674 -52.39 32.72 -0.16
C PRO B 674 -51.56 33.02 -1.40
N LEU B 675 -50.52 32.20 -1.60
CA LEU B 675 -49.62 32.27 -2.74
C LEU B 675 -50.39 32.13 -4.07
N THR B 676 -50.11 33.00 -5.04
CA THR B 676 -50.70 32.98 -6.39
C THR B 676 -49.58 33.15 -7.39
N ASN B 677 -49.89 33.12 -8.70
CA ASN B 677 -48.88 33.36 -9.72
C ASN B 677 -48.25 34.78 -9.56
N GLN B 678 -49.01 35.80 -9.10
CA GLN B 678 -48.48 37.16 -8.91
C GLN B 678 -47.35 37.20 -7.86
N THR B 679 -47.42 36.34 -6.82
CA THR B 679 -46.37 36.23 -5.80
C THR B 679 -45.04 35.79 -6.46
N LEU B 680 -45.14 34.84 -7.40
CA LEU B 680 -44.00 34.28 -8.11
C LEU B 680 -43.41 35.29 -9.09
N VAL B 681 -44.29 36.10 -9.73
CA VAL B 681 -43.88 37.17 -10.65
C VAL B 681 -43.11 38.23 -9.81
N ASP B 682 -43.67 38.65 -8.65
CA ASP B 682 -43.07 39.69 -7.77
C ASP B 682 -41.69 39.30 -7.22
N ILE B 683 -41.51 38.05 -6.76
CA ILE B 683 -40.21 37.65 -6.20
C ILE B 683 -39.12 37.58 -7.30
N ASN B 684 -39.53 37.56 -8.58
CA ASN B 684 -38.62 37.45 -9.70
C ASN B 684 -38.51 38.72 -10.50
N THR B 685 -39.23 39.77 -10.09
CA THR B 685 -39.24 41.04 -10.82
C THR B 685 -37.95 41.82 -10.58
N PRO B 686 -37.18 42.11 -11.66
CA PRO B 686 -35.96 42.91 -11.49
C PRO B 686 -36.30 44.38 -11.34
N LEU B 687 -35.51 45.10 -10.56
CA LEU B 687 -35.65 46.54 -10.35
C LEU B 687 -35.20 47.29 -11.59
N ASP B 688 -34.13 46.79 -12.24
CA ASP B 688 -33.52 47.35 -13.43
C ASP B 688 -33.19 46.29 -14.47
N SER B 689 -33.07 46.73 -15.73
CA SER B 689 -32.66 45.90 -16.86
C SER B 689 -31.16 45.59 -16.74
N PHE B 690 -30.72 44.44 -17.26
CA PHE B 690 -29.32 44.06 -17.11
C PHE B 690 -28.55 44.09 -18.42
N ASP B 691 -27.43 44.81 -18.37
CA ASP B 691 -26.44 44.90 -19.44
C ASP B 691 -25.11 44.52 -18.77
N PRO B 692 -24.55 43.31 -19.05
CA PRO B 692 -23.29 42.89 -18.38
C PRO B 692 -22.11 43.85 -18.62
N LYS B 693 -22.05 44.48 -19.82
CA LYS B 693 -21.00 45.43 -20.21
C LYS B 693 -21.09 46.73 -19.40
N ALA B 694 -22.30 47.05 -18.88
CA ALA B 694 -22.56 48.26 -18.09
C ALA B 694 -22.15 48.11 -16.60
N ARG B 695 -21.79 46.88 -16.14
CA ARG B 695 -21.34 46.63 -14.77
C ARG B 695 -20.07 47.42 -14.47
N PRO B 696 -20.02 48.21 -13.37
CA PRO B 696 -18.78 48.93 -13.04
C PRO B 696 -17.63 47.97 -12.76
N GLN B 697 -16.40 48.42 -13.02
CA GLN B 697 -15.21 47.64 -12.75
C GLN B 697 -14.94 47.67 -11.24
N THR B 698 -14.00 46.82 -10.73
CA THR B 698 -13.69 46.77 -9.29
C THR B 698 -13.14 48.13 -8.77
N PRO B 699 -13.32 48.47 -7.47
CA PRO B 699 -12.78 49.75 -6.95
C PRO B 699 -11.26 49.89 -7.09
N ARG B 700 -10.50 48.79 -6.88
CA ARG B 700 -9.04 48.80 -7.02
C ARG B 700 -8.64 48.00 -8.26
N SER B 701 -7.55 48.44 -8.95
CA SER B 701 -7.04 47.87 -10.22
C SER B 701 -8.25 47.57 -11.17
N PRO B 702 -9.08 48.60 -11.50
CA PRO B 702 -10.28 48.36 -12.29
C PRO B 702 -10.07 47.73 -13.67
N LYS B 703 -9.02 48.16 -14.38
CA LYS B 703 -8.74 47.70 -15.74
C LYS B 703 -8.11 46.31 -15.78
N LYS B 704 -7.57 45.84 -14.65
CA LYS B 704 -6.91 44.53 -14.56
C LYS B 704 -7.91 43.40 -14.32
N THR B 705 -7.73 42.28 -15.02
CA THR B 705 -8.51 41.06 -14.83
C THR B 705 -7.76 40.20 -13.82
N LEU B 706 -8.42 39.17 -13.25
CA LEU B 706 -7.81 38.22 -12.32
C LEU B 706 -6.60 37.53 -12.99
N ASP B 707 -6.73 37.22 -14.29
CA ASP B 707 -5.73 36.55 -15.13
C ASP B 707 -4.45 37.41 -15.26
N GLU B 708 -4.60 38.74 -15.49
CA GLU B 708 -3.47 39.66 -15.62
C GLU B 708 -2.74 39.77 -14.28
N VAL B 709 -3.48 39.77 -13.16
CA VAL B 709 -2.93 39.84 -11.81
C VAL B 709 -2.12 38.56 -11.52
N THR B 710 -2.65 37.38 -11.90
CA THR B 710 -1.99 36.08 -11.70
C THR B 710 -0.68 36.00 -12.50
N THR B 711 -0.68 36.47 -13.76
CA THR B 711 0.52 36.45 -14.61
C THR B 711 1.60 37.39 -14.04
N ALA B 712 1.20 38.51 -13.40
CA ALA B 712 2.12 39.45 -12.78
C ALA B 712 2.77 38.80 -11.54
N ILE B 713 1.95 38.14 -10.67
CA ILE B 713 2.43 37.48 -9.46
C ILE B 713 3.43 36.37 -9.83
N THR B 714 3.11 35.56 -10.87
CA THR B 714 3.96 34.49 -11.39
C THR B 714 5.35 35.03 -11.74
N SER B 715 5.39 36.24 -12.32
CA SER B 715 6.64 36.88 -12.72
C SER B 715 7.38 37.50 -11.49
N GLY B 716 6.76 37.52 -10.31
CA GLY B 716 7.36 38.05 -9.09
C GLY B 716 6.96 39.46 -8.70
N THR B 717 5.92 40.01 -9.34
CA THR B 717 5.40 41.36 -9.09
C THR B 717 4.54 41.39 -7.82
N TYR B 718 4.45 42.57 -7.17
CA TYR B 718 3.65 42.90 -5.98
C TYR B 718 4.11 42.17 -4.72
N LYS B 719 5.39 41.79 -4.65
CA LYS B 719 5.95 41.14 -3.46
C LYS B 719 5.78 42.05 -2.24
N ASP B 720 6.13 43.33 -2.42
CA ASP B 720 6.01 44.34 -1.37
C ASP B 720 5.15 45.50 -1.82
N PRO B 721 4.29 46.06 -0.93
CA PRO B 721 3.49 47.23 -1.32
C PRO B 721 4.36 48.49 -1.46
N LYS B 722 3.95 49.44 -2.32
CA LYS B 722 4.68 50.70 -2.51
C LYS B 722 4.48 51.62 -1.29
N SER B 723 3.24 51.65 -0.75
CA SER B 723 2.85 52.45 0.42
C SER B 723 3.66 52.01 1.65
N ALA B 724 4.26 52.99 2.34
CA ALA B 724 5.06 52.76 3.56
C ALA B 724 4.19 52.31 4.72
N VAL B 725 2.94 52.81 4.80
CA VAL B 725 1.95 52.44 5.83
C VAL B 725 1.66 50.93 5.69
N TRP B 726 1.45 50.48 4.44
CA TRP B 726 1.14 49.09 4.11
C TRP B 726 2.37 48.22 4.35
N ARG B 727 3.58 48.73 4.04
CA ARG B 727 4.85 48.05 4.28
C ARG B 727 5.06 47.79 5.78
N LEU B 728 4.67 48.76 6.63
CA LEU B 728 4.74 48.63 8.09
C LEU B 728 3.82 47.51 8.57
N LEU B 729 2.62 47.39 7.96
CA LEU B 729 1.61 46.38 8.29
C LEU B 729 2.09 44.99 7.86
N ASP B 730 2.77 44.90 6.71
CA ASP B 730 3.36 43.64 6.25
C ASP B 730 4.54 43.24 7.16
N GLN B 731 5.38 44.20 7.59
CA GLN B 731 6.53 43.96 8.48
C GLN B 731 6.04 43.43 9.84
N ARG B 732 4.88 43.97 10.31
CA ARG B 732 4.17 43.63 11.54
C ARG B 732 3.85 42.11 11.62
N THR B 733 3.64 41.45 10.46
CA THR B 733 3.34 40.02 10.38
C THR B 733 4.58 39.15 10.55
N LYS B 734 5.77 39.75 10.44
CA LYS B 734 7.07 39.06 10.50
C LYS B 734 7.85 39.33 11.80
N LEU B 735 7.65 40.46 12.45
CA LEU B 735 8.41 40.81 13.67
C LEU B 735 7.81 40.24 14.96
N ARG B 736 8.68 39.84 15.91
CA ARG B 736 8.27 39.26 17.21
C ARG B 736 7.62 40.33 18.12
N VAL B 737 6.86 39.85 19.14
CA VAL B 737 6.06 40.64 20.09
C VAL B 737 6.92 41.60 20.96
N SER B 738 8.21 41.28 21.23
CA SER B 738 9.10 42.15 22.03
C SER B 738 9.39 43.52 21.33
N THR B 739 9.22 43.58 19.99
CA THR B 739 9.45 44.77 19.14
C THR B 739 8.18 45.64 18.95
N LEU B 740 7.07 45.31 19.63
CA LEU B 740 5.79 45.99 19.40
C LEU B 740 5.80 47.48 19.72
N ARG B 741 6.56 47.91 20.75
CA ARG B 741 6.66 49.32 21.13
C ARG B 741 7.37 50.12 20.03
N ASP B 742 8.44 49.54 19.44
CA ASP B 742 9.19 50.15 18.33
C ASP B 742 8.29 50.29 17.12
N GLN B 743 7.47 49.24 16.83
CA GLN B 743 6.48 49.21 15.74
C GLN B 743 5.41 50.28 15.94
N ALA B 744 4.97 50.47 17.20
CA ALA B 744 3.96 51.49 17.56
C ALA B 744 4.50 52.87 17.27
N LEU B 745 5.80 53.11 17.60
CA LEU B 745 6.49 54.37 17.31
C LEU B 745 6.59 54.60 15.80
N ALA B 746 6.74 53.52 15.02
CA ALA B 746 6.83 53.60 13.56
C ALA B 746 5.49 54.00 12.90
N LEU B 747 4.36 53.51 13.44
CA LEU B 747 3.02 53.80 12.91
C LEU B 747 2.41 55.10 13.49
N LYS B 748 2.88 55.53 14.69
CA LYS B 748 2.35 56.73 15.38
C LYS B 748 2.24 57.98 14.47
N PRO B 749 3.24 58.38 13.63
CA PRO B 749 3.05 59.60 12.81
C PRO B 749 1.88 59.49 11.82
N ALA B 750 1.75 58.34 11.14
CA ALA B 750 0.70 58.07 10.16
C ALA B 750 -0.66 57.94 10.81
N SER B 751 -0.76 57.28 11.97
CA SER B 751 -2.06 57.08 12.63
C SER B 751 -2.55 58.37 13.33
N SER B 752 -1.62 59.29 13.67
CA SER B 752 -1.90 60.61 14.28
C SER B 752 -2.08 61.68 13.20
N SER B 753 -1.71 61.36 11.92
CA SER B 753 -1.71 62.26 10.76
C SER B 753 -0.90 63.56 11.04
N VAL B 754 0.28 63.43 11.69
CA VAL B 754 1.15 64.59 12.03
C VAL B 754 1.66 65.26 10.74
N ASP B 755 2.15 66.50 10.85
CA ASP B 755 2.72 67.23 9.73
C ASP B 755 3.81 66.38 9.07
N ASN B 756 3.69 66.17 7.73
CA ASN B 756 4.59 65.40 6.87
C ASN B 756 4.70 63.92 7.33
N TRP B 757 3.53 63.28 7.62
CA TRP B 757 3.46 61.88 8.08
C TRP B 757 3.97 60.90 7.03
N ALA B 758 3.75 61.18 5.72
CA ALA B 758 4.13 60.29 4.61
C ALA B 758 5.63 60.05 4.56
N GLU B 759 6.44 61.14 4.53
CA GLU B 759 7.90 61.03 4.51
C GLU B 759 8.43 60.43 5.81
N ALA B 760 7.80 60.78 6.97
CA ALA B 760 8.17 60.22 8.28
C ALA B 760 7.89 58.69 8.34
N THR B 761 6.73 58.24 7.85
CA THR B 761 6.38 56.81 7.82
C THR B 761 7.34 56.06 6.84
N GLU B 762 7.69 56.73 5.71
CA GLU B 762 8.61 56.27 4.67
C GLU B 762 10.01 56.01 5.27
N GLU B 763 10.51 56.96 6.08
CA GLU B 763 11.81 56.86 6.73
C GLU B 763 11.79 55.80 7.84
N LEU B 764 10.67 55.70 8.58
CA LEU B 764 10.52 54.75 9.69
C LEU B 764 10.41 53.32 9.17
N ALA B 765 9.74 53.10 8.02
CA ALA B 765 9.61 51.80 7.37
C ALA B 765 11.00 51.31 6.90
N GLN B 766 11.78 52.21 6.23
CA GLN B 766 13.13 51.94 5.74
C GLN B 766 14.05 51.57 6.91
N GLN B 767 13.91 52.29 8.04
CA GLN B 767 14.62 52.06 9.29
C GLN B 767 14.28 50.66 9.85
N GLN B 768 12.97 50.33 9.89
CA GLN B 768 12.47 49.06 10.39
C GLN B 768 12.88 47.89 9.47
N GLN B 769 12.97 48.11 8.15
CA GLN B 769 13.40 47.10 7.18
C GLN B 769 14.85 46.69 7.46
N LEU B 770 15.71 47.66 7.86
CA LEU B 770 17.12 47.43 8.19
C LEU B 770 17.29 46.57 9.43
N LEU B 771 16.55 46.87 10.53
CA LEU B 771 16.66 46.09 11.78
C LEU B 771 16.11 44.66 11.63
N MET B 772 15.37 44.39 10.52
CA MET B 772 14.82 43.07 10.22
C MET B 772 15.89 42.09 9.68
N LYS B 773 17.16 42.57 9.48
CA LYS B 773 18.31 41.74 9.07
C LYS B 773 18.78 40.90 10.28
N ALA B 774 18.29 41.27 11.50
CA ALA B 774 18.51 40.52 12.74
C ALA B 774 17.43 39.42 12.80
N ASN B 775 17.84 38.16 12.51
CA ASN B 775 16.90 37.02 12.45
C ASN B 775 16.29 36.70 13.81
N ASN B 776 16.97 37.11 14.90
CA ASN B 776 16.48 36.98 16.28
C ASN B 776 15.21 37.84 16.50
N LEU B 777 14.98 38.86 15.64
CA LEU B 777 13.79 39.72 15.72
C LEU B 777 12.60 39.16 14.92
N LEU B 778 12.82 38.04 14.17
CA LEU B 778 11.82 37.39 13.33
C LEU B 778 11.20 36.15 13.99
N LYS B 779 9.94 36.26 14.39
CA LYS B 779 9.14 35.20 15.02
C LYS B 779 7.69 35.58 14.88
N SER B 780 6.83 34.64 14.49
CA SER B 780 5.41 34.97 14.32
C SER B 780 4.72 35.24 15.68
N SER B 781 4.16 36.44 15.80
CA SER B 781 3.37 36.84 16.95
C SER B 781 2.15 35.86 17.12
N LEU B 782 1.65 35.29 16.00
CA LEU B 782 0.56 34.33 15.98
C LEU B 782 0.93 33.06 16.79
N THR B 783 2.18 32.59 16.67
CA THR B 783 2.71 31.46 17.43
C THR B 783 2.88 31.87 18.91
N GLU B 784 3.40 33.09 19.16
CA GLU B 784 3.58 33.67 20.49
C GLU B 784 2.22 33.76 21.21
N THR B 785 1.17 34.21 20.50
CA THR B 785 -0.20 34.29 21.02
C THR B 785 -0.72 32.90 21.41
N ARG B 786 -0.54 31.90 20.51
CA ARG B 786 -0.99 30.53 20.74
C ARG B 786 -0.30 29.92 22.00
N GLU B 787 1.02 30.14 22.15
CA GLU B 787 1.79 29.67 23.32
C GLU B 787 1.22 30.21 24.64
N ALA B 788 1.01 31.54 24.71
CA ALA B 788 0.46 32.25 25.87
C ALA B 788 -0.97 31.80 26.15
N LEU B 789 -1.79 31.53 25.11
CA LEU B 789 -3.18 31.08 25.29
C LEU B 789 -3.22 29.70 25.96
N GLU B 790 -2.23 28.84 25.66
CA GLU B 790 -2.09 27.47 26.15
C GLU B 790 -1.10 27.34 27.34
N THR B 791 -0.85 28.45 28.06
CA THR B 791 0.00 28.49 29.25
C THR B 791 -0.84 28.17 30.50
N ILE B 792 -0.26 27.38 31.46
CA ILE B 792 -0.86 27.00 32.73
C ILE B 792 -0.10 27.67 33.90
N GLU C 27 41.22 33.93 -2.88
CA GLU C 27 41.11 33.58 -4.30
C GLU C 27 42.06 32.40 -4.57
N ASP C 28 43.38 32.67 -4.77
CA ASP C 28 44.46 31.69 -4.88
C ASP C 28 44.75 31.11 -3.47
N VAL C 29 44.19 31.79 -2.46
CA VAL C 29 44.32 31.47 -1.05
C VAL C 29 43.05 30.76 -0.58
N LEU C 30 41.87 31.09 -1.16
CA LEU C 30 40.61 30.41 -0.85
C LEU C 30 40.75 28.91 -1.15
N ILE C 31 41.25 28.56 -2.33
CA ILE C 31 41.37 27.17 -2.73
C ILE C 31 42.66 26.57 -2.20
N PRO C 32 42.56 25.54 -1.33
CA PRO C 32 43.78 24.86 -0.85
C PRO C 32 44.47 24.10 -2.00
N LYS C 33 45.79 23.88 -1.90
CA LYS C 33 46.50 23.15 -2.95
C LYS C 33 46.19 21.65 -2.87
N ARG C 34 46.18 20.98 -4.05
CA ARG C 34 45.99 19.53 -4.15
C ARG C 34 47.04 18.81 -3.35
N PHE C 35 46.65 17.73 -2.71
CA PHE C 35 47.58 16.92 -1.93
C PHE C 35 48.32 16.00 -2.88
N ARG C 36 49.66 16.00 -2.78
CA ARG C 36 50.53 15.12 -3.55
C ARG C 36 51.17 14.17 -2.57
N PRO C 37 50.73 12.88 -2.53
CA PRO C 37 51.35 11.93 -1.60
C PRO C 37 52.86 11.84 -1.82
N ALA C 38 53.63 11.66 -0.74
CA ALA C 38 55.09 11.53 -0.81
C ALA C 38 55.47 10.20 -1.47
N LYS C 39 56.70 10.09 -1.97
CA LYS C 39 57.23 8.85 -2.53
C LYS C 39 57.17 7.80 -1.43
N ASP C 40 56.77 6.56 -1.78
CA ASP C 40 56.58 5.51 -0.78
C ASP C 40 57.81 4.63 -0.71
N PRO C 41 58.62 4.71 0.39
CA PRO C 41 59.84 3.89 0.47
C PRO C 41 59.60 2.39 0.68
N LEU C 42 58.36 1.98 0.95
CA LEU C 42 58.07 0.56 1.21
C LEU C 42 57.28 -0.07 0.05
N ASP C 43 57.26 0.57 -1.15
CA ASP C 43 56.50 0.07 -2.31
C ASP C 43 57.21 -1.08 -3.07
N SER C 44 58.19 -1.74 -2.43
CA SER C 44 58.89 -2.87 -3.02
C SER C 44 58.84 -4.06 -2.06
N PRO C 45 58.79 -5.33 -2.57
CA PRO C 45 58.72 -6.49 -1.66
C PRO C 45 59.87 -6.56 -0.64
N GLN C 46 61.09 -6.14 -1.05
CA GLN C 46 62.29 -6.13 -0.21
C GLN C 46 62.14 -5.17 0.98
N ALA C 47 61.79 -3.89 0.70
CA ALA C 47 61.59 -2.86 1.72
C ALA C 47 60.40 -3.21 2.63
N ALA C 48 59.30 -3.76 2.05
CA ALA C 48 58.11 -4.17 2.80
C ALA C 48 58.43 -5.35 3.72
N ALA C 49 59.12 -6.40 3.21
CA ALA C 49 59.50 -7.57 4.01
C ALA C 49 60.43 -7.18 5.17
N GLN C 50 61.45 -6.35 4.88
CA GLN C 50 62.42 -5.87 5.87
C GLN C 50 61.71 -5.10 6.99
N PHE C 51 60.78 -4.20 6.63
CA PHE C 51 59.98 -3.38 7.55
C PHE C 51 59.12 -4.25 8.49
N LEU C 52 58.52 -5.32 7.96
CA LEU C 52 57.71 -6.24 8.76
C LEU C 52 58.61 -7.10 9.65
N LYS C 53 59.78 -7.51 9.14
CA LYS C 53 60.77 -8.28 9.88
C LYS C 53 61.31 -7.43 11.06
N ASP C 54 61.68 -6.16 10.81
CA ASP C 54 62.16 -5.21 11.83
C ASP C 54 61.12 -4.97 12.92
N ASN C 55 59.83 -5.16 12.59
CA ASN C 55 58.73 -4.93 13.51
C ASN C 55 58.15 -6.24 14.04
N LYS C 56 58.84 -7.38 13.78
CA LYS C 56 58.51 -8.72 14.27
C LYS C 56 57.12 -9.18 13.82
N TYR C 57 56.74 -8.81 12.58
CA TYR C 57 55.47 -9.20 12.00
C TYR C 57 55.67 -10.53 11.28
N ARG C 58 54.81 -11.51 11.56
CA ARG C 58 54.94 -12.84 10.96
C ARG C 58 54.67 -12.87 9.44
N ILE C 59 55.68 -13.32 8.69
CA ILE C 59 55.68 -13.56 7.24
C ILE C 59 55.67 -15.07 7.08
N LEU C 60 54.69 -15.61 6.34
CA LEU C 60 54.62 -17.06 6.13
C LEU C 60 55.56 -17.51 5.05
N ARG C 61 55.93 -18.81 5.08
CA ARG C 61 56.73 -19.45 4.01
C ARG C 61 55.76 -19.49 2.82
N PRO C 62 56.09 -18.87 1.66
CA PRO C 62 55.07 -18.74 0.60
C PRO C 62 54.64 -20.07 0.00
N ARG C 63 53.32 -20.24 -0.14
CA ARG C 63 52.74 -21.44 -0.74
C ARG C 63 52.42 -21.11 -2.20
N ALA C 64 52.43 -22.13 -3.05
CA ALA C 64 52.22 -22.01 -4.49
C ALA C 64 50.89 -22.63 -4.91
N ILE C 65 50.32 -22.12 -6.01
CA ILE C 65 49.04 -22.57 -6.56
C ILE C 65 49.34 -23.36 -7.85
N PRO C 66 48.73 -24.55 -8.12
CA PRO C 66 49.01 -25.23 -9.41
C PRO C 66 48.58 -24.36 -10.59
N THR C 67 49.33 -24.42 -11.71
CA THR C 67 49.06 -23.63 -12.90
C THR C 67 47.67 -23.98 -13.47
N MET C 68 46.94 -22.96 -13.99
CA MET C 68 45.59 -23.11 -14.53
C MET C 68 45.54 -24.05 -15.72
N VAL C 69 44.56 -24.96 -15.70
CA VAL C 69 44.30 -25.98 -16.70
C VAL C 69 42.88 -25.73 -17.22
N GLU C 70 42.72 -25.74 -18.55
CA GLU C 70 41.43 -25.51 -19.18
C GLU C 70 40.65 -26.79 -19.25
N LEU C 71 39.45 -26.79 -18.67
CA LEU C 71 38.54 -27.94 -18.66
C LEU C 71 37.21 -27.55 -19.28
N GLU C 72 36.45 -28.55 -19.77
CA GLU C 72 35.13 -28.33 -20.35
C GLU C 72 34.13 -28.14 -19.19
N THR C 73 33.43 -26.98 -19.16
CA THR C 73 32.45 -26.65 -18.11
C THR C 73 31.38 -27.75 -17.99
N ASP C 74 30.96 -28.35 -19.13
CA ASP C 74 30.00 -29.46 -19.21
C ASP C 74 30.50 -30.67 -18.43
N ALA C 75 31.82 -30.93 -18.46
CA ALA C 75 32.42 -32.05 -17.74
C ALA C 75 32.53 -31.75 -16.25
N ALA C 76 32.97 -30.52 -15.90
CA ALA C 76 33.17 -30.09 -14.53
C ALA C 76 31.85 -29.85 -13.79
N LEU C 77 30.86 -29.25 -14.46
CA LEU C 77 29.53 -28.96 -13.90
C LEU C 77 28.47 -29.57 -14.83
N PRO C 78 28.25 -30.92 -14.79
CA PRO C 78 27.31 -31.56 -15.73
C PRO C 78 25.85 -31.13 -15.56
N ARG C 79 25.43 -30.87 -14.32
CA ARG C 79 24.07 -30.46 -13.96
C ARG C 79 23.67 -29.10 -14.57
N LEU C 80 24.66 -28.28 -14.95
CA LEU C 80 24.42 -26.96 -15.50
C LEU C 80 24.76 -26.90 -17.01
N ARG C 81 24.48 -28.01 -17.74
CA ARG C 81 24.71 -28.14 -19.18
C ARG C 81 23.86 -27.13 -19.97
N GLN C 82 22.64 -26.83 -19.45
CA GLN C 82 21.71 -25.89 -20.05
C GLN C 82 22.21 -24.42 -19.90
N MET C 83 22.97 -24.12 -18.81
CA MET C 83 23.54 -22.80 -18.56
C MET C 83 24.66 -22.43 -19.54
N VAL C 84 25.43 -23.44 -19.97
CA VAL C 84 26.54 -23.31 -20.91
C VAL C 84 25.99 -23.04 -22.33
N GLU C 85 25.05 -23.90 -22.82
CA GLU C 85 24.46 -23.77 -24.16
C GLU C 85 23.63 -22.47 -24.33
N ASP C 86 23.15 -21.86 -23.21
CA ASP C 86 22.36 -20.64 -23.25
C ASP C 86 23.25 -19.38 -23.10
N GLY C 87 24.54 -19.61 -22.91
CA GLY C 87 25.55 -18.55 -22.82
C GLY C 87 25.69 -17.86 -21.48
N LYS C 88 25.12 -18.44 -20.39
CA LYS C 88 25.23 -17.86 -19.05
C LYS C 88 26.61 -18.12 -18.46
N LEU C 89 27.15 -19.32 -18.72
CA LEU C 89 28.47 -19.75 -18.29
C LEU C 89 29.35 -19.98 -19.50
N LYS C 90 30.66 -19.76 -19.35
CA LYS C 90 31.66 -20.01 -20.40
C LYS C 90 31.70 -21.53 -20.69
N ASP C 91 32.06 -21.92 -21.92
CA ASP C 91 32.14 -23.33 -22.33
C ASP C 91 33.38 -24.03 -21.71
N THR C 92 34.37 -23.24 -21.26
CA THR C 92 35.59 -23.74 -20.63
C THR C 92 35.74 -23.12 -19.24
N VAL C 93 36.39 -23.86 -18.33
CA VAL C 93 36.65 -23.44 -16.96
C VAL C 93 38.16 -23.64 -16.67
N SER C 94 38.84 -22.58 -16.16
CA SER C 94 40.27 -22.62 -15.82
C SER C 94 40.43 -22.99 -14.35
N VAL C 95 41.05 -24.16 -14.08
CA VAL C 95 41.17 -24.68 -12.72
C VAL C 95 42.64 -24.97 -12.35
N PRO C 96 43.04 -24.75 -11.05
CA PRO C 96 44.44 -25.02 -10.66
C PRO C 96 44.71 -26.51 -10.54
N GLU C 97 45.06 -27.15 -11.68
CA GLU C 97 45.29 -28.60 -11.78
C GLU C 97 46.65 -28.97 -12.43
N GLY C 98 47.40 -27.98 -12.93
CA GLY C 98 48.69 -28.20 -13.60
C GLY C 98 49.76 -28.95 -12.83
N THR C 99 50.77 -29.46 -13.55
CA THR C 99 51.91 -30.20 -12.96
C THR C 99 52.96 -29.23 -12.41
N THR C 100 52.90 -27.97 -12.86
CA THR C 100 53.75 -26.87 -12.42
C THR C 100 52.92 -25.97 -11.51
N ALA C 101 53.57 -25.10 -10.73
CA ALA C 101 52.86 -24.22 -9.81
C ALA C 101 53.35 -22.78 -9.94
N PHE C 102 52.64 -21.84 -9.27
CA PHE C 102 53.01 -20.44 -9.30
C PHE C 102 52.76 -19.77 -7.96
N TYR C 103 53.62 -18.80 -7.61
CA TYR C 103 53.44 -18.00 -6.40
C TYR C 103 52.56 -16.80 -6.77
N PRO C 104 51.39 -16.65 -6.13
CA PRO C 104 50.52 -15.51 -6.49
C PRO C 104 51.14 -14.16 -6.06
N LYS C 105 50.83 -13.12 -6.83
CA LYS C 105 51.33 -11.76 -6.64
C LYS C 105 50.17 -10.78 -6.78
N TYR C 106 50.03 -9.89 -5.81
CA TYR C 106 48.94 -8.92 -5.84
C TYR C 106 49.50 -7.54 -5.58
N TYR C 107 49.48 -6.69 -6.61
CA TYR C 107 50.01 -5.33 -6.53
C TYR C 107 48.87 -4.34 -6.74
N PRO C 108 48.21 -3.91 -5.65
CA PRO C 108 47.08 -2.97 -5.80
C PRO C 108 47.53 -1.56 -6.13
N PHE C 109 46.64 -0.79 -6.75
CA PHE C 109 46.90 0.61 -7.06
C PHE C 109 46.54 1.44 -5.85
N HIS C 110 47.31 2.50 -5.65
CA HIS C 110 47.15 3.44 -4.56
C HIS C 110 47.00 4.79 -5.22
N LYS C 111 45.80 5.37 -5.17
CA LYS C 111 45.55 6.65 -5.82
C LYS C 111 44.83 7.63 -4.87
N PRO C 112 45.19 8.93 -4.91
CA PRO C 112 46.29 9.53 -5.70
C PRO C 112 47.65 9.04 -5.17
N ASP C 113 48.70 9.23 -5.98
CA ASP C 113 50.06 8.88 -5.56
C ASP C 113 50.99 10.02 -5.97
N HIS C 114 52.30 9.87 -5.71
CA HIS C 114 53.27 10.92 -6.02
C HIS C 114 53.28 11.30 -7.51
N ASP C 115 53.07 10.33 -8.40
CA ASP C 115 53.15 10.54 -9.84
C ASP C 115 51.78 10.68 -10.53
N GLU C 116 50.68 10.53 -9.79
CA GLU C 116 49.34 10.66 -10.39
C GLU C 116 48.36 11.33 -9.41
N VAL C 117 48.14 12.64 -9.61
CA VAL C 117 47.24 13.50 -8.87
C VAL C 117 46.23 14.01 -9.92
N GLY C 118 45.15 13.25 -10.11
CA GLY C 118 44.11 13.56 -11.10
C GLY C 118 42.70 13.78 -10.55
N THR C 119 41.67 13.42 -11.36
CA THR C 119 40.24 13.58 -11.03
C THR C 119 39.81 12.64 -9.91
N PHE C 120 40.49 11.48 -9.77
CA PHE C 120 40.18 10.54 -8.69
C PHE C 120 40.72 11.13 -7.38
N GLY C 121 39.81 11.32 -6.42
CA GLY C 121 40.10 11.89 -5.11
C GLY C 121 40.17 13.40 -5.13
N ALA C 122 39.71 14.02 -6.22
CA ALA C 122 39.72 15.46 -6.36
C ALA C 122 38.69 16.09 -5.41
N PRO C 123 39.10 17.12 -4.63
CA PRO C 123 38.11 17.79 -3.75
C PRO C 123 37.09 18.58 -4.56
N ASP C 124 35.85 18.73 -4.05
CA ASP C 124 34.85 19.50 -4.77
C ASP C 124 35.08 21.03 -4.57
N ILE C 125 36.01 21.57 -5.37
CA ILE C 125 36.45 22.98 -5.42
C ILE C 125 35.34 23.86 -6.00
N THR C 126 34.49 23.29 -6.91
CA THR C 126 33.37 24.00 -7.49
C THR C 126 32.37 24.32 -6.38
N LEU C 127 32.05 23.33 -5.52
CA LEU C 127 31.16 23.52 -4.37
C LEU C 127 31.78 24.54 -3.38
N LEU C 128 33.12 24.49 -3.16
CA LEU C 128 33.82 25.41 -2.28
C LEU C 128 33.58 26.86 -2.73
N LYS C 129 33.75 27.13 -4.04
CA LYS C 129 33.51 28.43 -4.67
C LYS C 129 32.04 28.86 -4.52
N GLN C 130 31.09 27.92 -4.79
CA GLN C 130 29.64 28.17 -4.67
C GLN C 130 29.21 28.51 -3.24
N LEU C 131 29.76 27.80 -2.23
CA LEU C 131 29.54 28.06 -0.80
C LEU C 131 30.00 29.47 -0.47
N THR C 132 31.14 29.92 -1.08
CA THR C 132 31.71 31.26 -0.88
C THR C 132 30.83 32.33 -1.54
N PHE C 133 30.36 32.09 -2.78
CA PHE C 133 29.47 33.02 -3.48
C PHE C 133 28.18 33.20 -2.69
N PHE C 134 27.61 32.08 -2.19
CA PHE C 134 26.35 32.09 -1.46
C PHE C 134 26.48 32.65 -0.04
N LEU C 135 27.68 32.61 0.55
CA LEU C 135 27.88 33.18 1.88
C LEU C 135 27.95 34.71 1.79
N LEU C 136 28.59 35.22 0.72
CA LEU C 136 28.69 36.66 0.50
C LEU C 136 27.28 37.31 0.32
N GLU C 137 26.30 36.55 -0.20
CA GLU C 137 24.92 36.96 -0.49
C GLU C 137 23.90 36.68 0.63
N ASN C 138 24.25 35.87 1.66
CA ASN C 138 23.32 35.47 2.72
C ASN C 138 23.94 35.53 4.11
N ASP C 139 23.23 36.13 5.07
CA ASP C 139 23.71 36.22 6.46
C ASP C 139 23.21 35.01 7.27
N PHE C 140 23.74 33.84 6.95
CA PHE C 140 23.41 32.62 7.68
C PHE C 140 24.30 32.53 8.92
N PRO C 141 23.74 32.45 10.17
CA PRO C 141 24.61 32.37 11.36
C PRO C 141 25.61 31.21 11.36
N THR C 142 25.26 30.05 10.77
CA THR C 142 26.16 28.89 10.71
C THR C 142 26.94 28.83 9.39
N GLY C 143 26.65 29.74 8.46
CA GLY C 143 27.31 29.83 7.16
C GLY C 143 28.84 29.89 7.25
N PRO C 144 29.45 30.82 8.03
CA PRO C 144 30.92 30.88 8.10
C PRO C 144 31.56 29.59 8.63
N GLU C 145 30.94 28.94 9.63
CA GLU C 145 31.44 27.69 10.19
C GLU C 145 31.33 26.55 9.17
N THR C 146 30.29 26.57 8.31
CA THR C 146 30.13 25.53 7.29
C THR C 146 31.23 25.68 6.24
N LEU C 147 31.45 26.93 5.75
CA LEU C 147 32.47 27.21 4.76
C LEU C 147 33.84 26.84 5.31
N ARG C 148 34.14 27.26 6.54
CA ARG C 148 35.41 26.95 7.21
C ARG C 148 35.64 25.43 7.37
N GLN C 149 34.59 24.66 7.69
CA GLN C 149 34.71 23.20 7.86
C GLN C 149 34.94 22.48 6.53
N VAL C 150 34.26 22.94 5.44
CA VAL C 150 34.44 22.36 4.11
C VAL C 150 35.87 22.69 3.61
N ARG C 151 36.33 23.93 3.80
CA ARG C 151 37.68 24.34 3.39
C ARG C 151 38.77 23.57 4.16
N GLU C 152 38.60 23.40 5.49
CA GLU C 152 39.55 22.68 6.34
C GLU C 152 39.57 21.19 5.93
N ALA C 153 38.38 20.59 5.58
CA ALA C 153 38.33 19.20 5.15
C ALA C 153 39.07 19.02 3.82
N ILE C 154 38.92 19.96 2.88
CA ILE C 154 39.62 19.95 1.58
C ILE C 154 41.14 20.06 1.83
N ALA C 155 41.55 20.93 2.79
CA ALA C 155 42.96 21.18 3.10
C ALA C 155 43.64 20.06 3.93
N THR C 156 42.90 19.28 4.73
CA THR C 156 43.52 18.28 5.62
C THR C 156 43.16 16.83 5.32
N LEU C 157 42.08 16.58 4.54
CA LEU C 157 41.66 15.23 4.19
C LEU C 157 42.01 14.90 2.73
N GLN C 158 41.90 13.61 2.38
CA GLN C 158 42.12 13.11 1.03
C GLN C 158 41.34 11.84 0.84
N TYR C 159 40.43 11.84 -0.15
CA TYR C 159 39.76 10.61 -0.51
C TYR C 159 40.71 9.83 -1.43
N GLY C 160 40.82 8.53 -1.18
CA GLY C 160 41.69 7.67 -1.96
C GLY C 160 41.96 6.34 -1.30
N SER C 161 42.85 5.55 -1.93
CA SER C 161 43.18 4.21 -1.51
C SER C 161 44.55 4.13 -0.79
N GLY C 162 44.94 5.22 -0.13
CA GLY C 162 46.16 5.28 0.68
C GLY C 162 47.46 4.90 -0.01
N SER C 163 48.29 4.14 0.70
CA SER C 163 49.62 3.73 0.21
C SER C 163 50.03 2.38 0.78
N TYR C 164 51.15 1.82 0.29
CA TYR C 164 51.71 0.56 0.80
C TYR C 164 52.13 0.74 2.27
N SER C 165 52.82 1.86 2.58
CA SER C 165 53.25 2.19 3.94
C SER C 165 52.05 2.24 4.89
N GLY C 166 50.95 2.86 4.44
CA GLY C 166 49.72 2.93 5.21
C GLY C 166 49.14 1.56 5.49
N GLN C 167 49.10 0.70 4.45
CA GLN C 167 48.62 -0.68 4.57
C GLN C 167 49.50 -1.50 5.54
N LEU C 168 50.81 -1.36 5.43
CA LEU C 168 51.79 -2.08 6.26
C LEU C 168 51.74 -1.63 7.72
N ASN C 169 51.65 -0.30 7.96
CA ASN C 169 51.53 0.27 9.30
C ASN C 169 50.21 -0.15 9.94
N ARG C 170 49.14 -0.27 9.13
CA ARG C 170 47.83 -0.76 9.57
C ARG C 170 47.93 -2.19 10.08
N LEU C 171 48.69 -3.05 9.37
CA LEU C 171 48.91 -4.45 9.79
C LEU C 171 49.58 -4.52 11.19
N LEU C 172 50.56 -3.63 11.45
CA LEU C 172 51.25 -3.53 12.75
C LEU C 172 50.27 -3.15 13.86
N ALA C 173 49.38 -2.19 13.59
CA ALA C 173 48.35 -1.74 14.53
C ALA C 173 47.39 -2.90 14.86
N MET C 174 46.99 -3.72 13.85
CA MET C 174 46.11 -4.89 14.03
C MET C 174 46.81 -5.94 14.93
N LYS C 175 48.08 -6.23 14.65
CA LYS C 175 48.88 -7.16 15.47
C LYS C 175 49.00 -6.64 16.92
N GLY C 176 49.17 -5.34 17.08
CA GLY C 176 49.27 -4.68 18.38
C GLY C 176 47.99 -4.86 19.21
N VAL C 177 46.80 -4.76 18.55
CA VAL C 177 45.50 -4.98 19.22
C VAL C 177 45.35 -6.49 19.59
N ALA C 178 45.76 -7.39 18.69
CA ALA C 178 45.65 -8.84 18.90
C ALA C 178 46.63 -9.40 19.94
N THR C 179 47.89 -8.88 20.00
CA THR C 179 48.92 -9.49 20.83
C THR C 179 49.69 -8.53 21.76
N GLY C 180 49.41 -7.22 21.67
CA GLY C 180 50.15 -6.22 22.42
C GLY C 180 49.77 -6.01 23.86
N ARG C 181 49.34 -4.79 24.20
CA ARG C 181 48.96 -4.40 25.57
C ARG C 181 47.82 -5.25 26.14
N ASN C 182 46.90 -5.72 25.29
CA ASN C 182 45.74 -6.49 25.72
C ASN C 182 45.54 -7.67 24.77
N PRO C 183 46.34 -8.76 24.94
CA PRO C 183 46.21 -9.93 24.04
C PRO C 183 44.79 -10.53 24.01
N ASN C 184 44.40 -11.01 22.83
CA ASN C 184 43.10 -11.63 22.58
C ASN C 184 42.86 -12.79 23.52
N LYS C 185 41.58 -13.00 23.85
CA LYS C 185 41.17 -14.13 24.68
C LYS C 185 40.05 -14.87 23.99
N THR C 186 40.09 -16.19 24.03
CA THR C 186 38.99 -17.00 23.48
C THR C 186 37.80 -16.86 24.43
N PRO C 187 36.54 -17.06 23.98
CA PRO C 187 35.42 -17.07 24.94
C PRO C 187 35.63 -18.03 26.15
N LYS C 188 36.29 -19.20 25.93
CA LYS C 188 36.59 -20.17 26.99
C LYS C 188 37.47 -19.51 28.08
N THR C 189 38.56 -18.78 27.69
CA THR C 189 39.47 -18.08 28.61
C THR C 189 38.67 -17.03 29.43
N VAL C 190 37.72 -16.33 28.81
CA VAL C 190 36.88 -15.30 29.47
C VAL C 190 35.92 -16.00 30.48
N GLY C 191 35.52 -17.25 30.20
CA GLY C 191 34.68 -18.05 31.08
C GLY C 191 33.34 -18.49 30.52
N TYR C 192 33.17 -18.46 29.18
CA TYR C 192 31.90 -18.84 28.54
C TYR C 192 32.01 -20.11 27.71
N THR C 193 30.99 -20.98 27.81
CA THR C 193 30.85 -22.17 26.97
C THR C 193 30.13 -21.69 25.69
N ASN C 194 30.03 -22.53 24.65
CA ASN C 194 29.31 -22.20 23.42
C ASN C 194 27.84 -21.94 23.71
N GLU C 195 27.23 -22.77 24.58
CA GLU C 195 25.82 -22.67 24.96
C GLU C 195 25.54 -21.38 25.77
N GLN C 196 26.43 -20.99 26.68
CA GLN C 196 26.28 -19.75 27.45
C GLN C 196 26.31 -18.52 26.53
N LEU C 197 27.20 -18.53 25.51
CA LEU C 197 27.28 -17.45 24.53
C LEU C 197 26.01 -17.41 23.68
N ALA C 198 25.49 -18.60 23.28
CA ALA C 198 24.27 -18.75 22.50
C ALA C 198 23.07 -18.15 23.23
N LYS C 199 23.02 -18.30 24.57
CA LYS C 199 21.95 -17.74 25.42
C LYS C 199 22.03 -16.22 25.43
N LEU C 200 23.25 -15.63 25.37
CA LEU C 200 23.42 -14.19 25.31
C LEU C 200 23.00 -13.69 23.93
N LEU C 201 23.44 -14.38 22.85
CA LEU C 201 23.12 -14.04 21.47
C LEU C 201 21.63 -14.20 21.20
N GLU C 202 20.91 -15.04 21.95
CA GLU C 202 19.46 -15.15 21.77
C GLU C 202 18.80 -13.80 22.06
N GLN C 203 19.44 -13.00 22.95
CA GLN C 203 18.99 -11.67 23.37
C GLN C 203 19.61 -10.54 22.53
N THR C 204 20.95 -10.54 22.34
CA THR C 204 21.66 -9.47 21.63
C THR C 204 21.65 -9.65 20.11
N LEU C 205 21.43 -10.87 19.59
CA LEU C 205 21.33 -11.14 18.14
C LEU C 205 20.18 -12.17 17.88
N PRO C 206 18.89 -11.81 18.15
CA PRO C 206 17.80 -12.77 17.92
C PRO C 206 17.72 -13.17 16.46
N ILE C 207 17.61 -14.48 16.20
CA ILE C 207 17.53 -14.97 14.84
C ILE C 207 16.33 -15.89 14.66
N ASN C 208 15.86 -15.99 13.41
CA ASN C 208 14.86 -16.95 13.01
C ASN C 208 15.55 -18.06 12.25
N THR C 209 14.83 -19.15 11.95
CA THR C 209 15.42 -20.20 11.12
C THR C 209 15.34 -19.73 9.65
N PRO C 210 16.16 -20.27 8.72
CA PRO C 210 15.93 -19.95 7.30
C PRO C 210 14.53 -20.39 6.88
N LYS C 211 13.97 -19.81 5.79
CA LYS C 211 12.66 -20.21 5.27
C LYS C 211 12.61 -21.74 5.06
N HIS C 212 11.43 -22.36 5.24
CA HIS C 212 11.23 -23.81 5.08
C HIS C 212 11.61 -24.25 3.65
N GLU C 213 11.31 -23.42 2.63
CA GLU C 213 11.58 -23.73 1.22
C GLU C 213 13.10 -23.72 0.90
N ASP C 214 13.91 -23.00 1.69
CA ASP C 214 15.35 -22.92 1.50
C ASP C 214 16.05 -24.26 1.79
N PRO C 215 17.03 -24.66 0.92
CA PRO C 215 17.68 -25.96 1.14
C PRO C 215 18.55 -25.96 2.38
N ASP C 216 18.62 -27.14 3.00
CA ASP C 216 19.47 -27.39 4.15
C ASP C 216 20.95 -27.35 3.72
N LEU C 217 21.86 -27.26 4.70
CA LEU C 217 23.29 -27.32 4.44
C LEU C 217 23.66 -28.79 4.24
N ARG C 218 23.39 -29.32 3.03
CA ARG C 218 23.63 -30.74 2.75
C ARG C 218 24.33 -30.98 1.41
N TRP C 219 24.44 -29.95 0.57
CA TRP C 219 24.89 -30.11 -0.80
C TRP C 219 26.03 -29.22 -1.23
N ALA C 220 26.59 -29.57 -2.41
CA ALA C 220 27.60 -28.77 -3.11
C ALA C 220 26.94 -27.48 -3.61
N PRO C 221 27.62 -26.32 -3.58
CA PRO C 221 26.97 -25.06 -4.01
C PRO C 221 26.28 -25.08 -5.39
N SER C 222 26.85 -25.72 -6.42
CA SER C 222 26.27 -25.74 -7.78
C SER C 222 24.89 -26.40 -7.81
N TRP C 223 24.60 -27.30 -6.86
CA TRP C 223 23.33 -28.02 -6.77
C TRP C 223 22.18 -27.10 -6.29
N LEU C 224 22.52 -25.87 -5.89
CA LEU C 224 21.54 -24.87 -5.43
C LEU C 224 21.00 -24.01 -6.59
N ILE C 225 21.41 -24.35 -7.85
CA ILE C 225 20.96 -23.65 -9.06
C ILE C 225 19.96 -24.54 -9.78
N ASN C 226 18.75 -23.99 -10.01
CA ASN C 226 17.63 -24.60 -10.75
C ASN C 226 17.46 -23.78 -12.04
N TYR C 227 18.14 -24.18 -13.14
CA TYR C 227 18.04 -23.43 -14.41
C TYR C 227 17.59 -24.33 -15.58
N THR C 228 16.54 -23.88 -16.30
CA THR C 228 15.97 -24.57 -17.46
C THR C 228 15.74 -23.61 -18.65
N GLY C 229 15.46 -22.36 -18.34
CA GLY C 229 15.17 -21.32 -19.30
C GLY C 229 13.97 -20.49 -18.87
N ASP C 230 12.95 -21.18 -18.33
CA ASP C 230 11.70 -20.56 -17.84
C ASP C 230 11.94 -19.63 -16.64
N LEU C 231 11.84 -18.29 -16.84
CA LEU C 231 12.02 -17.25 -15.82
C LEU C 231 11.04 -17.34 -14.64
N SER C 232 9.87 -17.98 -14.88
CA SER C 232 8.82 -18.18 -13.88
C SER C 232 9.23 -19.25 -12.85
N THR C 233 10.15 -20.19 -13.20
CA THR C 233 10.59 -21.27 -12.31
C THR C 233 12.09 -21.23 -11.95
N ASP C 234 12.94 -20.72 -12.86
CA ASP C 234 14.39 -20.59 -12.67
C ASP C 234 14.68 -19.86 -11.37
N LYS C 235 15.60 -20.43 -10.56
CA LYS C 235 16.01 -19.88 -9.27
C LYS C 235 17.32 -20.47 -8.79
N SER C 236 18.16 -19.59 -8.23
CA SER C 236 19.41 -19.93 -7.55
C SER C 236 19.16 -19.73 -6.08
N TYR C 237 19.47 -20.75 -5.26
CA TYR C 237 19.30 -20.66 -3.81
C TYR C 237 20.59 -20.18 -3.16
N LEU C 238 21.62 -19.90 -4.01
CA LEU C 238 22.93 -19.38 -3.60
C LEU C 238 22.84 -17.91 -3.21
N PRO C 239 23.67 -17.44 -2.27
CA PRO C 239 23.60 -16.01 -1.90
C PRO C 239 23.96 -15.11 -3.08
N HIS C 240 23.40 -13.88 -3.10
CA HIS C 240 23.73 -12.93 -4.14
C HIS C 240 25.16 -12.46 -3.94
N VAL C 241 25.93 -12.30 -5.02
CA VAL C 241 27.31 -11.80 -4.97
C VAL C 241 27.41 -10.53 -5.83
N THR C 242 28.39 -9.68 -5.53
CA THR C 242 28.67 -8.47 -6.30
C THR C 242 29.56 -8.90 -7.45
N ILE C 243 28.99 -8.94 -8.65
CA ILE C 243 29.61 -9.39 -9.89
C ILE C 243 30.93 -8.64 -10.18
N LYS C 244 30.96 -7.32 -9.95
CA LYS C 244 32.14 -6.48 -10.21
C LYS C 244 33.22 -6.60 -9.11
N SER C 245 32.91 -7.24 -7.96
CA SER C 245 33.90 -7.40 -6.88
C SER C 245 34.96 -8.46 -7.25
N SER C 246 36.09 -8.40 -6.57
CA SER C 246 37.24 -9.27 -6.77
C SER C 246 36.92 -10.75 -6.56
N ALA C 247 37.44 -11.60 -7.46
CA ALA C 247 37.32 -13.06 -7.35
C ALA C 247 38.22 -13.58 -6.20
N GLY C 248 39.31 -12.87 -5.93
CA GLY C 248 40.31 -13.25 -4.96
C GLY C 248 41.12 -14.42 -5.50
N LEU C 249 41.89 -15.09 -4.61
CA LEU C 249 42.69 -16.25 -4.96
C LEU C 249 41.79 -17.39 -5.38
N PRO C 250 42.17 -18.19 -6.41
CA PRO C 250 43.43 -18.14 -7.18
C PRO C 250 43.35 -17.32 -8.49
N TYR C 251 42.35 -16.44 -8.62
CA TYR C 251 42.17 -15.70 -9.86
C TYR C 251 42.36 -14.19 -9.71
N ILE C 252 43.60 -13.75 -9.38
CA ILE C 252 43.99 -12.33 -9.26
C ILE C 252 43.78 -11.63 -10.63
N GLY C 253 43.16 -10.45 -10.59
CA GLY C 253 42.86 -9.65 -11.78
C GLY C 253 41.51 -9.98 -12.40
N LYS C 254 40.74 -10.88 -11.76
CA LYS C 254 39.44 -11.29 -12.25
C LYS C 254 38.34 -10.90 -11.27
N THR C 255 37.13 -10.65 -11.80
CA THR C 255 35.96 -10.32 -10.99
C THR C 255 35.21 -11.62 -10.66
N LYS C 256 34.16 -11.54 -9.81
CA LYS C 256 33.29 -12.68 -9.53
C LYS C 256 32.55 -13.10 -10.80
N GLY C 257 32.03 -12.11 -11.57
CA GLY C 257 31.34 -12.34 -12.83
C GLY C 257 32.18 -13.13 -13.82
N ASP C 258 33.49 -12.85 -13.85
CA ASP C 258 34.49 -13.52 -14.69
C ASP C 258 34.73 -14.99 -14.30
N THR C 259 34.53 -15.32 -13.00
CA THR C 259 34.88 -16.63 -12.43
C THR C 259 33.70 -17.41 -11.78
N THR C 260 32.44 -17.16 -12.22
CA THR C 260 31.27 -17.87 -11.70
C THR C 260 31.45 -19.41 -11.77
N ALA C 261 31.75 -19.97 -12.95
CA ALA C 261 31.94 -21.42 -13.16
C ALA C 261 33.07 -21.95 -12.25
N GLU C 262 34.22 -21.25 -12.28
CA GLU C 262 35.44 -21.53 -11.51
C GLU C 262 35.16 -21.59 -10.00
N ALA C 263 34.37 -20.63 -9.46
CA ALA C 263 34.00 -20.59 -8.03
C ALA C 263 33.17 -21.79 -7.64
N LEU C 264 32.21 -22.18 -8.50
CA LEU C 264 31.33 -23.32 -8.28
C LEU C 264 32.14 -24.60 -8.28
N VAL C 265 33.04 -24.78 -9.26
CA VAL C 265 33.91 -25.94 -9.37
C VAL C 265 34.77 -26.06 -8.10
N LEU C 266 35.44 -24.97 -7.70
CA LEU C 266 36.31 -24.97 -6.52
C LEU C 266 35.55 -25.16 -5.20
N ALA C 267 34.41 -24.44 -5.01
CA ALA C 267 33.59 -24.56 -3.80
C ALA C 267 33.00 -25.97 -3.71
N ASP C 268 32.52 -26.54 -4.85
CA ASP C 268 32.00 -27.91 -4.92
C ASP C 268 33.05 -28.92 -4.50
N SER C 269 34.25 -28.86 -5.11
CA SER C 269 35.34 -29.79 -4.88
C SER C 269 35.83 -29.71 -3.45
N PHE C 270 35.91 -28.49 -2.86
CA PHE C 270 36.40 -28.34 -1.49
C PHE C 270 35.45 -29.01 -0.49
N ILE C 271 34.12 -28.70 -0.55
CA ILE C 271 33.13 -29.24 0.39
C ILE C 271 32.97 -30.79 0.19
N ARG C 272 33.05 -31.28 -1.07
CA ARG C 272 32.95 -32.70 -1.39
C ARG C 272 34.19 -33.48 -0.89
N ASP C 273 35.41 -32.98 -1.17
CA ASP C 273 36.67 -33.60 -0.73
C ASP C 273 36.78 -33.61 0.80
N LEU C 274 36.29 -32.54 1.45
CA LEU C 274 36.29 -32.43 2.90
C LEU C 274 35.34 -33.49 3.50
N GLY C 275 34.13 -33.61 2.93
CA GLY C 275 33.13 -34.59 3.34
C GLY C 275 33.62 -36.01 3.26
N ARG C 276 34.30 -36.34 2.16
CA ARG C 276 34.90 -37.66 1.88
C ARG C 276 36.10 -37.92 2.82
N ALA C 277 37.00 -36.95 2.97
CA ALA C 277 38.18 -37.05 3.83
C ALA C 277 37.79 -37.26 5.31
N ALA C 278 36.71 -36.58 5.79
CA ALA C 278 36.22 -36.66 7.16
C ALA C 278 35.69 -38.06 7.52
N THR C 279 35.06 -38.79 6.58
CA THR C 279 34.55 -40.13 6.89
C THR C 279 35.50 -41.25 6.38
N SER C 280 36.76 -40.93 6.04
CA SER C 280 37.72 -41.90 5.50
C SER C 280 38.37 -42.79 6.60
N ALA C 281 39.29 -43.70 6.21
CA ALA C 281 40.02 -44.59 7.11
C ALA C 281 40.97 -43.83 8.02
N ASP C 282 41.47 -42.66 7.54
CA ASP C 282 42.36 -41.78 8.30
C ASP C 282 41.85 -40.32 8.13
N PRO C 283 40.84 -39.90 8.96
CA PRO C 283 40.25 -38.56 8.79
C PRO C 283 41.25 -37.42 9.02
N GLU C 284 42.26 -37.64 9.87
CA GLU C 284 43.27 -36.62 10.12
C GLU C 284 44.15 -36.34 8.88
N ALA C 285 44.74 -37.39 8.28
CA ALA C 285 45.58 -37.23 7.08
C ALA C 285 44.77 -36.73 5.89
N GLY C 286 43.55 -37.26 5.75
CA GLY C 286 42.63 -36.91 4.67
C GLY C 286 42.17 -35.47 4.69
N VAL C 287 41.68 -35.00 5.87
CA VAL C 287 41.17 -33.63 6.06
C VAL C 287 42.32 -32.63 5.89
N LYS C 288 43.49 -32.88 6.50
CA LYS C 288 44.65 -31.99 6.38
C LYS C 288 45.13 -31.90 4.91
N LYS C 289 45.13 -33.03 4.17
CA LYS C 289 45.52 -33.05 2.74
C LYS C 289 44.63 -32.10 1.94
N THR C 290 43.29 -32.21 2.11
CA THR C 290 42.30 -31.37 1.42
C THR C 290 42.52 -29.89 1.76
N ILE C 291 42.65 -29.57 3.05
CA ILE C 291 42.82 -28.19 3.53
C ILE C 291 44.10 -27.56 2.91
N THR C 292 45.20 -28.34 2.89
CA THR C 292 46.51 -27.94 2.32
C THR C 292 46.39 -27.76 0.79
N ASP C 293 45.73 -28.72 0.09
CA ASP C 293 45.52 -28.66 -1.35
C ASP C 293 44.77 -27.38 -1.76
N PHE C 294 43.85 -26.89 -0.89
CA PHE C 294 43.05 -25.68 -1.08
C PHE C 294 43.49 -24.54 -0.14
N TRP C 295 44.78 -24.50 0.24
CA TRP C 295 45.32 -23.49 1.17
C TRP C 295 44.90 -22.04 0.80
N TYR C 296 44.88 -21.73 -0.49
CA TYR C 296 44.62 -20.41 -1.06
C TYR C 296 43.22 -19.92 -0.77
N LEU C 297 42.29 -20.82 -0.38
CA LEU C 297 40.93 -20.46 0.00
C LEU C 297 40.91 -19.78 1.40
N SER C 298 42.08 -19.73 2.08
CA SER C 298 42.20 -19.09 3.40
C SER C 298 43.11 -17.84 3.34
N CYS C 299 43.47 -17.39 2.13
CA CYS C 299 44.40 -16.28 1.96
C CYS C 299 43.70 -15.16 1.20
N GLY C 300 43.49 -14.04 1.89
CA GLY C 300 42.78 -12.90 1.32
C GLY C 300 43.69 -11.90 0.67
N LEU C 301 43.23 -11.28 -0.43
CA LEU C 301 44.00 -10.21 -1.09
C LEU C 301 43.92 -8.98 -0.20
N LEU C 302 45.05 -8.39 0.18
CA LEU C 302 44.99 -7.21 1.06
C LEU C 302 44.68 -5.94 0.24
N PHE C 303 43.39 -5.68 0.06
CA PHE C 303 42.86 -4.56 -0.73
C PHE C 303 42.90 -3.24 0.06
N PRO C 304 43.50 -2.15 -0.48
CA PRO C 304 43.49 -0.86 0.25
C PRO C 304 42.11 -0.21 0.16
N LYS C 305 41.47 0.06 1.31
CA LYS C 305 40.11 0.62 1.33
C LYS C 305 40.11 2.11 0.95
N GLY C 306 39.21 2.47 0.04
CA GLY C 306 39.01 3.85 -0.38
C GLY C 306 38.29 4.60 0.73
N GLU C 307 38.94 5.63 1.29
CA GLU C 307 38.37 6.41 2.39
C GLU C 307 38.86 7.83 2.40
N ARG C 308 38.27 8.66 3.28
CA ARG C 308 38.71 10.04 3.45
C ARG C 308 39.71 10.04 4.59
N TYR C 309 40.96 9.80 4.20
CA TYR C 309 42.09 9.74 5.10
C TYR C 309 42.63 11.14 5.42
N THR C 310 43.30 11.26 6.55
CA THR C 310 43.98 12.49 6.96
C THR C 310 45.27 12.55 6.12
N GLN C 311 45.52 13.65 5.41
CA GLN C 311 46.71 13.88 4.59
C GLN C 311 48.01 13.65 5.37
N VAL C 312 48.08 14.14 6.62
CA VAL C 312 49.27 14.04 7.49
C VAL C 312 49.53 12.54 7.87
N ASP C 313 48.49 11.68 7.87
CA ASP C 313 48.66 10.28 8.24
C ASP C 313 48.48 9.32 7.04
N TRP C 314 48.51 9.84 5.80
CA TRP C 314 48.38 9.07 4.55
C TRP C 314 49.24 7.79 4.53
N ASP C 315 50.50 7.88 4.96
CA ASP C 315 51.44 6.74 4.96
C ASP C 315 51.48 6.02 6.32
N LYS C 316 50.60 6.42 7.26
CA LYS C 316 50.57 5.83 8.61
C LYS C 316 49.38 4.89 8.77
N LYS C 317 48.31 5.11 7.97
CA LYS C 317 47.10 4.33 8.11
C LYS C 317 46.28 4.27 6.84
N THR C 318 46.23 3.07 6.25
CA THR C 318 45.34 2.72 5.14
C THR C 318 44.56 1.53 5.65
N ARG C 319 43.25 1.65 5.75
CA ARG C 319 42.44 0.52 6.19
C ARG C 319 42.46 -0.56 5.08
N ASN C 320 42.43 -1.84 5.50
CA ASN C 320 42.51 -2.95 4.58
C ASN C 320 41.21 -3.73 4.47
N ILE C 321 40.87 -4.13 3.24
CA ILE C 321 39.77 -5.06 2.99
C ILE C 321 40.43 -6.44 2.74
N TRP C 322 40.15 -7.42 3.60
CA TRP C 322 40.67 -8.79 3.44
C TRP C 322 39.74 -9.43 2.43
N SER C 323 40.16 -9.48 1.17
CA SER C 323 39.29 -9.92 0.11
C SER C 323 39.33 -11.43 -0.05
N ALA C 324 38.32 -12.08 0.55
CA ALA C 324 38.17 -13.53 0.59
C ALA C 324 38.03 -14.16 -0.77
N PRO C 325 38.64 -15.33 -1.00
CA PRO C 325 38.40 -16.04 -2.27
C PRO C 325 36.90 -16.33 -2.46
N TYR C 326 36.40 -16.12 -3.69
CA TYR C 326 35.02 -16.31 -4.10
C TYR C 326 34.49 -17.69 -3.61
N PRO C 327 35.19 -18.85 -3.75
CA PRO C 327 34.61 -20.10 -3.24
C PRO C 327 34.36 -20.06 -1.73
N THR C 328 35.31 -19.46 -0.97
CA THR C 328 35.22 -19.36 0.49
C THR C 328 34.02 -18.49 0.89
N HIS C 329 33.93 -17.30 0.29
CA HIS C 329 32.85 -16.36 0.51
C HIS C 329 31.50 -17.05 0.27
N LEU C 330 31.38 -17.84 -0.82
CA LEU C 330 30.15 -18.56 -1.17
C LEU C 330 29.76 -19.61 -0.10
N LEU C 331 30.73 -20.45 0.33
CA LEU C 331 30.49 -21.47 1.35
C LEU C 331 30.10 -20.87 2.71
N LEU C 332 30.77 -19.78 3.12
CA LEU C 332 30.46 -19.08 4.38
C LEU C 332 29.06 -18.45 4.33
N SER C 333 28.74 -17.76 3.21
CA SER C 333 27.49 -17.05 2.97
C SER C 333 26.31 -18.00 2.91
N MET C 334 26.55 -19.28 2.54
CA MET C 334 25.49 -20.30 2.52
C MET C 334 25.04 -20.62 3.96
N VAL C 335 25.89 -20.40 4.97
CA VAL C 335 25.55 -20.66 6.38
C VAL C 335 24.83 -19.41 6.98
N SER C 336 25.38 -18.21 6.77
CA SER C 336 24.87 -16.99 7.39
C SER C 336 23.66 -16.34 6.72
N THR C 337 23.71 -16.09 5.40
CA THR C 337 22.70 -15.30 4.69
C THR C 337 21.27 -15.93 4.74
N PRO C 338 21.02 -17.27 4.64
CA PRO C 338 19.62 -17.74 4.74
C PRO C 338 19.02 -17.49 6.13
N VAL C 339 19.88 -17.41 7.18
CA VAL C 339 19.45 -17.11 8.55
C VAL C 339 19.20 -15.59 8.71
N MET C 340 20.19 -14.77 8.29
CA MET C 340 20.13 -13.32 8.48
C MET C 340 19.05 -12.64 7.61
N ASN C 341 18.69 -13.24 6.46
CA ASN C 341 17.60 -12.73 5.59
C ASN C 341 16.27 -12.72 6.34
N GLU C 342 16.10 -13.67 7.28
CA GLU C 342 14.88 -13.89 8.06
C GLU C 342 14.99 -13.28 9.45
N SER C 343 16.08 -12.56 9.74
CA SER C 343 16.33 -12.08 11.09
C SER C 343 16.65 -10.56 11.19
N LYS C 344 15.86 -9.70 10.52
CA LYS C 344 16.05 -8.24 10.62
C LYS C 344 15.32 -7.73 11.89
N LEU C 345 15.73 -8.29 13.05
CA LEU C 345 15.16 -8.03 14.36
C LEU C 345 16.08 -7.07 15.10
N ASN C 346 15.55 -5.90 15.48
CA ASN C 346 16.32 -4.88 16.18
C ASN C 346 15.42 -4.18 17.22
N ILE C 347 16.01 -3.27 18.00
CA ILE C 347 15.36 -2.54 19.10
C ILE C 347 14.10 -1.75 18.64
N THR C 348 13.98 -1.39 17.35
CA THR C 348 12.81 -0.62 16.90
C THR C 348 11.60 -1.53 16.63
N ASN C 349 11.80 -2.84 16.45
CA ASN C 349 10.69 -3.76 16.15
C ASN C 349 10.64 -4.99 17.07
N THR C 350 11.63 -5.13 17.97
CA THR C 350 11.74 -6.29 18.86
C THR C 350 12.36 -5.84 20.18
N GLN C 351 12.08 -6.58 21.26
CA GLN C 351 12.66 -6.30 22.56
C GLN C 351 14.06 -6.96 22.61
N THR C 352 15.02 -6.26 22.00
CA THR C 352 16.42 -6.67 21.90
C THR C 352 17.35 -5.46 21.89
N PRO C 353 18.58 -5.52 22.45
CA PRO C 353 19.53 -4.39 22.29
C PRO C 353 20.09 -4.29 20.85
N SER C 354 19.88 -5.30 20.00
CA SER C 354 20.43 -5.34 18.64
C SER C 354 19.93 -4.19 17.76
N LEU C 355 20.82 -3.70 16.86
CA LEU C 355 20.52 -2.68 15.88
C LEU C 355 20.56 -3.26 14.46
N TYR C 356 20.70 -4.61 14.32
CA TYR C 356 20.78 -5.26 13.00
C TYR C 356 19.58 -4.91 12.11
N GLY C 357 19.88 -4.42 10.90
CA GLY C 357 18.88 -4.05 9.92
C GLY C 357 18.20 -2.71 10.20
N PHE C 358 18.74 -1.92 11.16
CA PHE C 358 18.18 -0.62 11.51
C PHE C 358 18.33 0.38 10.38
N SER C 359 17.29 1.18 10.19
CA SER C 359 17.26 2.30 9.28
C SER C 359 16.71 3.51 10.07
N PRO C 360 17.38 4.68 10.04
CA PRO C 360 16.83 5.83 10.78
C PRO C 360 15.65 6.48 10.06
N PHE C 361 15.47 6.14 8.77
CA PHE C 361 14.41 6.68 7.94
C PHE C 361 13.08 5.97 8.21
N HIS C 362 11.98 6.54 7.71
CA HIS C 362 10.61 6.00 7.87
C HIS C 362 10.26 5.81 9.37
N GLY C 363 10.67 6.80 10.16
CA GLY C 363 10.42 6.87 11.59
C GLY C 363 11.34 6.11 12.52
N GLY C 364 12.39 5.50 11.97
CA GLY C 364 13.38 4.74 12.76
C GLY C 364 14.03 5.56 13.87
N MET C 365 14.52 6.77 13.52
CA MET C 365 15.18 7.70 14.45
C MET C 365 14.20 8.11 15.57
N ASP C 366 12.92 8.37 15.20
CA ASP C 366 11.92 8.73 16.19
C ASP C 366 11.63 7.55 17.15
N ARG C 367 11.59 6.31 16.63
CA ARG C 367 11.42 5.09 17.46
C ARG C 367 12.55 4.96 18.48
N ILE C 368 13.81 5.23 18.04
CA ILE C 368 14.99 5.22 18.91
C ILE C 368 14.83 6.31 20.00
N MET C 369 14.45 7.54 19.60
CA MET C 369 14.27 8.67 20.53
C MET C 369 13.17 8.40 21.53
N THR C 370 12.09 7.70 21.13
CA THR C 370 11.00 7.30 22.03
C THR C 370 11.57 6.30 23.08
N ILE C 371 12.37 5.30 22.63
CA ILE C 371 12.98 4.31 23.51
C ILE C 371 13.91 5.04 24.51
N ILE C 372 14.75 5.99 24.01
CA ILE C 372 15.68 6.78 24.83
C ILE C 372 14.89 7.64 25.86
N ARG C 373 13.86 8.38 25.42
CA ARG C 373 13.04 9.25 26.28
C ARG C 373 12.31 8.44 27.37
N ASP C 374 11.77 7.26 27.01
CA ASP C 374 11.11 6.35 27.96
C ASP C 374 12.09 5.78 28.98
N SER C 375 13.34 5.51 28.57
CA SER C 375 14.35 4.99 29.49
C SER C 375 14.77 6.07 30.50
N LEU C 376 14.86 7.34 30.05
CA LEU C 376 15.20 8.47 30.91
C LEU C 376 14.08 8.77 31.91
N ASP C 377 12.79 8.70 31.47
CA ASP C 377 11.62 8.96 32.33
C ASP C 377 11.44 7.85 33.37
N ASN C 378 11.78 6.60 33.02
CA ASN C 378 11.65 5.45 33.91
C ASN C 378 12.94 5.14 34.66
N ASP C 379 13.96 6.00 34.50
CA ASP C 379 15.31 5.90 35.10
C ASP C 379 15.91 4.50 34.86
N GLU C 380 15.81 4.02 33.60
CA GLU C 380 16.31 2.73 33.14
C GLU C 380 17.55 2.91 32.27
N ASP C 381 18.53 2.01 32.45
CA ASP C 381 19.74 2.00 31.64
C ASP C 381 19.40 1.36 30.30
N LEU C 382 20.19 1.70 29.27
CA LEU C 382 19.91 1.20 27.94
C LEU C 382 21.19 0.82 27.24
N VAL C 383 21.16 -0.28 26.49
CA VAL C 383 22.30 -0.75 25.72
C VAL C 383 21.81 -1.11 24.31
N MET C 384 22.61 -0.75 23.31
CA MET C 384 22.36 -1.04 21.89
C MET C 384 23.63 -1.55 21.28
N ILE C 385 23.51 -2.55 20.39
CA ILE C 385 24.67 -3.21 19.78
C ILE C 385 24.51 -3.34 18.28
N TYR C 386 25.59 -3.00 17.58
CA TYR C 386 25.70 -3.16 16.15
C TYR C 386 27.13 -3.53 15.81
N ALA C 387 27.41 -4.83 15.57
CA ALA C 387 28.78 -5.29 15.24
C ALA C 387 29.79 -4.74 16.30
N ASP C 388 30.84 -3.97 15.88
CA ASP C 388 31.84 -3.37 16.78
C ASP C 388 31.37 -2.06 17.45
N ASN C 389 30.07 -1.68 17.33
CA ASN C 389 29.54 -0.46 17.96
C ASN C 389 28.66 -0.79 19.15
N ILE C 390 28.97 -0.18 20.30
CA ILE C 390 28.15 -0.30 21.51
C ILE C 390 27.64 1.09 21.87
N TYR C 391 26.35 1.18 22.23
CA TYR C 391 25.74 2.42 22.70
C TYR C 391 25.18 2.17 24.07
N ILE C 392 25.58 2.99 25.04
CA ILE C 392 25.11 2.88 26.41
C ILE C 392 24.50 4.20 26.88
N LEU C 393 23.29 4.10 27.44
CA LEU C 393 22.59 5.18 28.10
C LEU C 393 22.58 4.87 29.59
N GLN C 394 23.33 5.64 30.38
CA GLN C 394 23.32 5.55 31.84
C GLN C 394 23.76 6.89 32.42
N ASP C 395 23.22 7.22 33.61
CA ASP C 395 23.51 8.44 34.38
C ASP C 395 23.29 9.72 33.53
N ASN C 396 22.11 9.80 32.87
CA ASN C 396 21.69 10.92 32.01
C ASN C 396 22.78 11.27 30.96
N THR C 397 23.48 10.24 30.47
CA THR C 397 24.55 10.40 29.49
C THR C 397 24.46 9.30 28.42
N TRP C 398 24.75 9.69 27.16
CA TRP C 398 24.82 8.79 26.01
C TRP C 398 26.28 8.53 25.68
N TYR C 399 26.66 7.24 25.65
CA TYR C 399 28.02 6.83 25.35
C TYR C 399 28.07 6.00 24.09
N SER C 400 29.02 6.35 23.23
CA SER C 400 29.31 5.60 22.02
C SER C 400 30.65 4.92 22.28
N ILE C 401 30.64 3.58 22.35
CA ILE C 401 31.83 2.79 22.60
C ILE C 401 32.10 1.93 21.35
N ASP C 402 33.31 2.04 20.81
CA ASP C 402 33.69 1.23 19.66
C ASP C 402 34.80 0.33 20.01
N LEU C 403 34.74 -0.92 19.50
CA LEU C 403 35.86 -1.85 19.68
C LEU C 403 37.05 -1.22 18.99
N GLU C 404 38.23 -1.34 19.58
CA GLU C 404 39.40 -0.75 18.96
C GLU C 404 39.86 -1.70 17.86
N LYS C 405 39.75 -1.26 16.59
CA LYS C 405 40.12 -2.03 15.38
C LYS C 405 39.54 -3.42 15.54
N GLY C 406 38.21 -3.44 15.72
CA GLY C 406 37.36 -4.58 16.05
C GLY C 406 37.83 -5.96 15.64
N GLU C 407 37.98 -6.15 14.34
CA GLU C 407 38.38 -7.41 13.67
C GLU C 407 39.64 -8.06 14.28
N ALA C 408 40.62 -7.24 14.72
CA ALA C 408 41.89 -7.69 15.29
C ALA C 408 41.73 -8.42 16.63
N ASN C 409 40.60 -8.20 17.34
CA ASN C 409 40.30 -8.84 18.63
C ASN C 409 39.71 -10.25 18.49
N CYS C 410 39.31 -10.62 17.26
CA CYS C 410 38.67 -11.89 16.97
C CYS C 410 39.63 -13.07 16.99
N THR C 411 39.24 -14.12 17.70
CA THR C 411 39.95 -15.40 17.72
C THR C 411 39.15 -16.36 16.84
N PRO C 412 39.76 -17.45 16.27
CA PRO C 412 38.94 -18.42 15.52
C PRO C 412 37.78 -18.97 16.36
N GLN C 413 37.98 -19.05 17.69
CA GLN C 413 37.01 -19.53 18.68
C GLN C 413 35.78 -18.62 18.80
N HIS C 414 35.94 -17.30 18.56
CA HIS C 414 34.78 -16.38 18.54
C HIS C 414 33.88 -16.74 17.36
N MET C 415 34.49 -16.97 16.17
CA MET C 415 33.71 -17.34 14.97
C MET C 415 33.08 -18.73 15.13
N GLN C 416 33.81 -19.65 15.78
CA GLN C 416 33.31 -21.00 16.05
C GLN C 416 32.03 -20.94 16.92
N ALA C 417 32.02 -20.06 17.96
CA ALA C 417 30.85 -19.84 18.84
C ALA C 417 29.68 -19.25 18.03
N MET C 418 29.98 -18.37 17.05
CA MET C 418 28.94 -17.80 16.17
C MET C 418 28.36 -18.93 15.30
N MET C 419 29.22 -19.84 14.78
CA MET C 419 28.81 -20.99 13.96
C MET C 419 27.92 -21.93 14.77
N TYR C 420 28.26 -22.12 16.07
CA TYR C 420 27.46 -22.92 16.99
C TYR C 420 26.05 -22.31 17.11
N TYR C 421 25.97 -20.98 17.33
CA TYR C 421 24.72 -20.25 17.48
C TYR C 421 23.85 -20.35 16.23
N LEU C 422 24.44 -20.16 15.04
CA LEU C 422 23.71 -20.24 13.76
C LEU C 422 23.20 -21.67 13.49
N LEU C 423 24.01 -22.70 13.77
CA LEU C 423 23.61 -24.08 13.49
C LEU C 423 22.61 -24.65 14.50
N THR C 424 22.61 -24.13 15.75
CA THR C 424 21.69 -24.63 16.77
C THR C 424 20.35 -23.85 16.73
N ARG C 425 20.40 -22.50 16.65
CA ARG C 425 19.18 -21.64 16.66
C ARG C 425 18.60 -21.35 15.27
N GLY C 426 19.39 -21.55 14.22
CA GLY C 426 18.92 -21.29 12.86
C GLY C 426 18.74 -22.56 12.06
N TRP C 427 19.86 -23.27 11.80
CA TRP C 427 19.87 -24.50 11.00
C TRP C 427 19.35 -25.70 11.78
N THR C 428 18.05 -25.63 12.10
CA THR C 428 17.33 -26.66 12.84
C THR C 428 15.88 -26.69 12.36
N ASN C 429 15.24 -27.86 12.49
CA ASN C 429 13.83 -28.10 12.17
C ASN C 429 13.01 -27.95 13.45
N GLU C 430 11.68 -27.83 13.34
CA GLU C 430 10.76 -27.68 14.47
C GLU C 430 10.89 -28.87 15.46
N ASP C 431 11.10 -30.11 14.95
CA ASP C 431 11.24 -31.30 15.78
C ASP C 431 12.62 -31.36 16.50
N GLY C 432 13.51 -30.41 16.18
CA GLY C 432 14.84 -30.31 16.75
C GLY C 432 15.94 -31.01 15.97
N SER C 433 15.59 -31.63 14.82
CA SER C 433 16.57 -32.31 13.96
C SER C 433 17.39 -31.28 13.18
N PRO C 434 18.66 -31.58 12.82
CA PRO C 434 19.48 -30.57 12.15
C PRO C 434 19.11 -30.32 10.68
N ARG C 435 19.34 -29.08 10.24
CA ARG C 435 19.15 -28.71 8.84
C ARG C 435 20.52 -28.68 8.16
N TYR C 436 21.34 -29.69 8.51
CA TYR C 436 22.70 -29.93 8.04
C TYR C 436 23.08 -31.36 8.22
N ASN C 437 24.09 -31.79 7.47
CA ASN C 437 24.65 -33.13 7.52
C ASN C 437 26.05 -33.07 8.17
N PRO C 438 26.73 -34.22 8.46
CA PRO C 438 28.07 -34.14 9.09
C PRO C 438 29.11 -33.33 8.29
N THR C 439 29.08 -33.39 6.95
CA THR C 439 30.03 -32.63 6.11
C THR C 439 29.92 -31.12 6.36
N TRP C 440 28.69 -30.59 6.41
CA TRP C 440 28.49 -29.16 6.62
C TRP C 440 28.78 -28.75 8.08
N ALA C 441 28.55 -29.67 9.06
CA ALA C 441 28.90 -29.43 10.47
C ALA C 441 30.43 -29.36 10.60
N THR C 442 31.16 -30.16 9.80
CA THR C 442 32.65 -30.18 9.78
C THR C 442 33.17 -28.87 9.20
N PHE C 443 32.60 -28.45 8.05
CA PHE C 443 33.04 -27.20 7.45
C PHE C 443 32.81 -26.05 8.41
N ALA C 444 31.58 -25.91 8.94
CA ALA C 444 31.20 -24.80 9.79
C ALA C 444 31.94 -24.76 11.13
N MET C 445 32.04 -25.91 11.82
CA MET C 445 32.63 -25.97 13.16
C MET C 445 34.12 -26.22 13.21
N ASN C 446 34.65 -27.07 12.33
CA ASN C 446 36.07 -27.45 12.44
C ASN C 446 37.02 -26.81 11.44
N VAL C 447 36.50 -26.16 10.38
CA VAL C 447 37.38 -25.67 9.32
C VAL C 447 37.21 -24.18 9.05
N ALA C 448 35.97 -23.74 8.66
CA ALA C 448 35.63 -22.36 8.32
C ALA C 448 36.22 -21.30 9.26
N PRO C 449 36.18 -21.42 10.63
CA PRO C 449 36.76 -20.32 11.46
C PRO C 449 38.24 -20.03 11.19
N SER C 450 39.06 -21.07 10.87
CA SER C 450 40.48 -20.86 10.62
C SER C 450 40.76 -20.51 9.15
N MET C 451 39.74 -20.45 8.33
CA MET C 451 39.94 -20.03 6.94
C MET C 451 39.93 -18.49 6.84
N VAL C 452 39.24 -17.80 7.77
CA VAL C 452 39.14 -16.35 7.68
C VAL C 452 39.59 -15.64 8.99
N VAL C 453 39.95 -16.39 10.06
CA VAL C 453 40.41 -15.83 11.34
C VAL C 453 41.78 -16.41 11.67
N ASP C 454 42.77 -15.51 11.91
CA ASP C 454 44.16 -15.83 12.20
C ASP C 454 44.76 -16.69 11.08
N SER C 455 44.36 -16.40 9.84
CA SER C 455 44.89 -17.12 8.68
C SER C 455 45.93 -16.21 8.02
N SER C 456 45.78 -15.88 6.73
CA SER C 456 46.80 -15.08 6.08
C SER C 456 46.22 -14.16 4.99
N CYS C 457 47.10 -13.30 4.44
CA CYS C 457 46.77 -12.38 3.37
C CYS C 457 47.92 -12.25 2.37
N LEU C 458 47.64 -11.64 1.20
CA LEU C 458 48.62 -11.44 0.14
C LEU C 458 48.76 -9.97 -0.21
N LEU C 459 49.99 -9.47 -0.12
CA LEU C 459 50.36 -8.10 -0.46
C LEU C 459 51.67 -8.20 -1.20
N MET C 460 51.70 -7.73 -2.48
CA MET C 460 52.86 -7.88 -3.36
C MET C 460 53.05 -9.42 -3.54
N ASN C 461 54.28 -9.96 -3.36
CA ASN C 461 54.51 -11.41 -3.44
C ASN C 461 54.64 -12.01 -2.02
N LEU C 462 54.19 -11.24 -1.00
CA LEU C 462 54.31 -11.62 0.41
C LEU C 462 53.03 -12.20 0.99
N GLN C 463 53.15 -13.41 1.55
CA GLN C 463 52.05 -14.09 2.23
C GLN C 463 52.22 -13.82 3.71
N LEU C 464 51.40 -12.89 4.21
CA LEU C 464 51.48 -12.38 5.58
C LEU C 464 50.45 -12.97 6.48
N LYS C 465 50.76 -13.07 7.76
CA LYS C 465 49.82 -13.51 8.77
C LYS C 465 48.71 -12.46 8.94
N THR C 466 47.45 -12.90 9.17
CA THR C 466 46.33 -12.04 9.52
C THR C 466 46.14 -12.18 11.02
N TYR C 467 46.17 -11.07 11.76
CA TYR C 467 45.90 -11.12 13.21
C TYR C 467 44.44 -10.76 13.34
N GLY C 468 43.66 -11.70 13.86
CA GLY C 468 42.23 -11.53 14.02
C GLY C 468 41.47 -11.95 12.76
N GLN C 469 40.21 -11.50 12.62
CA GLN C 469 39.42 -11.84 11.44
C GLN C 469 39.69 -10.88 10.30
N GLY C 470 39.63 -11.40 9.09
CA GLY C 470 39.84 -10.57 7.91
C GLY C 470 38.65 -9.67 7.66
N SER C 471 38.87 -8.36 7.74
CA SER C 471 37.85 -7.32 7.54
C SER C 471 37.23 -7.38 6.16
N GLY C 472 35.94 -7.63 6.11
CA GLY C 472 35.22 -7.74 4.85
C GLY C 472 34.76 -9.16 4.58
N ASN C 473 35.27 -10.15 5.34
CA ASN C 473 34.80 -11.54 5.16
C ASN C 473 33.30 -11.60 5.52
N ALA C 474 32.59 -12.62 5.03
CA ALA C 474 31.14 -12.81 5.20
C ALA C 474 30.68 -12.74 6.70
N PHE C 475 31.55 -13.12 7.63
CA PHE C 475 31.22 -13.14 9.06
C PHE C 475 31.74 -11.92 9.83
N THR C 476 32.21 -10.85 9.13
CA THR C 476 32.76 -9.65 9.80
C THR C 476 31.77 -9.09 10.84
N PHE C 477 30.54 -8.74 10.41
CA PHE C 477 29.50 -8.18 11.27
C PHE C 477 29.20 -9.12 12.44
N LEU C 478 28.95 -10.43 12.15
CA LEU C 478 28.54 -11.44 13.12
C LEU C 478 29.59 -11.65 14.20
N ASN C 479 30.86 -11.78 13.81
CA ASN C 479 31.95 -11.98 14.75
C ASN C 479 32.17 -10.75 15.60
N ASN C 480 32.11 -9.54 15.00
CA ASN C 480 32.25 -8.27 15.75
C ASN C 480 31.09 -8.10 16.74
N HIS C 481 29.85 -8.45 16.31
CA HIS C 481 28.66 -8.37 17.15
C HIS C 481 28.77 -9.31 18.36
N LEU C 482 29.36 -10.50 18.18
CA LEU C 482 29.56 -11.45 19.28
C LEU C 482 30.58 -10.88 20.30
N MET C 483 31.67 -10.26 19.82
CA MET C 483 32.66 -9.64 20.69
C MET C 483 32.05 -8.50 21.51
N SER C 484 31.20 -7.66 20.89
CA SER C 484 30.50 -6.58 21.61
C SER C 484 29.54 -7.14 22.64
N THR C 485 28.89 -8.29 22.32
CA THR C 485 27.97 -9.02 23.22
C THR C 485 28.72 -9.44 24.51
N ILE C 486 29.96 -9.93 24.36
CA ILE C 486 30.84 -10.36 25.45
C ILE C 486 31.18 -9.14 26.33
N VAL C 487 31.56 -8.01 25.72
CA VAL C 487 31.89 -6.76 26.43
C VAL C 487 30.64 -6.29 27.22
N VAL C 488 29.46 -6.29 26.58
CA VAL C 488 28.18 -5.88 27.20
C VAL C 488 27.80 -6.84 28.33
N ALA C 489 27.88 -8.16 28.11
CA ALA C 489 27.58 -9.16 29.16
C ALA C 489 28.47 -8.96 30.40
N GLU C 490 29.75 -8.60 30.19
CA GLU C 490 30.71 -8.36 31.27
C GLU C 490 30.40 -7.03 31.98
N TRP C 491 29.87 -6.02 31.25
CA TRP C 491 29.46 -4.73 31.81
C TRP C 491 28.27 -4.99 32.74
N VAL C 492 27.29 -5.79 32.29
CA VAL C 492 26.11 -6.18 33.09
C VAL C 492 26.59 -6.98 34.36
N LYS C 493 27.49 -7.97 34.16
CA LYS C 493 28.03 -8.78 35.26
C LYS C 493 28.76 -7.91 36.31
N ALA C 494 29.56 -6.92 35.87
CA ALA C 494 30.31 -6.02 36.76
C ALA C 494 29.40 -4.96 37.46
N GLY C 495 28.08 -5.08 37.30
CA GLY C 495 27.12 -4.16 37.91
C GLY C 495 26.94 -2.86 37.17
N LYS C 496 27.07 -2.90 35.83
CA LYS C 496 26.94 -1.78 34.90
C LYS C 496 27.81 -0.55 35.33
N PRO C 497 29.16 -0.69 35.47
CA PRO C 497 29.99 0.48 35.80
C PRO C 497 29.94 1.52 34.71
N ASN C 498 29.95 2.82 35.09
CA ASN C 498 29.90 3.93 34.14
C ASN C 498 31.06 3.81 33.12
N PRO C 499 30.80 3.98 31.80
CA PRO C 499 31.86 3.84 30.80
C PRO C 499 33.11 4.73 31.00
N MET C 500 33.02 5.82 31.78
CA MET C 500 34.16 6.73 32.02
C MET C 500 35.06 6.30 33.20
N THR C 501 34.67 5.24 33.93
CA THR C 501 35.39 4.76 35.11
C THR C 501 36.43 3.67 34.77
N LYS C 502 37.40 3.45 35.69
CA LYS C 502 38.43 2.42 35.60
C LYS C 502 37.79 1.03 35.53
N GLU C 503 36.69 0.83 36.29
CA GLU C 503 35.89 -0.38 36.40
C GLU C 503 35.34 -0.82 35.05
N PHE C 504 35.03 0.13 34.16
CA PHE C 504 34.57 -0.19 32.81
C PHE C 504 35.77 -0.50 31.92
N MET C 505 36.85 0.32 32.02
CA MET C 505 38.05 0.13 31.23
C MET C 505 38.74 -1.19 31.55
N ASP C 506 38.52 -1.72 32.78
CA ASP C 506 39.04 -3.02 33.24
C ASP C 506 38.44 -4.18 32.45
N LEU C 507 37.29 -3.96 31.76
CA LEU C 507 36.65 -5.00 30.96
C LEU C 507 37.51 -5.35 29.74
N GLU C 508 38.47 -4.47 29.37
CA GLU C 508 39.40 -4.74 28.26
C GLU C 508 40.20 -6.00 28.58
N GLU C 509 40.83 -6.04 29.77
CA GLU C 509 41.64 -7.18 30.21
C GLU C 509 40.76 -8.38 30.52
N LYS C 510 39.58 -8.16 31.11
CA LYS C 510 38.68 -9.26 31.45
C LYS C 510 38.22 -10.03 30.16
N THR C 511 37.98 -9.31 29.06
CA THR C 511 37.47 -9.90 27.81
C THR C 511 38.52 -10.19 26.72
N GLY C 512 39.71 -9.57 26.82
CA GLY C 512 40.76 -9.66 25.80
C GLY C 512 40.38 -8.82 24.57
N ILE C 513 39.33 -7.97 24.72
CA ILE C 513 38.79 -7.12 23.64
C ILE C 513 39.07 -5.65 23.96
N ASN C 514 39.82 -4.98 23.08
CA ASN C 514 40.16 -3.56 23.20
C ASN C 514 38.97 -2.72 22.75
N PHE C 515 38.73 -1.62 23.43
CA PHE C 515 37.64 -0.71 23.04
C PHE C 515 37.96 0.67 23.52
N LYS C 516 37.26 1.66 23.00
CA LYS C 516 37.41 3.02 23.49
C LYS C 516 36.10 3.77 23.42
N ILE C 517 35.95 4.72 24.37
CA ILE C 517 34.78 5.58 24.42
C ILE C 517 35.03 6.64 23.36
N GLU C 518 34.20 6.61 22.30
CA GLU C 518 34.32 7.50 21.16
C GLU C 518 33.51 8.78 21.29
N ARG C 519 32.46 8.76 22.11
CA ARG C 519 31.58 9.90 22.29
C ARG C 519 30.89 9.83 23.61
N GLU C 520 30.78 10.98 24.26
CA GLU C 520 30.08 11.16 25.53
C GLU C 520 29.16 12.35 25.34
N LEU C 521 27.86 12.10 25.40
CA LEU C 521 26.84 13.13 25.24
C LEU C 521 26.22 13.36 26.62
N LYS C 522 26.77 14.35 27.35
CA LYS C 522 26.34 14.69 28.71
C LYS C 522 25.03 15.47 28.72
N ASN C 523 24.32 15.41 29.88
CA ASN C 523 23.04 16.09 30.16
C ASN C 523 22.07 15.77 29.02
N LEU C 524 21.86 14.46 28.79
CA LEU C 524 21.05 13.93 27.71
C LEU C 524 19.59 14.42 27.77
N ARG C 525 18.93 14.32 28.96
CA ARG C 525 17.55 14.78 29.16
C ARG C 525 17.37 16.23 28.72
N GLU C 526 18.27 17.14 29.17
CA GLU C 526 18.24 18.58 28.89
C GLU C 526 18.54 18.86 27.41
N THR C 527 19.46 18.07 26.78
CA THR C 527 19.84 18.20 25.35
C THR C 527 18.61 17.94 24.49
N ILE C 528 17.86 16.86 24.78
CA ILE C 528 16.65 16.49 24.04
C ILE C 528 15.62 17.63 24.18
N VAL C 529 15.46 18.20 25.39
CA VAL C 529 14.55 19.32 25.66
C VAL C 529 14.98 20.55 24.80
N GLU C 530 16.30 20.82 24.73
CA GLU C 530 16.89 21.91 23.95
C GLU C 530 16.61 21.69 22.45
N ALA C 531 16.78 20.45 21.97
CA ALA C 531 16.55 20.06 20.57
C ALA C 531 15.11 20.35 20.16
N VAL C 532 14.15 20.03 21.03
CA VAL C 532 12.74 20.27 20.77
C VAL C 532 12.44 21.77 20.82
N GLU C 533 12.95 22.49 21.83
CA GLU C 533 12.68 23.92 22.05
C GLU C 533 13.35 24.84 21.03
N THR C 534 14.54 24.46 20.49
CA THR C 534 15.25 25.27 19.49
C THR C 534 14.83 24.95 18.07
N ALA C 535 13.91 23.97 17.86
CA ALA C 535 13.45 23.58 16.53
C ALA C 535 12.90 24.81 15.79
N PRO C 536 13.48 25.16 14.62
CA PRO C 536 13.00 26.35 13.89
C PRO C 536 11.54 26.24 13.50
N GLN C 537 10.89 27.42 13.34
CA GLN C 537 9.50 27.54 12.90
C GLN C 537 9.46 27.72 11.38
N ASP C 538 10.61 28.12 10.80
CA ASP C 538 10.80 28.41 9.38
C ASP C 538 11.53 27.28 8.62
N GLY C 539 11.04 26.95 7.42
CA GLY C 539 11.67 26.03 6.49
C GLY C 539 11.26 24.57 6.50
N TYR C 540 12.10 23.75 5.82
CA TYR C 540 11.95 22.30 5.69
C TYR C 540 11.59 21.65 7.02
N LEU C 541 10.51 20.82 7.00
CA LEU C 541 9.98 20.04 8.14
C LEU C 541 9.67 20.93 9.38
N ALA C 542 9.46 22.24 9.12
CA ALA C 542 9.08 23.25 10.11
C ALA C 542 7.78 23.87 9.64
N ASP C 543 7.82 24.80 8.65
CA ASP C 543 6.59 25.37 8.09
C ASP C 543 6.24 24.68 6.74
N GLY C 544 7.12 23.81 6.23
CA GLY C 544 6.84 23.09 4.99
C GLY C 544 7.27 23.76 3.70
N SER C 545 7.97 24.91 3.81
CA SER C 545 8.51 25.68 2.69
C SER C 545 9.84 25.02 2.25
N ASP C 546 10.15 25.07 0.95
CA ASP C 546 11.32 24.39 0.36
C ASP C 546 12.61 25.15 0.61
N LEU C 547 12.86 25.54 1.86
CA LEU C 547 14.05 26.30 2.23
C LEU C 547 14.68 25.79 3.48
N PRO C 548 16.03 25.86 3.61
CA PRO C 548 16.66 25.45 4.88
C PRO C 548 16.29 26.45 5.98
N PRO C 549 16.33 26.10 7.28
CA PRO C 549 16.05 27.13 8.29
C PRO C 549 17.17 28.17 8.31
N ILE C 550 16.87 29.41 8.69
CA ILE C 550 17.88 30.45 8.79
C ILE C 550 18.82 30.05 9.95
N ARG C 551 18.21 29.62 11.08
CA ARG C 551 18.92 29.13 12.25
C ARG C 551 18.44 27.71 12.60
N PRO C 552 19.21 26.66 12.20
CA PRO C 552 18.85 25.27 12.57
C PRO C 552 18.78 25.05 14.09
N GLY C 553 17.96 24.09 14.49
CA GLY C 553 17.83 23.73 15.88
C GLY C 553 18.99 22.85 16.34
N LYS C 554 19.08 22.66 17.66
CA LYS C 554 20.09 21.81 18.31
C LYS C 554 19.91 20.35 17.89
N ALA C 555 20.99 19.68 17.45
CA ALA C 555 20.92 18.25 17.12
C ALA C 555 21.26 17.42 18.34
N VAL C 556 20.63 16.23 18.47
CA VAL C 556 20.96 15.23 19.49
C VAL C 556 22.01 14.39 18.78
N GLU C 557 23.30 14.66 19.05
CA GLU C 557 24.42 14.06 18.33
C GLU C 557 24.76 12.66 18.85
N LEU C 558 23.83 11.72 18.64
CA LEU C 558 23.94 10.33 19.08
C LEU C 558 25.05 9.60 18.37
N ASP C 559 25.30 9.99 17.09
CA ASP C 559 26.20 9.32 16.15
C ASP C 559 25.79 7.84 16.08
N LEU C 560 24.46 7.60 16.06
CA LEU C 560 23.90 6.26 16.00
C LEU C 560 24.11 5.75 14.59
N LEU C 561 25.16 4.93 14.40
CA LEU C 561 25.55 4.38 13.10
C LEU C 561 25.76 5.54 12.09
N GLY C 562 26.32 6.66 12.58
CA GLY C 562 26.60 7.85 11.78
C GLY C 562 25.48 8.88 11.69
N TRP C 563 24.39 8.73 12.45
CA TRP C 563 23.27 9.65 12.39
C TRP C 563 23.04 10.41 13.68
N SER C 564 22.67 11.71 13.53
CA SER C 564 22.22 12.61 14.60
C SER C 564 20.70 12.77 14.46
N ALA C 565 20.04 13.24 15.50
CA ALA C 565 18.60 13.44 15.51
C ALA C 565 18.27 14.92 15.59
N ILE C 566 17.39 15.39 14.70
CA ILE C 566 16.87 16.75 14.63
C ILE C 566 15.34 16.72 14.85
N TYR C 567 14.80 17.65 15.67
CA TYR C 567 13.36 17.71 15.91
C TYR C 567 12.66 18.49 14.81
N SER C 568 11.60 17.87 14.25
CA SER C 568 10.75 18.45 13.22
C SER C 568 9.44 18.93 13.83
N ARG C 569 9.13 20.24 13.71
CA ARG C 569 7.86 20.80 14.19
C ARG C 569 6.69 20.35 13.32
N GLN C 570 6.91 20.23 11.99
CA GLN C 570 5.85 19.84 11.04
C GLN C 570 5.39 18.42 11.29
N MET C 571 6.33 17.50 11.51
CA MET C 571 6.03 16.08 11.68
C MET C 571 5.88 15.68 13.14
N GLU C 572 6.32 16.55 14.08
CA GLU C 572 6.27 16.37 15.54
C GLU C 572 7.01 15.11 15.95
N MET C 573 8.22 14.99 15.41
CA MET C 573 9.08 13.85 15.66
C MET C 573 10.52 14.20 15.35
N PHE C 574 11.41 13.34 15.83
CA PHE C 574 12.83 13.40 15.52
C PHE C 574 13.07 12.71 14.20
N VAL C 575 13.93 13.32 13.39
CA VAL C 575 14.30 12.83 12.06
C VAL C 575 15.83 12.73 11.99
N PRO C 576 16.42 11.84 11.16
CA PRO C 576 17.88 11.76 11.14
C PRO C 576 18.52 12.81 10.24
N VAL C 577 19.74 13.20 10.61
CA VAL C 577 20.64 14.01 9.80
C VAL C 577 22.00 13.34 9.94
N LEU C 578 22.73 13.19 8.82
CA LEU C 578 24.06 12.58 8.85
C LEU C 578 24.94 13.38 9.81
N GLU C 579 25.70 12.68 10.66
CA GLU C 579 26.60 13.34 11.61
C GLU C 579 27.44 14.37 10.86
N ASN C 580 27.55 15.59 11.40
CA ASN C 580 28.19 16.75 10.78
C ASN C 580 29.58 16.45 10.15
N GLU C 581 30.49 15.78 10.87
CA GLU C 581 31.84 15.47 10.39
C GLU C 581 31.80 14.62 9.10
N ARG C 582 30.91 13.62 9.04
CA ARG C 582 30.70 12.76 7.87
C ARG C 582 30.11 13.58 6.71
N LEU C 583 29.15 14.45 7.00
CA LEU C 583 28.51 15.31 6.00
C LEU C 583 29.53 16.23 5.33
N ILE C 584 30.37 16.88 6.13
CA ILE C 584 31.39 17.80 5.65
C ILE C 584 32.45 17.04 4.82
N ALA C 585 32.97 15.90 5.33
CA ALA C 585 33.97 15.10 4.63
C ALA C 585 33.46 14.68 3.25
N SER C 586 32.20 14.25 3.18
CA SER C 586 31.54 13.80 1.95
C SER C 586 31.32 14.99 0.97
N ALA C 587 30.97 16.19 1.48
CA ALA C 587 30.83 17.39 0.67
C ALA C 587 32.20 17.83 0.09
N ALA C 588 33.28 17.76 0.92
CA ALA C 588 34.64 18.14 0.54
C ALA C 588 35.25 17.17 -0.47
N TYR C 589 35.10 15.85 -0.20
CA TYR C 589 35.66 14.79 -1.05
C TYR C 589 34.58 13.80 -1.49
N PRO C 590 33.77 14.13 -2.52
CA PRO C 590 32.74 13.16 -2.96
C PRO C 590 33.37 11.94 -3.61
N LYS C 591 32.73 10.76 -3.41
CA LYS C 591 33.14 9.55 -4.11
C LYS C 591 32.58 9.69 -5.51
N GLY C 592 33.36 9.33 -6.52
CA GLY C 592 32.90 9.37 -7.91
C GLY C 592 32.22 8.07 -8.28
N LEU C 593 32.00 7.86 -9.59
CA LEU C 593 31.43 6.60 -10.12
C LEU C 593 32.53 5.53 -10.10
N GLU C 594 32.52 4.64 -9.08
CA GLU C 594 33.55 3.60 -8.96
C GLU C 594 33.04 2.28 -9.55
N ASN C 595 32.57 2.37 -10.81
CA ASN C 595 32.02 1.29 -11.63
C ASN C 595 32.28 1.63 -13.09
N LYS C 596 33.26 0.92 -13.71
CA LYS C 596 33.70 1.12 -15.09
C LYS C 596 32.55 1.00 -16.10
N ALA C 597 31.69 -0.03 -15.94
CA ALA C 597 30.56 -0.33 -16.80
C ALA C 597 29.54 0.82 -16.87
N LEU C 598 29.09 1.30 -15.69
CA LEU C 598 28.12 2.40 -15.59
C LEU C 598 28.74 3.71 -16.08
N ALA C 599 30.03 3.95 -15.75
CA ALA C 599 30.76 5.15 -16.17
C ALA C 599 30.85 5.26 -17.70
N ARG C 600 30.95 4.09 -18.39
CA ARG C 600 31.03 3.97 -19.85
C ARG C 600 29.74 4.43 -20.55
N LYS C 601 28.56 4.17 -19.93
CA LYS C 601 27.22 4.51 -20.46
C LYS C 601 27.04 6.03 -20.68
N PRO C 602 26.39 6.47 -21.77
CA PRO C 602 26.23 7.92 -22.00
C PRO C 602 25.18 8.56 -21.08
N ALA C 604 25.29 9.53 -18.01
CA ALA C 604 25.51 8.83 -16.75
C ALA C 604 26.43 9.65 -15.84
N GLU C 605 27.58 10.12 -16.37
CA GLU C 605 28.52 10.96 -15.64
C GLU C 605 27.86 12.29 -15.25
N ILE C 606 26.98 12.80 -16.11
CA ILE C 606 26.25 14.04 -15.83
C ILE C 606 25.07 13.74 -14.88
N ALA C 607 24.55 12.49 -14.90
CA ALA C 607 23.49 12.06 -14.00
C ALA C 607 24.07 11.91 -12.58
N TYR C 608 25.31 11.36 -12.47
CA TYR C 608 26.04 11.19 -11.20
C TYR C 608 26.22 12.56 -10.51
N GLN C 609 26.51 13.61 -11.30
CA GLN C 609 26.70 14.98 -10.83
C GLN C 609 25.44 15.49 -10.10
N ILE C 610 24.25 15.22 -10.67
CA ILE C 610 22.98 15.59 -10.06
C ILE C 610 22.77 14.75 -8.79
N VAL C 611 23.01 13.43 -8.86
CA VAL C 611 22.87 12.48 -7.74
C VAL C 611 23.70 12.95 -6.53
N ARG C 612 24.99 13.28 -6.75
CA ARG C 612 25.93 13.74 -5.71
C ARG C 612 25.34 14.89 -4.88
N TYR C 613 24.82 15.93 -5.55
CA TYR C 613 24.28 17.11 -4.89
C TYR C 613 22.90 16.85 -4.27
N GLU C 614 22.05 15.97 -4.88
CA GLU C 614 20.75 15.63 -4.31
C GLU C 614 20.91 14.77 -3.07
N ALA C 615 21.81 13.76 -3.10
CA ALA C 615 22.05 12.84 -1.98
C ALA C 615 22.63 13.57 -0.78
N ILE C 616 23.60 14.51 -0.98
CA ILE C 616 24.18 15.27 0.14
C ILE C 616 23.06 16.13 0.83
N ARG C 617 22.08 16.61 0.04
CA ARG C 617 20.94 17.34 0.57
C ARG C 617 19.99 16.41 1.36
N LEU C 618 19.65 15.25 0.79
CA LEU C 618 18.75 14.25 1.38
C LEU C 618 19.18 13.72 2.75
N VAL C 619 20.46 13.34 2.90
CA VAL C 619 20.92 12.74 4.17
C VAL C 619 21.13 13.78 5.30
N GLY C 620 21.04 15.07 5.01
CA GLY C 620 21.23 16.05 6.07
C GLY C 620 21.62 17.45 5.65
N GLY C 621 22.16 17.57 4.44
CA GLY C 621 22.54 18.86 3.87
C GLY C 621 21.39 19.85 3.82
N TRP C 622 20.12 19.35 3.69
CA TRP C 622 18.92 20.19 3.64
C TRP C 622 18.81 21.08 4.88
N ASN C 623 19.34 20.61 6.04
CA ASN C 623 19.26 21.32 7.31
C ASN C 623 20.47 22.23 7.58
N ASN C 624 21.41 22.30 6.63
CA ASN C 624 22.56 23.20 6.70
C ASN C 624 22.28 24.34 5.70
N PRO C 625 21.89 25.56 6.15
CA PRO C 625 21.50 26.61 5.19
C PRO C 625 22.53 26.92 4.09
N LEU C 626 23.82 27.06 4.43
CA LEU C 626 24.78 27.36 3.37
C LEU C 626 24.96 26.18 2.36
N LEU C 627 25.11 24.94 2.86
CA LEU C 627 25.28 23.75 2.01
C LEU C 627 24.02 23.45 1.18
N GLU C 628 22.83 23.58 1.77
CA GLU C 628 21.58 23.37 1.05
C GLU C 628 21.45 24.35 -0.14
N THR C 629 21.79 25.64 0.07
CA THR C 629 21.68 26.71 -0.94
C THR C 629 22.64 26.44 -2.10
N ALA C 630 23.90 26.08 -1.81
CA ALA C 630 24.88 25.80 -2.87
C ALA C 630 24.55 24.51 -3.62
N ALA C 631 24.17 23.43 -2.91
CA ALA C 631 23.88 22.16 -3.58
C ALA C 631 22.57 22.24 -4.35
N LYS C 632 21.53 22.96 -3.82
CA LYS C 632 20.28 23.12 -4.57
C LYS C 632 20.58 23.81 -5.89
N HIS C 633 21.37 24.91 -5.84
CA HIS C 633 21.78 25.67 -7.02
C HIS C 633 22.52 24.79 -8.05
N MET C 634 23.48 24.00 -7.60
CA MET C 634 24.31 23.16 -8.47
C MET C 634 23.53 22.02 -9.13
N SER C 635 22.62 21.37 -8.41
CA SER C 635 21.80 20.29 -8.98
C SER C 635 20.82 20.87 -10.04
N LEU C 636 20.14 22.00 -9.72
CA LEU C 636 19.20 22.68 -10.63
C LEU C 636 19.93 23.20 -11.87
N ASP C 637 21.19 23.62 -11.72
CA ASP C 637 21.99 24.11 -12.83
C ASP C 637 22.33 22.98 -13.81
N LYS C 638 22.81 21.84 -13.28
CA LYS C 638 23.16 20.67 -14.10
C LYS C 638 21.90 20.08 -14.80
N ARG C 639 20.74 20.07 -14.11
CA ARG C 639 19.45 19.61 -14.65
C ARG C 639 19.00 20.49 -15.84
N LYS C 640 19.19 21.82 -15.72
CA LYS C 640 18.86 22.81 -16.75
C LYS C 640 19.78 22.65 -17.95
N ARG C 641 21.07 22.33 -17.71
CA ARG C 641 22.08 22.07 -18.73
C ARG C 641 21.70 20.85 -19.57
N LEU C 642 21.18 19.80 -18.90
CA LEU C 642 20.74 18.56 -19.55
C LEU C 642 19.49 18.75 -20.39
N GLU C 643 18.56 19.60 -19.91
CA GLU C 643 17.31 19.94 -20.59
C GLU C 643 17.62 20.60 -21.95
N VAL C 644 18.62 21.50 -21.98
CA VAL C 644 19.09 22.24 -23.16
C VAL C 644 19.77 21.27 -24.14
N LYS C 645 20.62 20.36 -23.62
CA LYS C 645 21.36 19.38 -24.41
C LYS C 645 20.48 18.22 -24.91
N GLY C 646 19.30 18.05 -24.31
CA GLY C 646 18.32 17.03 -24.69
C GLY C 646 18.78 15.60 -24.46
N ILE C 647 19.42 15.33 -23.30
CA ILE C 647 19.89 13.97 -22.96
C ILE C 647 19.02 13.46 -21.81
N ASP C 648 18.44 12.26 -21.99
CA ASP C 648 17.54 11.63 -21.02
C ASP C 648 18.32 10.74 -20.05
N VAL C 649 18.31 11.13 -18.76
CA VAL C 649 19.01 10.44 -17.67
C VAL C 649 18.02 9.93 -16.60
N THR C 650 16.69 9.98 -16.91
CA THR C 650 15.59 9.56 -16.04
C THR C 650 15.86 8.17 -15.41
N GLY C 651 16.32 7.21 -16.22
CA GLY C 651 16.66 5.86 -15.79
C GLY C 651 17.73 5.83 -14.71
N PHE C 652 18.79 6.65 -14.91
CA PHE C 652 19.90 6.79 -13.97
C PHE C 652 19.43 7.48 -12.68
N LEU C 653 18.60 8.54 -12.79
CA LEU C 653 18.08 9.28 -11.62
C LEU C 653 17.05 8.44 -10.84
N ASP C 654 16.36 7.49 -11.53
CA ASP C 654 15.42 6.55 -10.92
C ASP C 654 16.21 5.50 -10.14
N ASP C 655 17.27 4.94 -10.77
CA ASP C 655 18.16 3.92 -10.19
C ASP C 655 19.48 4.56 -9.74
N TRP C 656 19.37 5.68 -9.00
CA TRP C 656 20.50 6.47 -8.51
C TRP C 656 21.34 5.76 -7.44
N ASN C 657 20.72 4.90 -6.62
CA ASN C 657 21.30 4.22 -5.45
C ASN C 657 22.65 3.57 -5.70
N ASN C 658 22.88 3.02 -6.89
CA ASN C 658 24.14 2.36 -7.26
C ASN C 658 25.25 3.40 -7.58
N MET C 659 24.87 4.68 -7.83
CA MET C 659 25.80 5.78 -8.15
C MET C 659 26.30 6.54 -6.92
N SER C 660 25.63 6.38 -5.76
CA SER C 660 25.89 7.15 -4.55
C SER C 660 26.31 6.29 -3.33
N GLU C 661 27.19 6.84 -2.49
CA GLU C 661 27.61 6.20 -1.25
C GLU C 661 26.45 6.16 -0.24
N PHE C 662 25.41 7.00 -0.44
CA PHE C 662 24.22 7.10 0.40
C PHE C 662 23.05 6.35 -0.23
N GLY C 663 23.34 5.55 -1.26
CA GLY C 663 22.36 4.76 -1.99
C GLY C 663 21.63 3.73 -1.13
N GLY C 664 22.40 3.00 -0.33
CA GLY C 664 21.91 1.96 0.57
C GLY C 664 20.99 2.44 1.68
N ASP C 665 21.01 3.75 1.92
CA ASP C 665 20.26 4.43 2.97
C ASP C 665 18.86 4.85 2.51
N LEU C 666 18.62 5.06 1.20
CA LEU C 666 17.32 5.54 0.69
C LEU C 666 16.86 4.77 -0.58
N GLU C 667 16.66 3.45 -0.45
CA GLU C 667 16.40 2.50 -1.54
C GLU C 667 15.10 2.65 -2.42
N GLY C 668 14.00 3.20 -1.88
CA GLY C 668 12.75 3.32 -2.65
C GLY C 668 12.38 4.69 -3.17
N ILE C 669 13.32 5.64 -3.22
CA ILE C 669 13.02 6.98 -3.72
C ILE C 669 13.72 7.22 -5.07
N THR C 670 13.19 8.16 -5.86
CA THR C 670 13.73 8.53 -7.17
C THR C 670 14.20 9.98 -7.15
N LEU C 671 15.29 10.27 -7.87
CA LEU C 671 15.87 11.62 -7.95
C LEU C 671 15.61 12.29 -9.31
N SER C 672 14.65 11.74 -10.11
CA SER C 672 14.29 12.28 -11.42
C SER C 672 13.69 13.68 -11.30
N GLU C 673 12.95 13.94 -10.21
CA GLU C 673 12.39 15.27 -9.93
C GLU C 673 13.19 15.90 -8.80
N PRO C 674 13.41 17.25 -8.81
CA PRO C 674 14.19 17.89 -7.73
C PRO C 674 13.57 17.71 -6.35
N LEU C 675 14.42 17.71 -5.34
CA LEU C 675 14.07 17.56 -3.93
C LEU C 675 13.19 18.72 -3.47
N THR C 676 12.13 18.41 -2.74
CA THR C 676 11.23 19.41 -2.14
C THR C 676 10.96 19.02 -0.68
N ASN C 677 10.17 19.83 0.06
CA ASN C 677 9.83 19.48 1.44
C ASN C 677 9.07 18.15 1.51
N GLN C 678 8.23 17.83 0.49
CA GLN C 678 7.47 16.57 0.45
C GLN C 678 8.40 15.35 0.41
N THR C 679 9.58 15.46 -0.25
CA THR C 679 10.59 14.38 -0.30
C THR C 679 11.08 14.06 1.12
N LEU C 680 11.29 15.11 1.92
CA LEU C 680 11.79 15.00 3.27
C LEU C 680 10.72 14.42 4.19
N VAL C 681 9.45 14.80 3.96
CA VAL C 681 8.31 14.24 4.70
C VAL C 681 8.21 12.73 4.40
N ASP C 682 8.25 12.35 3.10
CA ASP C 682 8.13 10.95 2.64
C ASP C 682 9.24 10.03 3.18
N ILE C 683 10.51 10.46 3.17
CA ILE C 683 11.62 9.62 3.66
C ILE C 683 11.53 9.41 5.20
N ASN C 684 10.74 10.25 5.89
CA ASN C 684 10.58 10.17 7.33
C ASN C 684 9.21 9.66 7.77
N THR C 685 8.35 9.31 6.81
CA THR C 685 7.00 8.86 7.12
C THR C 685 7.01 7.40 7.60
N PRO C 686 6.53 7.16 8.85
CA PRO C 686 6.46 5.78 9.34
C PRO C 686 5.27 5.04 8.75
N LEU C 687 5.44 3.72 8.54
CA LEU C 687 4.34 2.88 8.02
C LEU C 687 3.28 2.66 9.09
N ASP C 688 3.71 2.55 10.35
CA ASP C 688 2.88 2.31 11.52
C ASP C 688 3.27 3.22 12.69
N SER C 689 2.33 3.42 13.64
CA SER C 689 2.56 4.16 14.87
C SER C 689 3.42 3.30 15.80
N PHE C 690 4.20 3.92 16.69
CA PHE C 690 5.07 3.14 17.55
C PHE C 690 4.66 3.14 19.01
N ASP C 691 4.54 1.92 19.55
CA ASP C 691 4.28 1.63 20.96
C ASP C 691 5.41 0.67 21.37
N PRO C 692 6.41 1.15 22.17
CA PRO C 692 7.54 0.26 22.55
C PRO C 692 7.12 -1.02 23.29
N LYS C 693 6.04 -0.94 24.10
CA LYS C 693 5.51 -2.07 24.86
C LYS C 693 4.89 -3.14 23.93
N ALA C 694 4.48 -2.72 22.71
CA ALA C 694 3.85 -3.60 21.72
C ALA C 694 4.87 -4.38 20.88
N ARG C 695 6.19 -4.08 21.02
CA ARG C 695 7.27 -4.79 20.32
C ARG C 695 7.28 -6.26 20.72
N PRO C 696 7.27 -7.22 19.76
CA PRO C 696 7.33 -8.63 20.15
C PRO C 696 8.63 -8.96 20.86
N GLN C 697 8.59 -9.97 21.72
CA GLN C 697 9.75 -10.42 22.45
C GLN C 697 10.62 -11.26 21.50
N THR C 698 11.86 -11.62 21.90
CA THR C 698 12.78 -12.39 21.05
C THR C 698 12.21 -13.80 20.73
N PRO C 699 12.59 -14.42 19.58
CA PRO C 699 12.07 -15.78 19.27
C PRO C 699 12.45 -16.83 20.32
N ARG C 700 13.68 -16.76 20.88
CA ARG C 700 14.11 -17.72 21.92
C ARG C 700 14.20 -16.98 23.26
N SER C 701 13.86 -17.69 24.37
CA SER C 701 13.80 -17.17 25.75
C SER C 701 13.11 -15.79 25.74
N PRO C 702 11.84 -15.71 25.24
CA PRO C 702 11.17 -14.41 25.10
C PRO C 702 10.99 -13.60 26.39
N LYS C 703 10.64 -14.28 27.49
CA LYS C 703 10.37 -13.63 28.77
C LYS C 703 11.65 -13.20 29.50
N LYS C 704 12.80 -13.73 29.10
CA LYS C 704 14.08 -13.42 29.74
C LYS C 704 14.72 -12.16 29.16
N THR C 705 15.27 -11.31 30.03
CA THR C 705 16.02 -10.11 29.64
C THR C 705 17.50 -10.50 29.58
N LEU C 706 18.34 -9.68 28.95
CA LEU C 706 19.79 -9.90 28.87
C LEU C 706 20.40 -10.02 30.29
N ASP C 707 19.89 -9.20 31.22
CA ASP C 707 20.30 -9.14 32.63
C ASP C 707 20.02 -10.47 33.36
N GLU C 708 18.83 -11.06 33.14
CA GLU C 708 18.46 -12.34 33.76
C GLU C 708 19.33 -13.47 33.22
N VAL C 709 19.69 -13.41 31.93
CA VAL C 709 20.55 -14.40 31.27
C VAL C 709 21.97 -14.30 31.86
N THR C 710 22.48 -13.07 32.08
CA THR C 710 23.82 -12.82 32.63
C THR C 710 23.91 -13.34 34.08
N THR C 711 22.86 -13.12 34.89
CA THR C 711 22.84 -13.57 36.29
C THR C 711 22.80 -15.11 36.35
N ALA C 712 22.14 -15.77 35.38
CA ALA C 712 22.08 -17.24 35.29
C ALA C 712 23.46 -17.80 34.94
N ILE C 713 24.13 -17.22 33.92
CA ILE C 713 25.47 -17.64 33.48
C ILE C 713 26.47 -17.50 34.65
N THR C 714 26.43 -16.37 35.40
CA THR C 714 27.28 -16.09 36.56
C THR C 714 27.15 -17.22 37.58
N SER C 715 25.93 -17.74 37.75
CA SER C 715 25.66 -18.83 38.69
C SER C 715 26.09 -20.21 38.13
N GLY C 716 26.50 -20.28 36.87
CA GLY C 716 26.98 -21.50 36.23
C GLY C 716 25.95 -22.25 35.39
N THR C 717 24.83 -21.60 35.06
CA THR C 717 23.75 -22.17 34.24
C THR C 717 24.12 -22.12 32.75
N TYR C 718 23.53 -23.04 31.96
CA TYR C 718 23.64 -23.20 30.50
C TYR C 718 25.05 -23.62 30.04
N LYS C 719 25.83 -24.28 30.89
CA LYS C 719 27.16 -24.76 30.52
C LYS C 719 27.06 -25.71 29.32
N ASP C 720 26.10 -26.64 29.39
CA ASP C 720 25.84 -27.62 28.32
C ASP C 720 24.41 -27.53 27.83
N PRO C 721 24.15 -27.65 26.50
CA PRO C 721 22.76 -27.63 26.02
C PRO C 721 22.00 -28.91 26.38
N LYS C 722 20.66 -28.83 26.52
CA LYS C 722 19.82 -29.98 26.83
C LYS C 722 19.71 -30.89 25.60
N SER C 723 19.53 -30.30 24.40
CA SER C 723 19.42 -31.03 23.13
C SER C 723 20.69 -31.84 22.84
N ALA C 724 20.52 -33.12 22.50
CA ALA C 724 21.61 -34.05 22.18
C ALA C 724 22.32 -33.66 20.87
N VAL C 725 21.55 -33.16 19.89
CA VAL C 725 22.05 -32.67 18.59
C VAL C 725 23.02 -31.50 18.85
N TRP C 726 22.62 -30.57 19.74
CA TRP C 726 23.42 -29.39 20.12
C TRP C 726 24.63 -29.81 20.91
N ARG C 727 24.49 -30.83 21.79
CA ARG C 727 25.58 -31.40 22.59
C ARG C 727 26.66 -31.99 21.69
N LEU C 728 26.24 -32.64 20.58
CA LEU C 728 27.15 -33.21 19.59
C LEU C 728 27.96 -32.09 18.91
N LEU C 729 27.30 -30.96 18.61
CA LEU C 729 27.91 -29.78 17.98
C LEU C 729 28.90 -29.10 18.90
N ASP C 730 28.59 -29.05 20.22
CA ASP C 730 29.50 -28.50 21.21
C ASP C 730 30.73 -29.43 21.37
N GLN C 731 30.50 -30.77 21.38
CA GLN C 731 31.59 -31.76 21.51
C GLN C 731 32.55 -31.67 20.32
N ARG C 732 31.98 -31.36 19.12
CA ARG C 732 32.67 -31.18 17.84
C ARG C 732 33.76 -30.08 17.95
N THR C 733 33.55 -29.05 18.80
CA THR C 733 34.51 -27.93 18.99
C THR C 733 35.70 -28.33 19.88
N LYS C 734 35.60 -29.45 20.59
CA LYS C 734 36.61 -29.93 21.53
C LYS C 734 37.42 -31.11 21.01
N LEU C 735 36.79 -31.92 20.14
CA LEU C 735 37.39 -33.12 19.58
C LEU C 735 38.36 -32.86 18.44
N ARG C 736 39.47 -33.62 18.41
CA ARG C 736 40.47 -33.53 17.32
C ARG C 736 39.89 -34.14 16.01
N VAL C 737 40.46 -33.76 14.87
CA VAL C 737 40.05 -34.12 13.49
C VAL C 737 40.10 -35.66 13.22
N SER C 738 40.95 -36.43 13.95
CA SER C 738 41.03 -37.89 13.74
C SER C 738 39.72 -38.62 14.15
N THR C 739 38.88 -37.99 15.00
CA THR C 739 37.61 -38.51 15.52
C THR C 739 36.40 -38.13 14.62
N LEU C 740 36.63 -37.48 13.45
CA LEU C 740 35.54 -36.97 12.59
C LEU C 740 34.63 -38.06 12.01
N ARG C 741 35.17 -39.23 11.61
CA ARG C 741 34.38 -40.35 11.06
C ARG C 741 33.37 -40.87 12.11
N ASP C 742 33.78 -40.98 13.39
CA ASP C 742 32.93 -41.41 14.53
C ASP C 742 31.92 -40.31 14.87
N GLN C 743 32.35 -39.03 14.79
CA GLN C 743 31.49 -37.87 15.00
C GLN C 743 30.37 -37.82 13.94
N ALA C 744 30.68 -38.19 12.66
CA ALA C 744 29.70 -38.25 11.56
C ALA C 744 28.70 -39.37 11.82
N LEU C 745 29.19 -40.52 12.32
CA LEU C 745 28.35 -41.68 12.65
C LEU C 745 27.36 -41.35 13.79
N ALA C 746 27.79 -40.48 14.73
CA ALA C 746 26.96 -40.06 15.86
C ALA C 746 25.87 -39.07 15.43
N LEU C 747 26.12 -38.29 14.35
CA LEU C 747 25.19 -37.28 13.84
C LEU C 747 24.28 -37.85 12.72
N LYS C 748 24.72 -38.93 12.03
CA LYS C 748 24.02 -39.57 10.90
C LYS C 748 22.53 -39.89 11.21
N PRO C 749 22.12 -40.49 12.36
CA PRO C 749 20.67 -40.75 12.58
C PRO C 749 19.80 -39.46 12.57
N ALA C 750 20.25 -38.40 13.27
CA ALA C 750 19.53 -37.12 13.34
C ALA C 750 19.55 -36.34 12.02
N SER C 751 20.67 -36.39 11.25
CA SER C 751 20.73 -35.65 9.98
C SER C 751 19.94 -36.38 8.88
N SER C 752 19.75 -37.72 9.02
CA SER C 752 18.96 -38.56 8.11
C SER C 752 17.50 -38.62 8.54
N SER C 753 17.19 -38.15 9.78
CA SER C 753 15.87 -38.17 10.42
C SER C 753 15.27 -39.61 10.45
N VAL C 754 16.12 -40.62 10.77
CA VAL C 754 15.69 -42.03 10.86
C VAL C 754 14.69 -42.20 12.01
N ASP C 755 13.92 -43.31 11.97
CA ASP C 755 12.97 -43.66 13.03
C ASP C 755 13.71 -43.68 14.37
N ASN C 756 13.18 -42.94 15.37
CA ASN C 756 13.70 -42.81 16.75
C ASN C 756 15.10 -42.15 16.74
N TRP C 757 15.31 -41.14 15.87
CA TRP C 757 16.59 -40.43 15.78
C TRP C 757 16.95 -39.74 17.12
N ALA C 758 15.94 -39.15 17.80
CA ALA C 758 16.05 -38.40 19.05
C ALA C 758 16.77 -39.20 20.10
N GLU C 759 16.31 -40.45 20.33
CA GLU C 759 16.88 -41.35 21.32
C GLU C 759 18.26 -41.89 20.89
N ALA C 760 18.44 -42.23 19.59
CA ALA C 760 19.72 -42.70 19.07
C ALA C 760 20.80 -41.60 19.17
N THR C 761 20.37 -40.32 19.09
CA THR C 761 21.28 -39.16 19.23
C THR C 761 21.65 -38.96 20.73
N GLU C 762 20.69 -39.19 21.65
CA GLU C 762 20.84 -39.13 23.12
C GLU C 762 21.90 -40.14 23.58
N GLU C 763 21.85 -41.36 23.01
CA GLU C 763 22.79 -42.44 23.29
C GLU C 763 24.20 -42.11 22.76
N LEU C 764 24.27 -41.67 21.49
CA LEU C 764 25.54 -41.39 20.82
C LEU C 764 26.26 -40.19 21.48
N ALA C 765 25.52 -39.16 21.93
CA ALA C 765 26.06 -37.98 22.63
C ALA C 765 26.63 -38.34 24.01
N GLN C 766 25.97 -39.26 24.72
CA GLN C 766 26.38 -39.76 26.04
C GLN C 766 27.64 -40.61 25.90
N GLN C 767 27.69 -41.45 24.84
CA GLN C 767 28.81 -42.32 24.49
C GLN C 767 30.05 -41.45 24.17
N GLN C 768 29.86 -40.39 23.35
CA GLN C 768 30.92 -39.49 22.93
C GLN C 768 31.44 -38.64 24.11
N GLN C 769 30.56 -38.26 25.04
CA GLN C 769 30.93 -37.51 26.25
C GLN C 769 31.91 -38.33 27.12
N LEU C 770 31.70 -39.66 27.19
CA LEU C 770 32.55 -40.57 27.97
C LEU C 770 33.96 -40.68 27.40
N LEU C 771 34.10 -40.86 26.05
CA LEU C 771 35.41 -40.98 25.41
C LEU C 771 36.21 -39.67 25.47
N MET C 772 35.55 -38.56 25.87
CA MET C 772 36.16 -37.25 26.01
C MET C 772 36.91 -37.07 27.34
N LYS C 773 36.98 -38.13 28.14
CA LYS C 773 37.78 -38.15 29.36
C LYS C 773 39.27 -38.37 28.95
N ALA C 774 39.50 -38.85 27.68
CA ALA C 774 40.81 -39.03 27.09
C ALA C 774 41.27 -37.67 26.51
N ASN C 775 42.21 -36.98 27.21
CA ASN C 775 42.67 -35.65 26.80
C ASN C 775 43.44 -35.67 25.49
N ASN C 776 43.99 -36.85 25.13
CA ASN C 776 44.67 -37.08 23.86
C ASN C 776 43.70 -36.96 22.67
N LEU C 777 42.37 -37.08 22.91
CA LEU C 777 41.35 -36.94 21.86
C LEU C 777 40.89 -35.48 21.72
N LEU C 778 41.34 -34.62 22.65
CA LEU C 778 40.94 -33.21 22.67
C LEU C 778 42.09 -32.33 22.22
N LYS C 779 41.91 -31.74 21.07
CA LYS C 779 42.88 -30.90 20.40
C LYS C 779 42.06 -30.01 19.51
N SER C 780 42.38 -28.71 19.49
CA SER C 780 41.61 -27.76 18.66
C SER C 780 41.74 -28.09 17.16
N SER C 781 40.61 -28.39 16.50
CA SER C 781 40.53 -28.65 15.05
C SER C 781 40.81 -27.35 14.28
N LEU C 782 40.58 -26.19 14.95
CA LEU C 782 40.88 -24.88 14.38
C LEU C 782 42.41 -24.71 14.23
N THR C 783 43.19 -25.18 15.23
CA THR C 783 44.65 -25.20 15.19
C THR C 783 45.10 -26.21 14.11
N GLU C 784 44.48 -27.41 14.04
CA GLU C 784 44.78 -28.42 13.01
C GLU C 784 44.55 -27.83 11.60
N THR C 785 43.44 -27.11 11.38
CA THR C 785 43.13 -26.44 10.11
C THR C 785 44.26 -25.44 9.75
N ARG C 786 44.65 -24.58 10.71
CA ARG C 786 45.70 -23.58 10.53
C ARG C 786 47.04 -24.25 10.15
N GLU C 787 47.43 -25.34 10.81
CA GLU C 787 48.64 -26.14 10.53
C GLU C 787 48.67 -26.57 9.08
N ALA C 788 47.57 -27.18 8.61
CA ALA C 788 47.43 -27.73 7.26
C ALA C 788 47.43 -26.60 6.22
N LEU C 789 46.84 -25.45 6.55
CA LEU C 789 46.83 -24.29 5.67
C LEU C 789 48.23 -23.74 5.48
N GLU C 790 49.07 -23.80 6.50
CA GLU C 790 50.40 -23.22 6.41
C GLU C 790 51.49 -24.23 5.99
N THR C 791 51.11 -25.50 5.70
CA THR C 791 52.03 -26.59 5.31
C THR C 791 52.66 -26.30 3.92
N ILE C 792 53.97 -26.59 3.78
CA ILE C 792 54.78 -26.40 2.56
C ILE C 792 55.16 -27.77 1.95
N SER D 231 9.55 -4.90 1.06
CA SER D 231 9.42 -6.35 1.00
C SER D 231 8.51 -6.81 -0.17
N ARG D 232 7.36 -6.12 -0.40
CA ARG D 232 6.44 -6.41 -1.50
C ARG D 232 6.98 -5.87 -2.83
N PHE D 233 6.94 -6.71 -3.89
CA PHE D 233 7.40 -6.29 -5.20
C PHE D 233 6.49 -5.18 -5.78
N THR D 234 7.10 -4.03 -6.06
CA THR D 234 6.47 -2.84 -6.64
C THR D 234 7.42 -2.38 -7.76
N PRO D 235 7.11 -2.64 -9.05
CA PRO D 235 8.04 -2.23 -10.12
C PRO D 235 8.28 -0.72 -10.23
N SER D 236 7.42 0.11 -9.60
CA SER D 236 7.51 1.58 -9.57
C SER D 236 6.50 2.20 -8.57
N GLY D 237 6.30 3.51 -8.66
CA GLY D 237 5.34 4.24 -7.84
C GLY D 237 3.97 4.25 -8.50
N ASP D 238 3.04 5.09 -7.97
CA ASP D 238 1.68 5.24 -8.52
C ASP D 238 1.69 5.69 -9.99
N ASP D 239 2.76 6.42 -10.41
CA ASP D 239 2.99 6.94 -11.76
C ASP D 239 3.08 5.80 -12.79
N GLY D 240 3.75 4.70 -12.42
CA GLY D 240 3.92 3.52 -13.26
C GLY D 240 2.74 2.57 -13.25
N GLU D 241 1.77 2.78 -12.33
CA GLU D 241 0.56 1.94 -12.20
C GLU D 241 -0.37 2.12 -13.40
N VAL D 242 -1.09 1.04 -13.78
CA VAL D 242 -2.08 1.13 -14.87
C VAL D 242 -3.43 1.62 -14.32
N SER E 231 -17.64 65.41 10.99
CA SER E 231 -18.41 64.45 10.21
C SER E 231 -18.10 63.00 10.65
N ARG E 232 -16.80 62.64 10.87
CA ARG E 232 -16.43 61.28 11.36
C ARG E 232 -16.62 61.21 12.85
N PHE E 233 -17.25 60.12 13.35
CA PHE E 233 -17.46 59.97 14.78
C PHE E 233 -16.13 59.76 15.49
N THR E 234 -15.82 60.66 16.44
CA THR E 234 -14.62 60.63 17.27
C THR E 234 -15.09 60.85 18.72
N PRO E 235 -15.18 59.79 19.56
CA PRO E 235 -15.65 60.00 20.96
C PRO E 235 -14.70 60.87 21.78
N GLY E 240 -7.62 59.79 24.34
CA GLY E 240 -8.68 58.87 24.76
C GLY E 240 -8.70 57.54 24.04
N GLU E 241 -7.98 57.43 22.90
CA GLU E 241 -7.94 56.21 22.11
C GLU E 241 -7.12 55.09 22.80
N VAL E 242 -7.50 53.81 22.55
CA VAL E 242 -6.83 52.67 23.18
C VAL E 242 -5.44 52.41 22.53
N SER F 231 7.97 -29.44 -0.28
CA SER F 231 7.95 -27.98 -0.14
C SER F 231 9.40 -27.41 -0.06
N ARG F 232 10.31 -28.07 0.70
CA ARG F 232 11.72 -27.65 0.84
C ARG F 232 12.51 -28.09 -0.38
N PHE F 233 13.34 -27.19 -0.93
CA PHE F 233 14.18 -27.52 -2.07
C PHE F 233 15.25 -28.55 -1.67
N THR F 234 15.23 -29.71 -2.35
CA THR F 234 16.16 -30.81 -2.16
C THR F 234 16.66 -31.22 -3.56
N PRO F 235 17.88 -30.82 -3.98
CA PRO F 235 18.34 -31.19 -5.34
C PRO F 235 18.52 -32.70 -5.53
N GLY F 240 23.63 -38.13 -3.20
CA GLY F 240 23.76 -36.78 -3.76
C GLY F 240 24.32 -35.73 -2.82
N GLU F 241 24.09 -35.91 -1.50
CA GLU F 241 24.58 -35.04 -0.43
C GLU F 241 26.13 -35.04 -0.35
N VAL F 242 26.73 -33.88 0.02
CA VAL F 242 28.19 -33.83 0.17
C VAL F 242 28.58 -34.38 1.59
C1 GOL G . -5.30 -20.73 -23.63
O1 GOL G . -4.50 -19.56 -23.50
C2 GOL G . -5.41 -21.52 -22.35
O2 GOL G . -4.21 -22.29 -22.17
C3 GOL G . -6.61 -22.44 -22.44
O3 GOL G . -7.83 -21.70 -22.58
K K H . -28.77 -24.67 -17.08
K K I . -15.63 -22.70 9.28
C1 GOL J . -15.99 -32.19 7.22
O1 GOL J . -14.66 -32.56 7.58
C2 GOL J . -16.03 -30.83 6.54
O2 GOL J . -15.56 -29.83 7.46
C3 GOL J . -17.42 -30.48 6.06
O3 GOL J . -17.87 -31.33 5.01
K K K . -5.58 20.78 4.18
K K L . -10.67 44.81 -12.31
C1 GOL M . 35.28 -11.35 -1.21
O1 GOL M . 34.80 -12.55 -1.78
C2 GOL M . 34.22 -10.67 -0.37
O2 GOL M . 33.30 -9.96 -1.24
C3 GOL M . 34.88 -9.71 0.59
O3 GOL M . 35.73 -10.43 1.51
K K N . 42.76 -7.61 22.11
K K O . 13.87 -11.95 25.73
#